data_8R2I
#
_entry.id   8R2I
#
_cell.length_a   1.00
_cell.length_b   1.00
_cell.length_c   1.00
_cell.angle_alpha   90.00
_cell.angle_beta   90.00
_cell.angle_gamma   90.00
#
_symmetry.space_group_name_H-M   'P 1'
#
loop_
_entity.id
_entity.type
_entity.pdbx_description
1 polymer 'Photosystem II protein D1'
2 polymer 'Photosystem II CP47 reaction center protein'
3 polymer 'Photosystem II CP43 reaction center protein'
4 polymer 'Photosystem II D2 protein'
5 polymer 'Cytochrome b559 subunit alpha'
6 polymer 'Cytochrome b559 subunit beta'
7 polymer 'Photosystem II reaction center protein H'
8 polymer 'Photosystem II reaction center protein I'
9 polymer 'Photosystem II reaction center protein K'
10 polymer 'Chain U, Predicted protein'
11 polymer 'Photosystem II reaction center protein Ycf12'
12 non-polymer 'FE (II) ION'
13 non-polymer 'CHLOROPHYLL A'
14 non-polymer 'PHEOPHYTIN A'
15 non-polymer BETA-CAROTENE
16 non-polymer 'octyl beta-D-glucopyranoside'
17 non-polymer 1,2-DISTEAROYL-MONOGALACTOSYL-DIGLYCERIDE
18 non-polymer DODECYL-BETA-D-MALTOSIDE
19 non-polymer 1,2-DIPALMITOYL-PHOSPHATIDYL-GLYCEROLE
20 non-polymer 'DIGALACTOSYL DIACYL GLYCEROL (DGDG)'
21 non-polymer 'BICARBONATE ION'
22 non-polymer 2,3-DIMETHYL-5-(3,7,11,15,19,23,27,31,35-NONAMETHYL-2,6,10,14,18,22,26,30,34-HEXATRIACONTANONAENYL-2,5-CYCLOHEXADIENE-1,4-DIONE-2,3-DIMETHYL-5-SOLANESYL-1,4-BENZOQUINONE
23 non-polymer 'PROTOPORPHYRIN IX CONTAINING FE'
24 water water
#
loop_
_entity_poly.entity_id
_entity_poly.type
_entity_poly.pdbx_seq_one_letter_code
_entity_poly.pdbx_strand_id
1 'polypeptide(L)'
;SSLWARFCEWITSTENRLYIGWFGVIMIPCLLTATSVFIIAFIAAPPVDIDGIREPVSGSLLYGNNIITGAVIPTSNAIG
LHFYPIWEAASLDEWLYNGGPYQLIVCHFLLGVYCYMGREWELSFRLGMRPWIAVAYSAPVAAASAVFLVYPIGQGSFSD
GMPLGISGTFNFMIVFQAEHNILMHPFHMLGVAGVFGGSLFSAMHGSLVTSSLIRETTENESANEGYRFGQEEETYNIVA
AHGYFGRLIFQYASFNNSRSLHFFLAAWPVIGIWFTALGLSTMAFNLNGFNFNQSVVDSQGRVLNTWADIINRANLGMEV
MHERNAH
;
A
2 'polypeptide(L)'
;GLPWYRVHTVVINDPGRLISVHLMHTALVSGWAGSMALFEISVFDPSDPVLNPMWRQGMFVLPFMTRLGITQSWGGWTIS
GETATNPGIWSYEGVAAAHIILSGALFLASVWHWTYWDLELFRDPRTGKTALDLPKIFGIHLFLSGLLCFGFGAFHVTGV
FGPGIWVSDPYGLTGRVQPVAPSWGADGFDPYNPGGIASHHIAAGILGVLAGLFHLCVRPSIRLYFGLSMGSIETVLSSS
IAAVFWAAFVVAGTMWYGSAATPIELFGPTRYQWDQGFFQQEIQKRVQASLAEGASLSDAWSRIPEKLAFYDYIGNNPAK
GGLFRTGAMNSGDGIAVGWLGHASFKDQEGRELFVRRMPTFFETFPVLLLDKDGIVRADVPFRKAESKYSIEQVGVSVTF
YGGELDGLTFTDPATVKKYARKAQLGEIFEFDRSTLQSDGVFRSSPRGWFTFGHVCFALLFFFGHIWHGARTIFRDVFAG
IDDDIND
;
B
3 'polypeptide(L)'
;FAWWSGNARLINLSGKLLGAHVAHAGLIVFWAGAMNLFEVSHFVPEKPMYEQGLILLPHIATLGYGVGPGGEIIDTFPYF
VSGVLHLISSAVLGFGGVYHSLIGPETLEESYPFFGYVWKDKNKMTNILGYHLIMLGLGAWLLVWKAMYFGGVYDTWAPG
GGDVRVITNPTTNAAVIFGYLVKSPFGGDGWICSVDNMEDIIGGHIWIGTLEILGGIWHIYTTPWPWARRAFVWSGEAYL
SYSLGAIGVMGFIACCMSWFNNTAYPSEFYGPTGPEASQSQAFTFLVRDQRLGANVASAQGPTGLGKYLMRSPTGEIIFG
GETMRFWDFRGPWLEPLRGPNGLDLNKLKNDIQPWQERRAAEYMTHAPLGSLNSVGGVATEINAVNFVSPRSWLACSHFC
LGFFFFIGHLWHAGRARAAAAGF
;
C
4 'polypeptide(L)'
;IAIGTYQEKRTWFDDADDWLRQDRFVFVGWSGLLLFPCAYFALGGWLTGTTFVTSWYTHGLATSYLEGCNFLTAAVSTPA
NSMAHSLLFVWGPEAQGDFTRWCQLGGLWAFVALHGAFGLIGFMLRQFEIARSVNLRPYNAIAFSAPIAVFVSVFLIYPL
GQSGWFFAPSFGVAAIFRFILFFQGFHNWTLNPFHMMGVAGVLGAALLCAIHGATVENTLFEDGDGANTFRAFNPTQAEE
TYSMVTANRFWSQIFGVAFSNKRWLHFFMLLVPVTGLWMSAIGVVGLALNLRAYDFVSQEIRAAEDPEFETFYTKNILLN
EGIRAWMAAQDQPHERLVFPEEVLPRGNAL
;
D
5 'polypeptide(L)' ERPFSDILTSIRYWVIHSITVPALFIAGWLFVSTGLAYDVFGTPRPNEYFTEDRQEAPLITDRFNALEQVKKLSGN E
6 'polypeptide(L)' YPIFTVRWLAIHGIAVPTIFFLGAITAMQFIQR F
7 'polypeptide(L)' EPGLVTPLGTLLRPLNSEAGKVLPGWGTTVLMAVFILLFAAFLLIILEIYNSSLILDDVSMSWET H
8 'polypeptide(L)' MLTLKIFVYTVVTFFVCLFIFGFLSNDP I
9 'polypeptide(L)' KLPEAYAPFAPIVDVLPVIPVFFILLAFVWQAAVSFR K
10 'polypeptide(L)'
;FDTYTAETSAILDKVKVTLALDKDDPAKEDSVKGLRKDINNWVAKYRREPKVSGKPSFGNTYSALNALAGHFNSFGATAP
IPKKRLERLQKELDDATLLLT
;
2
11 'polypeptide(L)' MNIELALTLVSLVLVVSAGPLVVVLLSARGGN 1
#
# COMPACT_ATOMS: atom_id res chain seq x y z
N SER A 1 9.77 51.82 24.33
CA SER A 1 8.37 52.16 24.52
C SER A 1 7.76 51.35 25.67
N SER A 2 6.45 51.14 25.59
CA SER A 2 5.75 50.37 26.62
C SER A 2 6.13 48.90 26.55
N LEU A 3 5.83 48.19 27.63
CA LEU A 3 6.13 46.76 27.68
C LEU A 3 5.34 45.98 26.63
N TRP A 4 4.07 46.36 26.42
CA TRP A 4 3.26 45.67 25.42
C TRP A 4 3.84 45.85 24.03
N ALA A 5 4.28 47.05 23.68
CA ALA A 5 4.87 47.29 22.36
C ALA A 5 6.17 46.51 22.21
N ARG A 6 6.99 46.45 23.25
CA ARG A 6 8.22 45.69 23.19
C ARG A 6 7.94 44.21 22.99
N PHE A 7 6.95 43.67 23.71
CA PHE A 7 6.60 42.26 23.54
C PHE A 7 6.08 41.99 22.13
N CYS A 8 5.24 42.89 21.61
CA CYS A 8 4.70 42.71 20.26
C CYS A 8 5.80 42.73 19.22
N GLU A 9 6.74 43.68 19.33
CA GLU A 9 7.81 43.75 18.35
C GLU A 9 8.78 42.59 18.49
N TRP A 10 8.96 42.06 19.70
CA TRP A 10 9.77 40.86 19.86
C TRP A 10 9.10 39.65 19.21
N ILE A 11 7.80 39.51 19.41
CA ILE A 11 7.07 38.38 18.82
C ILE A 11 7.13 38.46 17.29
N THR A 12 6.89 39.66 16.75
CA THR A 12 6.92 39.84 15.30
C THR A 12 8.32 39.99 14.75
N SER A 13 9.35 40.02 15.60
CA SER A 13 10.71 40.22 15.14
C SER A 13 11.15 39.05 14.25
N THR A 14 11.76 39.39 13.11
CA THR A 14 12.32 38.40 12.20
C THR A 14 13.82 38.24 12.39
N GLU A 15 14.39 38.90 13.41
CA GLU A 15 15.86 38.86 13.62
C GLU A 15 16.22 37.78 14.64
N ASN A 16 15.23 37.11 15.24
CA ASN A 16 15.51 36.04 16.17
C ASN A 16 16.06 34.83 15.43
N ARG A 17 16.74 33.95 16.18
CA ARG A 17 17.24 32.72 15.59
C ARG A 17 16.09 31.84 15.12
N LEU A 18 15.01 31.78 15.91
CA LEU A 18 13.81 31.03 15.55
C LEU A 18 12.63 31.98 15.54
N TYR A 19 11.93 32.04 14.41
CA TYR A 19 10.79 32.95 14.29
C TYR A 19 9.62 32.44 15.10
N ILE A 20 9.02 33.31 15.90
CA ILE A 20 7.91 32.92 16.75
C ILE A 20 6.59 33.22 16.05
N GLY A 21 6.33 34.49 15.78
CA GLY A 21 5.09 34.88 15.13
C GLY A 21 3.86 34.70 15.99
N TRP A 22 2.77 35.37 15.60
CA TRP A 22 1.54 35.29 16.38
C TRP A 22 0.92 33.89 16.31
N PHE A 23 0.99 33.24 15.15
CA PHE A 23 0.56 31.85 15.06
C PHE A 23 1.44 30.96 15.95
N GLY A 24 2.74 31.24 15.98
CA GLY A 24 3.62 30.48 16.85
C GLY A 24 3.35 30.70 18.32
N VAL A 25 2.75 31.84 18.67
CA VAL A 25 2.36 32.09 20.06
C VAL A 25 1.41 31.00 20.54
N ILE A 26 0.47 30.59 19.69
CA ILE A 26 -0.41 29.47 20.03
C ILE A 26 0.28 28.14 19.78
N MET A 27 1.13 28.06 18.75
CA MET A 27 1.77 26.80 18.37
C MET A 27 2.64 26.25 19.49
N ILE A 28 3.51 27.09 20.05
CA ILE A 28 4.57 26.58 20.94
C ILE A 28 4.00 25.91 22.19
N PRO A 29 3.08 26.52 22.94
CA PRO A 29 2.54 25.79 24.11
C PRO A 29 1.86 24.50 23.73
N CYS A 30 1.12 24.48 22.62
CA CYS A 30 0.42 23.26 22.20
C CYS A 30 1.43 22.16 21.86
N LEU A 31 2.42 22.48 21.05
CA LEU A 31 3.41 21.48 20.64
C LEU A 31 4.23 21.00 21.83
N LEU A 32 4.62 21.92 22.72
CA LEU A 32 5.40 21.53 23.89
C LEU A 32 4.59 20.63 24.82
N THR A 33 3.30 20.97 25.04
CA THR A 33 2.45 20.13 25.86
C THR A 33 2.30 18.74 25.25
N ALA A 34 2.04 18.69 23.94
CA ALA A 34 1.88 17.40 23.27
C ALA A 34 3.16 16.58 23.35
N THR A 35 4.31 17.22 23.16
CA THR A 35 5.58 16.51 23.22
C THR A 35 5.84 15.96 24.62
N SER A 36 5.61 16.78 25.64
CA SER A 36 5.85 16.34 27.01
C SER A 36 4.93 15.18 27.38
N VAL A 37 3.64 15.30 27.06
CA VAL A 37 2.72 14.23 27.40
C VAL A 37 3.03 12.96 26.62
N PHE A 38 3.41 13.11 25.34
CA PHE A 38 3.77 11.94 24.55
C PHE A 38 4.99 11.24 25.12
N ILE A 39 6.01 11.99 25.51
CA ILE A 39 7.22 11.39 26.07
C ILE A 39 6.90 10.68 27.37
N ILE A 40 6.13 11.33 28.25
CA ILE A 40 5.81 10.72 29.54
C ILE A 40 4.98 9.46 29.35
N ALA A 41 3.97 9.51 28.49
CA ALA A 41 3.11 8.35 28.27
C ALA A 41 3.87 7.21 27.61
N PHE A 42 4.71 7.51 26.62
CA PHE A 42 5.47 6.47 25.94
C PHE A 42 6.46 5.82 26.90
N ILE A 43 7.11 6.62 27.74
CA ILE A 43 8.13 6.08 28.65
C ILE A 43 7.47 5.22 29.73
N ALA A 44 6.39 5.72 30.33
CA ALA A 44 5.75 5.02 31.44
C ALA A 44 4.30 5.44 31.52
N ALA A 45 3.39 4.51 31.21
CA ALA A 45 1.95 4.75 31.31
C ALA A 45 1.25 3.44 31.59
N PRO A 46 0.20 3.44 32.41
CA PRO A 46 -0.53 2.20 32.71
C PRO A 46 -1.22 1.66 31.47
N PRO A 47 -1.51 0.35 31.44
CA PRO A 47 -2.21 -0.22 30.28
C PRO A 47 -3.58 0.40 30.09
N VAL A 48 -3.99 0.49 28.83
CA VAL A 48 -5.23 1.13 28.42
C VAL A 48 -6.12 0.08 27.78
N ASP A 49 -7.39 0.01 28.22
CA ASP A 49 -8.37 -0.89 27.61
C ASP A 49 -9.00 -0.21 26.39
N ILE A 50 -8.32 -0.35 25.25
CA ILE A 50 -8.77 0.28 24.02
C ILE A 50 -10.12 -0.26 23.59
N ASP A 51 -10.36 -1.56 23.80
CA ASP A 51 -11.60 -2.17 23.35
C ASP A 51 -12.81 -1.82 24.22
N GLY A 52 -12.60 -1.17 25.36
CA GLY A 52 -13.66 -0.86 26.28
C GLY A 52 -13.93 -1.94 27.30
N ILE A 53 -13.76 -3.21 26.93
CA ILE A 53 -13.88 -4.32 27.86
C ILE A 53 -12.71 -4.28 28.82
N ARG A 54 -12.78 -5.07 29.90
CA ARG A 54 -11.74 -5.04 30.91
C ARG A 54 -10.54 -5.88 30.50
N GLU A 55 -10.01 -5.62 29.31
CA GLU A 55 -8.83 -6.31 28.78
C GLU A 55 -7.84 -5.27 28.28
N PRO A 56 -7.08 -4.66 29.19
CA PRO A 56 -6.16 -3.60 28.78
C PRO A 56 -4.98 -4.13 27.96
N VAL A 57 -4.44 -3.24 27.14
CA VAL A 57 -3.23 -3.50 26.36
C VAL A 57 -2.16 -2.51 26.78
N SER A 58 -0.95 -3.01 27.00
CA SER A 58 0.16 -2.17 27.46
C SER A 58 1.04 -1.81 26.26
N GLY A 59 1.08 -0.52 25.93
CA GLY A 59 1.86 -0.06 24.81
C GLY A 59 3.03 0.82 25.20
N SER A 60 3.16 1.09 26.50
CA SER A 60 4.22 1.97 27.00
C SER A 60 5.40 1.15 27.50
N LEU A 61 6.57 1.79 27.54
CA LEU A 61 7.74 1.18 28.13
C LEU A 61 7.55 1.03 29.64
N LEU A 62 8.53 0.40 30.29
CA LEU A 62 8.49 0.04 31.70
C LEU A 62 7.37 -0.94 32.00
N TYR A 63 6.71 -1.47 30.98
CA TYR A 63 5.63 -2.45 31.12
C TYR A 63 5.84 -3.60 30.15
N GLY A 64 7.10 -3.99 29.96
CA GLY A 64 7.43 -5.04 29.00
C GLY A 64 7.20 -4.60 27.57
N ASN A 65 7.99 -3.63 27.10
CA ASN A 65 7.81 -3.08 25.77
C ASN A 65 9.10 -2.37 25.36
N ASN A 66 9.33 -2.29 24.05
CA ASN A 66 10.48 -1.62 23.49
C ASN A 66 10.02 -0.50 22.55
N ILE A 67 11.00 0.15 21.91
CA ILE A 67 10.70 1.29 21.06
C ILE A 67 9.87 0.87 19.85
N ILE A 68 10.22 -0.25 19.23
CA ILE A 68 9.55 -0.66 18.00
C ILE A 68 8.09 -0.99 18.26
N THR A 69 7.83 -1.72 19.35
CA THR A 69 6.44 -2.16 19.65
C THR A 69 5.71 -1.10 20.48
N GLY A 70 6.45 -0.17 21.10
CA GLY A 70 5.81 0.79 21.98
C GLY A 70 4.88 1.72 21.23
N ALA A 71 3.87 2.21 21.95
CA ALA A 71 2.88 3.11 21.37
C ALA A 71 2.10 3.77 22.48
N VAL A 72 1.37 4.82 22.12
CA VAL A 72 0.41 5.46 23.01
C VAL A 72 -0.97 4.96 22.60
N ILE A 73 -1.61 4.19 23.46
CA ILE A 73 -2.86 3.53 23.11
C ILE A 73 -3.95 4.57 22.91
N PRO A 74 -4.78 4.45 21.88
CA PRO A 74 -5.96 5.33 21.77
C PRO A 74 -6.90 5.13 22.94
N THR A 75 -7.74 6.13 23.17
CA THR A 75 -8.62 6.12 24.34
C THR A 75 -9.61 4.96 24.26
N SER A 76 -10.23 4.66 25.40
CA SER A 76 -11.10 3.50 25.51
C SER A 76 -12.31 3.64 24.60
N ASN A 77 -12.84 2.50 24.16
CA ASN A 77 -14.03 2.49 23.33
C ASN A 77 -15.25 2.97 24.10
N ALA A 78 -15.22 2.85 25.43
CA ALA A 78 -16.33 3.33 26.24
C ALA A 78 -16.49 4.85 26.12
N ILE A 79 -15.37 5.57 26.07
CA ILE A 79 -15.42 7.02 25.92
C ILE A 79 -16.01 7.39 24.56
N GLY A 80 -15.59 6.69 23.51
CA GLY A 80 -16.09 7.02 22.18
C GLY A 80 -15.59 8.38 21.74
N LEU A 81 -16.52 9.21 21.27
CA LEU A 81 -16.20 10.57 20.84
C LEU A 81 -16.34 11.58 21.96
N HIS A 82 -16.60 11.14 23.18
CA HIS A 82 -16.77 12.06 24.30
C HIS A 82 -15.46 12.79 24.59
N PHE A 83 -15.57 14.06 24.91
CA PHE A 83 -14.41 14.83 25.33
C PHE A 83 -13.98 14.37 26.71
N TYR A 84 -12.71 13.99 26.85
CA TYR A 84 -12.21 13.36 28.07
C TYR A 84 -10.96 14.06 28.56
N PRO A 85 -11.10 15.24 29.16
CA PRO A 85 -9.97 15.89 29.82
C PRO A 85 -9.75 15.27 31.20
N ILE A 86 -8.68 15.71 31.86
CA ILE A 86 -8.31 15.14 33.16
C ILE A 86 -9.41 15.40 34.19
N TRP A 87 -9.93 16.62 34.23
CA TRP A 87 -10.87 16.98 35.27
C TRP A 87 -12.21 16.26 35.14
N GLU A 88 -12.54 15.73 33.96
CA GLU A 88 -13.77 14.97 33.81
C GLU A 88 -13.63 13.53 34.27
N ALA A 89 -12.41 13.05 34.48
CA ALA A 89 -12.22 11.70 34.98
C ALA A 89 -12.36 11.67 36.50
N ALA A 90 -12.75 10.49 37.01
CA ALA A 90 -12.91 10.34 38.45
C ALA A 90 -11.57 10.47 39.16
N SER A 91 -10.51 9.90 38.60
CA SER A 91 -9.19 9.96 39.21
C SER A 91 -8.14 9.89 38.12
N LEU A 92 -6.90 10.25 38.51
CA LEU A 92 -5.81 10.25 37.54
C LEU A 92 -5.53 8.85 37.01
N ASP A 93 -5.55 7.84 37.90
CA ASP A 93 -5.33 6.48 37.45
C ASP A 93 -6.46 6.00 36.53
N GLU A 94 -7.70 6.39 36.83
CA GLU A 94 -8.81 6.04 35.95
C GLU A 94 -8.72 6.79 34.62
N TRP A 95 -8.21 8.03 34.65
CA TRP A 95 -7.97 8.75 33.41
C TRP A 95 -6.94 8.05 32.54
N LEU A 96 -5.85 7.59 33.16
CA LEU A 96 -4.83 6.85 32.41
C LEU A 96 -5.35 5.51 31.92
N TYR A 97 -6.27 4.90 32.68
CA TYR A 97 -6.79 3.59 32.32
C TYR A 97 -7.62 3.66 31.05
N ASN A 98 -8.35 4.75 30.84
CA ASN A 98 -9.25 4.89 29.70
C ASN A 98 -8.59 5.55 28.50
N GLY A 99 -7.31 5.91 28.57
CA GLY A 99 -6.61 6.42 27.41
C GLY A 99 -6.73 7.90 27.16
N GLY A 100 -6.93 8.71 28.21
CA GLY A 100 -6.97 10.15 28.07
C GLY A 100 -5.75 10.81 27.49
N PRO A 101 -4.52 10.37 27.81
CA PRO A 101 -3.34 10.99 27.21
C PRO A 101 -3.36 11.00 25.69
N TYR A 102 -3.90 9.96 25.05
CA TYR A 102 -3.99 9.98 23.60
C TYR A 102 -4.84 11.13 23.11
N GLN A 103 -5.99 11.37 23.74
CA GLN A 103 -6.86 12.47 23.34
C GLN A 103 -6.19 13.81 23.58
N LEU A 104 -5.53 13.97 24.74
CA LEU A 104 -4.84 15.22 25.01
C LEU A 104 -3.76 15.48 23.96
N ILE A 105 -2.95 14.46 23.66
CA ILE A 105 -1.86 14.61 22.70
C ILE A 105 -2.42 14.96 21.33
N VAL A 106 -3.45 14.25 20.88
CA VAL A 106 -3.96 14.47 19.53
C VAL A 106 -4.56 15.87 19.42
N CYS A 107 -5.30 16.33 20.44
CA CYS A 107 -5.89 17.66 20.36
C CYS A 107 -4.83 18.74 20.34
N HIS A 108 -3.91 18.72 21.31
CA HIS A 108 -2.89 19.77 21.34
C HIS A 108 -1.98 19.70 20.12
N PHE A 109 -1.73 18.50 19.59
CA PHE A 109 -0.86 18.36 18.42
C PHE A 109 -1.54 18.83 17.15
N LEU A 110 -2.84 18.57 17.00
CA LEU A 110 -3.57 19.08 15.84
C LEU A 110 -3.61 20.60 15.86
N LEU A 111 -3.87 21.19 17.04
CA LEU A 111 -3.79 22.64 17.14
C LEU A 111 -2.39 23.13 16.79
N GLY A 112 -1.37 22.41 17.26
CA GLY A 112 0.00 22.81 16.97
C GLY A 112 0.33 22.80 15.49
N VAL A 113 -0.10 21.75 14.77
CA VAL A 113 0.24 21.67 13.34
C VAL A 113 -0.54 22.71 12.54
N TYR A 114 -1.80 22.95 12.91
CA TYR A 114 -2.55 24.01 12.24
C TYR A 114 -1.87 25.37 12.44
N CYS A 115 -1.44 25.65 13.68
CA CYS A 115 -0.73 26.90 13.92
C CYS A 115 0.63 26.90 13.25
N TYR A 116 1.23 25.73 13.03
CA TYR A 116 2.49 25.64 12.31
C TYR A 116 2.32 26.05 10.85
N MET A 117 1.26 25.57 10.19
CA MET A 117 0.99 26.00 8.83
C MET A 117 0.67 27.49 8.78
N GLY A 118 -0.09 27.98 9.75
CA GLY A 118 -0.32 29.42 9.84
C GLY A 118 0.98 30.21 9.99
N ARG A 119 1.90 29.72 10.83
CA ARG A 119 3.19 30.38 11.00
C ARG A 119 4.02 30.34 9.73
N GLU A 120 3.96 29.23 8.99
CA GLU A 120 4.67 29.15 7.71
C GLU A 120 4.16 30.23 6.77
N TRP A 121 2.84 30.38 6.66
CA TRP A 121 2.32 31.46 5.84
C TRP A 121 2.75 32.82 6.35
N GLU A 122 2.73 33.00 7.68
CA GLU A 122 3.07 34.30 8.25
C GLU A 122 4.50 34.69 7.91
N LEU A 123 5.44 33.76 8.05
CA LEU A 123 6.82 34.06 7.72
C LEU A 123 7.00 34.27 6.22
N SER A 124 6.30 33.48 5.39
CA SER A 124 6.40 33.68 3.95
C SER A 124 5.91 35.07 3.56
N PHE A 125 4.87 35.56 4.23
CA PHE A 125 4.38 36.91 3.94
C PHE A 125 5.34 37.97 4.46
N ARG A 126 5.89 37.77 5.66
CA ARG A 126 6.81 38.76 6.22
C ARG A 126 8.07 38.90 5.37
N LEU A 127 8.59 37.79 4.87
CA LEU A 127 9.80 37.81 4.04
C LEU A 127 9.53 38.24 2.61
N GLY A 128 8.27 38.44 2.23
CA GLY A 128 7.94 38.82 0.88
C GLY A 128 7.85 37.68 -0.11
N MET A 129 7.99 36.43 0.34
CA MET A 129 7.91 35.30 -0.55
C MET A 129 6.45 35.04 -0.94
N ARG A 130 6.29 34.33 -2.06
CA ARG A 130 4.96 33.90 -2.46
C ARG A 130 4.45 32.84 -1.50
N PRO A 131 3.17 32.87 -1.14
CA PRO A 131 2.65 31.98 -0.09
C PRO A 131 2.07 30.66 -0.59
N TRP A 132 2.88 29.92 -1.36
CA TRP A 132 2.49 28.57 -1.78
C TRP A 132 3.16 27.47 -0.97
N ILE A 133 4.02 27.83 -0.01
CA ILE A 133 4.59 26.82 0.87
C ILE A 133 3.52 26.30 1.84
N ALA A 134 2.65 27.19 2.32
CA ALA A 134 1.60 26.78 3.24
C ALA A 134 0.61 25.83 2.57
N VAL A 135 0.22 26.11 1.33
CA VAL A 135 -0.71 25.22 0.64
C VAL A 135 -0.04 23.88 0.34
N ALA A 136 1.28 23.87 0.18
CA ALA A 136 1.99 22.61 0.00
C ALA A 136 2.02 21.81 1.30
N TYR A 137 2.28 22.47 2.43
CA TYR A 137 2.24 21.82 3.72
C TYR A 137 0.82 21.43 4.14
N SER A 138 -0.20 21.98 3.47
CA SER A 138 -1.57 21.64 3.80
C SER A 138 -1.87 20.16 3.54
N ALA A 139 -1.05 19.47 2.76
CA ALA A 139 -1.33 18.06 2.44
C ALA A 139 -0.96 17.13 3.60
N PRO A 140 0.28 17.17 4.13
CA PRO A 140 0.56 16.30 5.29
C PRO A 140 -0.30 16.59 6.49
N VAL A 141 -0.64 17.87 6.74
CA VAL A 141 -1.51 18.16 7.87
C VAL A 141 -2.92 17.66 7.58
N ALA A 142 -3.36 17.69 6.33
CA ALA A 142 -4.65 17.10 5.98
C ALA A 142 -4.64 15.60 6.23
N ALA A 143 -3.57 14.91 5.87
CA ALA A 143 -3.47 13.48 6.13
C ALA A 143 -3.48 13.20 7.64
N ALA A 144 -2.75 14.00 8.41
CA ALA A 144 -2.74 13.82 9.86
C ALA A 144 -4.12 14.06 10.46
N SER A 145 -4.83 15.08 9.97
CA SER A 145 -6.18 15.34 10.47
C SER A 145 -7.12 14.19 10.10
N ALA A 146 -7.01 13.66 8.89
CA ALA A 146 -7.86 12.55 8.50
C ALA A 146 -7.55 11.28 9.28
N VAL A 147 -6.29 11.09 9.67
CA VAL A 147 -5.91 9.86 10.37
C VAL A 147 -6.23 9.95 11.85
N PHE A 148 -5.83 11.04 12.50
CA PHE A 148 -6.01 11.18 13.94
C PHE A 148 -7.41 11.67 14.30
N LEU A 149 -8.05 12.42 13.41
CA LEU A 149 -9.41 12.91 13.58
C LEU A 149 -10.21 12.44 12.36
N VAL A 150 -11.44 12.93 12.23
CA VAL A 150 -12.31 12.61 11.09
C VAL A 150 -12.63 11.12 11.08
N TYR A 151 -11.60 10.28 10.93
CA TYR A 151 -11.83 8.84 10.98
C TYR A 151 -12.41 8.39 12.31
N PRO A 152 -11.91 8.81 13.47
CA PRO A 152 -12.65 8.55 14.71
C PRO A 152 -14.04 9.15 14.71
N ILE A 153 -14.23 10.30 14.07
CA ILE A 153 -15.56 10.90 13.99
C ILE A 153 -16.49 10.02 13.17
N GLY A 154 -16.02 9.56 12.02
CA GLY A 154 -16.85 8.70 11.18
C GLY A 154 -17.14 7.36 11.82
N GLN A 155 -16.13 6.73 12.41
CA GLN A 155 -16.32 5.44 13.06
C GLN A 155 -17.03 5.55 14.40
N GLY A 156 -17.11 6.75 14.98
CA GLY A 156 -17.84 6.97 16.21
C GLY A 156 -17.05 6.85 17.48
N SER A 157 -15.73 6.63 17.40
CA SER A 157 -14.92 6.50 18.61
C SER A 157 -13.47 6.82 18.27
N PHE A 158 -12.78 7.44 19.22
CA PHE A 158 -11.35 7.72 19.05
C PHE A 158 -10.49 6.47 19.14
N SER A 159 -11.05 5.34 19.61
CA SER A 159 -10.28 4.11 19.68
C SER A 159 -9.92 3.57 18.30
N ASP A 160 -10.56 4.08 17.25
CA ASP A 160 -10.25 3.67 15.89
C ASP A 160 -9.13 4.48 15.27
N GLY A 161 -8.65 5.52 15.95
CA GLY A 161 -7.55 6.31 15.43
C GLY A 161 -6.24 5.55 15.44
N MET A 162 -5.27 6.09 14.72
CA MET A 162 -3.97 5.44 14.62
C MET A 162 -3.20 5.60 15.93
N PRO A 163 -2.72 4.51 16.52
CA PRO A 163 -1.92 4.63 17.74
C PRO A 163 -0.60 5.37 17.47
N LEU A 164 -0.12 6.06 18.50
CA LEU A 164 1.12 6.83 18.40
C LEU A 164 2.31 5.90 18.60
N GLY A 165 2.53 5.05 17.59
CA GLY A 165 3.61 4.08 17.66
C GLY A 165 3.86 3.48 16.29
N ILE A 166 4.84 2.59 16.25
CA ILE A 166 5.25 1.92 15.02
C ILE A 166 4.38 0.69 14.79
N SER A 167 4.47 -0.26 15.72
CA SER A 167 3.61 -1.44 15.64
C SER A 167 2.14 -1.06 15.72
N GLY A 168 1.81 -0.02 16.48
CA GLY A 168 0.45 0.48 16.48
C GLY A 168 0.02 0.99 15.12
N THR A 169 0.92 1.68 14.42
CA THR A 169 0.62 2.14 13.07
C THR A 169 0.38 0.97 12.13
N PHE A 170 1.22 -0.07 12.21
CA PHE A 170 1.02 -1.23 11.36
C PHE A 170 -0.30 -1.94 11.67
N ASN A 171 -0.63 -2.06 12.96
CA ASN A 171 -1.90 -2.66 13.34
C ASN A 171 -3.08 -1.84 12.81
N PHE A 172 -2.98 -0.52 12.90
CA PHE A 172 -4.04 0.34 12.36
C PHE A 172 -4.19 0.13 10.86
N MET A 173 -3.08 0.05 10.14
CA MET A 173 -3.15 -0.15 8.69
C MET A 173 -3.79 -1.50 8.35
N ILE A 174 -3.41 -2.55 9.07
CA ILE A 174 -3.96 -3.87 8.80
C ILE A 174 -5.45 -3.90 9.08
N VAL A 175 -5.88 -3.32 10.20
CA VAL A 175 -7.30 -3.29 10.53
C VAL A 175 -8.07 -2.46 9.52
N PHE A 176 -7.49 -1.35 9.06
CA PHE A 176 -8.12 -0.53 8.04
C PHE A 176 -8.31 -1.32 6.75
N GLN A 177 -7.30 -2.08 6.34
CA GLN A 177 -7.43 -2.92 5.16
C GLN A 177 -8.51 -3.98 5.36
N ALA A 178 -8.57 -4.56 6.56
CA ALA A 178 -9.56 -5.58 6.84
C ALA A 178 -10.98 -5.02 6.72
N GLU A 179 -11.20 -3.84 7.28
CA GLU A 179 -12.55 -3.31 7.37
C GLU A 179 -13.00 -2.56 6.12
N HIS A 180 -12.07 -1.99 5.35
CA HIS A 180 -12.44 -1.11 4.25
C HIS A 180 -11.83 -1.47 2.90
N ASN A 181 -10.86 -2.38 2.84
CA ASN A 181 -10.16 -2.73 1.61
C ASN A 181 -9.58 -1.47 0.95
N ILE A 182 -8.67 -0.82 1.68
CA ILE A 182 -8.13 0.46 1.25
C ILE A 182 -7.29 0.31 -0.02
N LEU A 183 -6.68 -0.87 -0.22
CA LEU A 183 -5.82 -1.06 -1.37
C LEU A 183 -6.60 -0.90 -2.68
N MET A 184 -7.82 -1.44 -2.74
CA MET A 184 -8.63 -1.34 -3.94
C MET A 184 -9.30 0.02 -4.09
N HIS A 185 -9.24 0.87 -3.07
CA HIS A 185 -9.83 2.19 -3.18
C HIS A 185 -8.98 3.06 -4.11
N PRO A 186 -9.58 3.76 -5.06
CA PRO A 186 -8.78 4.56 -6.01
C PRO A 186 -7.99 5.68 -5.37
N PHE A 187 -8.31 6.09 -4.15
CA PHE A 187 -7.62 7.25 -3.58
C PHE A 187 -6.34 6.88 -2.85
N HIS A 188 -6.27 5.72 -2.17
CA HIS A 188 -4.97 5.22 -1.75
C HIS A 188 -4.12 4.89 -2.98
N MET A 189 -4.77 4.49 -4.07
CA MET A 189 -4.06 4.30 -5.34
C MET A 189 -3.44 5.63 -5.80
N LEU A 190 -4.21 6.71 -5.74
CA LEU A 190 -3.71 8.02 -6.13
C LEU A 190 -2.59 8.48 -5.20
N GLY A 191 -2.71 8.19 -3.90
CA GLY A 191 -1.64 8.53 -2.98
C GLY A 191 -0.36 7.76 -3.26
N VAL A 192 -0.49 6.47 -3.57
CA VAL A 192 0.68 5.67 -3.93
C VAL A 192 1.32 6.22 -5.20
N ALA A 193 0.51 6.54 -6.20
CA ALA A 193 1.04 7.15 -7.42
C ALA A 193 1.73 8.47 -7.10
N GLY A 194 1.16 9.25 -6.19
CA GLY A 194 1.74 10.54 -5.84
C GLY A 194 3.11 10.40 -5.19
N VAL A 195 3.22 9.49 -4.22
CA VAL A 195 4.51 9.34 -3.54
C VAL A 195 5.55 8.70 -4.46
N PHE A 196 5.14 7.71 -5.27
CA PHE A 196 6.08 7.13 -6.22
C PHE A 196 6.55 8.17 -7.23
N GLY A 197 5.63 8.98 -7.74
CA GLY A 197 6.03 10.05 -8.65
C GLY A 197 6.89 11.09 -7.98
N GLY A 198 6.62 11.39 -6.72
CA GLY A 198 7.47 12.33 -5.99
C GLY A 198 8.89 11.81 -5.86
N SER A 199 9.04 10.54 -5.51
CA SER A 199 10.38 9.95 -5.43
C SER A 199 11.06 9.95 -6.80
N LEU A 200 10.33 9.57 -7.85
CA LEU A 200 10.90 9.52 -9.19
C LEU A 200 11.34 10.90 -9.65
N PHE A 201 10.48 11.91 -9.48
CA PHE A 201 10.80 13.26 -9.91
C PHE A 201 11.94 13.84 -9.09
N SER A 202 11.97 13.57 -7.78
CA SER A 202 13.06 14.03 -6.94
C SER A 202 14.39 13.44 -7.42
N ALA A 203 14.41 12.14 -7.68
CA ALA A 203 15.64 11.49 -8.12
C ALA A 203 16.10 12.06 -9.46
N MET A 204 15.18 12.18 -10.42
CA MET A 204 15.57 12.68 -11.74
C MET A 204 16.01 14.13 -11.69
N HIS A 205 15.29 14.98 -10.95
CA HIS A 205 15.67 16.38 -10.86
C HIS A 205 17.02 16.53 -10.19
N GLY A 206 17.27 15.79 -9.10
CA GLY A 206 18.57 15.83 -8.47
C GLY A 206 19.68 15.39 -9.41
N SER A 207 19.46 14.28 -10.13
CA SER A 207 20.48 13.80 -11.05
C SER A 207 20.76 14.80 -12.16
N LEU A 208 19.71 15.35 -12.75
CA LEU A 208 19.89 16.29 -13.86
C LEU A 208 20.60 17.55 -13.39
N VAL A 209 20.22 18.08 -12.22
CA VAL A 209 20.87 19.30 -11.74
C VAL A 209 22.32 19.03 -11.37
N THR A 210 22.58 17.91 -10.69
CA THR A 210 23.96 17.59 -10.29
C THR A 210 24.84 17.39 -11.51
N SER A 211 24.32 16.73 -12.55
CA SER A 211 25.10 16.56 -13.77
C SER A 211 25.33 17.90 -14.47
N SER A 212 24.29 18.73 -14.54
CA SER A 212 24.40 20.01 -15.23
C SER A 212 25.29 20.99 -14.48
N LEU A 213 25.19 21.00 -13.15
CA LEU A 213 25.96 21.93 -12.34
C LEU A 213 27.44 21.60 -12.46
N ILE A 214 28.19 22.44 -13.18
CA ILE A 214 29.59 22.20 -13.48
C ILE A 214 30.41 23.40 -13.01
N ARG A 215 31.51 23.11 -12.33
CA ARG A 215 32.44 24.14 -11.85
C ARG A 215 31.75 25.18 -10.97
N ASN A 237 24.77 22.75 -18.87
CA ASN A 237 23.76 23.78 -19.06
C ASN A 237 22.36 23.21 -18.89
N ILE A 238 21.42 24.08 -18.49
CA ILE A 238 20.02 23.65 -18.34
C ILE A 238 19.44 23.25 -19.68
N VAL A 239 19.81 23.96 -20.76
CA VAL A 239 19.34 23.60 -22.08
C VAL A 239 19.92 22.24 -22.50
N ALA A 240 21.18 21.97 -22.13
CA ALA A 240 21.76 20.65 -22.40
C ALA A 240 21.01 19.57 -21.64
N ALA A 241 20.64 19.84 -20.39
CA ALA A 241 19.86 18.87 -19.62
C ALA A 241 18.49 18.63 -20.25
N HIS A 242 17.85 19.69 -20.74
CA HIS A 242 16.56 19.54 -21.40
C HIS A 242 16.70 18.71 -22.67
N GLY A 243 17.77 18.96 -23.44
CA GLY A 243 18.01 18.15 -24.63
C GLY A 243 18.26 16.69 -24.30
N TYR A 244 19.01 16.43 -23.24
CA TYR A 244 19.25 15.06 -22.80
C TYR A 244 17.95 14.39 -22.41
N PHE A 245 17.10 15.11 -21.66
CA PHE A 245 15.81 14.56 -21.25
C PHE A 245 14.93 14.27 -22.46
N GLY A 246 14.93 15.17 -23.45
CA GLY A 246 14.15 14.93 -24.65
C GLY A 246 14.64 13.74 -25.45
N ARG A 247 15.97 13.58 -25.55
CA ARG A 247 16.52 12.43 -26.26
C ARG A 247 16.20 11.14 -25.52
N LEU A 248 16.28 11.14 -24.19
CA LEU A 248 16.00 9.94 -23.41
C LEU A 248 14.55 9.48 -23.60
N ILE A 249 13.60 10.31 -23.18
CA ILE A 249 12.18 10.07 -23.37
C ILE A 249 11.62 11.21 -24.20
N PHE A 250 10.71 10.89 -25.13
CA PHE A 250 10.31 11.85 -26.15
C PHE A 250 9.46 12.97 -25.56
N GLN A 251 10.10 13.86 -24.81
CA GLN A 251 9.50 15.06 -24.24
C GLN A 251 10.31 16.29 -24.63
N TYR A 252 10.61 16.41 -25.93
CA TYR A 252 11.38 17.54 -26.42
C TYR A 252 10.75 18.87 -26.03
N ALA A 253 9.41 18.93 -26.03
CA ALA A 253 8.72 20.12 -25.55
C ALA A 253 8.77 20.20 -24.02
N SER A 254 8.23 19.19 -23.34
CA SER A 254 8.22 19.09 -21.87
C SER A 254 7.57 20.36 -21.32
N PHE A 255 8.21 21.09 -20.42
CA PHE A 255 7.67 22.30 -19.84
C PHE A 255 8.24 23.53 -20.54
N ASN A 256 7.53 24.65 -20.39
CA ASN A 256 7.98 25.90 -21.02
C ASN A 256 9.33 26.34 -20.46
N ASN A 257 9.52 26.22 -19.15
CA ASN A 257 10.76 26.61 -18.49
C ASN A 257 10.86 25.86 -17.17
N SER A 258 11.79 26.29 -16.33
CA SER A 258 11.92 25.68 -15.00
C SER A 258 10.75 26.03 -14.10
N ARG A 259 10.00 27.09 -14.41
CA ARG A 259 8.85 27.47 -13.58
C ARG A 259 7.79 26.38 -13.58
N SER A 260 7.36 25.95 -14.77
CA SER A 260 6.36 24.90 -14.86
C SER A 260 6.89 23.58 -14.32
N LEU A 261 8.16 23.29 -14.58
CA LEU A 261 8.77 22.08 -14.06
C LEU A 261 8.70 22.03 -12.54
N HIS A 262 9.10 23.12 -11.88
CA HIS A 262 9.09 23.15 -10.42
C HIS A 262 7.66 23.13 -9.88
N PHE A 263 6.74 23.83 -10.54
CA PHE A 263 5.36 23.82 -10.06
C PHE A 263 4.75 22.43 -10.14
N PHE A 264 4.97 21.73 -11.25
CA PHE A 264 4.49 20.36 -11.37
C PHE A 264 5.19 19.44 -10.36
N LEU A 265 6.49 19.67 -10.15
CA LEU A 265 7.26 18.93 -9.16
C LEU A 265 6.61 19.02 -7.79
N ALA A 266 6.20 20.22 -7.39
CA ALA A 266 5.51 20.38 -6.11
C ALA A 266 4.11 19.80 -6.15
N ALA A 267 3.41 19.99 -7.26
CA ALA A 267 1.98 19.68 -7.30
C ALA A 267 1.71 18.18 -7.25
N TRP A 268 2.59 17.37 -7.86
CA TRP A 268 2.30 15.93 -7.93
C TRP A 268 2.15 15.30 -6.54
N PRO A 269 3.16 15.31 -5.65
CA PRO A 269 2.98 14.66 -4.35
C PRO A 269 1.90 15.31 -3.50
N VAL A 270 1.76 16.63 -3.58
CA VAL A 270 0.76 17.32 -2.77
C VAL A 270 -0.65 16.90 -3.18
N ILE A 271 -0.90 16.83 -4.49
CA ILE A 271 -2.20 16.37 -4.98
C ILE A 271 -2.43 14.91 -4.58
N GLY A 272 -1.39 14.09 -4.68
CA GLY A 272 -1.53 12.71 -4.26
C GLY A 272 -1.93 12.56 -2.80
N ILE A 273 -1.27 13.33 -1.92
CA ILE A 273 -1.58 13.25 -0.50
C ILE A 273 -2.97 13.81 -0.21
N TRP A 274 -3.35 14.89 -0.91
CA TRP A 274 -4.71 15.39 -0.76
C TRP A 274 -5.74 14.32 -1.11
N PHE A 275 -5.53 13.63 -2.24
CA PHE A 275 -6.49 12.63 -2.67
C PHE A 275 -6.51 11.44 -1.71
N THR A 276 -5.35 11.04 -1.18
CA THR A 276 -5.37 9.92 -0.24
C THR A 276 -6.02 10.30 1.09
N ALA A 277 -5.87 11.55 1.53
CA ALA A 277 -6.59 12.01 2.72
C ALA A 277 -8.09 12.01 2.48
N LEU A 278 -8.52 12.48 1.30
CA LEU A 278 -9.94 12.42 0.95
C LEU A 278 -10.43 10.98 0.94
N GLY A 279 -9.62 10.06 0.41
CA GLY A 279 -10.02 8.67 0.40
C GLY A 279 -10.19 8.09 1.79
N LEU A 280 -9.24 8.37 2.68
CA LEU A 280 -9.36 7.87 4.04
C LEU A 280 -10.60 8.45 4.72
N SER A 281 -10.91 9.72 4.42
CA SER A 281 -12.15 10.29 4.94
C SER A 281 -13.38 9.55 4.39
N THR A 282 -13.35 9.19 3.12
CA THR A 282 -14.48 8.45 2.54
C THR A 282 -14.65 7.10 3.21
N MET A 283 -13.54 6.39 3.47
CA MET A 283 -13.68 5.14 4.23
C MET A 283 -14.09 5.40 5.68
N ALA A 284 -13.74 6.57 6.22
CA ALA A 284 -14.21 6.93 7.56
C ALA A 284 -15.73 7.00 7.59
N PHE A 285 -16.32 7.60 6.55
CA PHE A 285 -17.76 7.59 6.39
C PHE A 285 -18.26 6.34 5.65
N ASN A 286 -17.46 5.27 5.67
CA ASN A 286 -17.79 3.91 5.22
C ASN A 286 -17.86 3.77 3.70
N LEU A 287 -17.53 4.78 2.92
CA LEU A 287 -17.51 4.61 1.48
C LEU A 287 -16.25 3.85 1.08
N ASN A 288 -16.30 2.52 1.14
CA ASN A 288 -15.13 1.69 0.96
C ASN A 288 -14.72 1.63 -0.51
N GLY A 289 -13.63 0.91 -0.77
CA GLY A 289 -13.09 0.80 -2.11
C GLY A 289 -13.82 -0.25 -2.94
N PHE A 290 -13.28 -0.47 -4.13
CA PHE A 290 -13.88 -1.44 -5.05
C PHE A 290 -13.81 -2.84 -4.47
N ASN A 291 -14.85 -3.63 -4.74
CA ASN A 291 -14.85 -5.06 -4.41
C ASN A 291 -15.45 -5.83 -5.57
N PHE A 292 -14.66 -6.73 -6.15
CA PHE A 292 -15.08 -7.55 -7.28
C PHE A 292 -15.18 -9.01 -6.88
N ASN A 293 -15.64 -9.27 -5.65
CA ASN A 293 -15.79 -10.64 -5.18
C ASN A 293 -16.93 -11.32 -5.93
N GLN A 294 -16.65 -12.51 -6.47
CA GLN A 294 -17.62 -13.28 -7.24
C GLN A 294 -18.19 -12.46 -8.39
N SER A 295 -17.34 -11.65 -9.01
CA SER A 295 -17.74 -10.84 -10.16
C SER A 295 -17.58 -11.58 -11.49
N VAL A 296 -17.00 -12.77 -11.47
CA VAL A 296 -16.80 -13.58 -12.67
C VAL A 296 -17.50 -14.91 -12.46
N VAL A 297 -18.43 -15.25 -13.35
CA VAL A 297 -19.16 -16.51 -13.30
C VAL A 297 -19.18 -17.13 -14.67
N ASP A 298 -19.36 -18.45 -14.71
CA ASP A 298 -19.44 -19.18 -15.97
C ASP A 298 -20.90 -19.29 -16.40
N SER A 299 -21.18 -20.12 -17.41
CA SER A 299 -22.55 -20.30 -17.87
C SER A 299 -23.43 -20.91 -16.79
N GLN A 300 -22.90 -21.90 -16.06
CA GLN A 300 -23.66 -22.57 -15.01
C GLN A 300 -23.90 -21.69 -13.79
N GLY A 301 -23.24 -20.53 -13.70
CA GLY A 301 -23.36 -19.68 -12.54
C GLY A 301 -22.34 -19.93 -11.46
N ARG A 302 -21.46 -20.92 -11.63
CA ARG A 302 -20.41 -21.16 -10.65
C ARG A 302 -19.44 -19.98 -10.63
N VAL A 303 -18.92 -19.70 -9.44
CA VAL A 303 -18.04 -18.54 -9.26
C VAL A 303 -16.63 -18.89 -9.68
N LEU A 304 -16.06 -18.08 -10.56
CA LEU A 304 -14.67 -18.21 -10.98
C LEU A 304 -13.83 -17.22 -10.18
N ASN A 305 -12.84 -17.73 -9.46
CA ASN A 305 -12.04 -16.90 -8.58
C ASN A 305 -11.13 -15.97 -9.38
N THR A 306 -10.68 -14.91 -8.73
CA THR A 306 -9.73 -13.98 -9.31
C THR A 306 -8.82 -13.47 -8.20
N TRP A 307 -7.94 -12.53 -8.54
CA TRP A 307 -7.02 -11.99 -7.55
C TRP A 307 -7.77 -11.23 -6.46
N ALA A 308 -8.86 -10.54 -6.84
CA ALA A 308 -9.68 -9.86 -5.86
C ALA A 308 -10.28 -10.83 -4.86
N ASP A 309 -10.54 -12.07 -5.27
CA ASP A 309 -11.03 -13.06 -4.32
C ASP A 309 -9.97 -13.45 -3.31
N ILE A 310 -8.72 -13.54 -3.74
CA ILE A 310 -7.63 -13.80 -2.80
C ILE A 310 -7.48 -12.63 -1.82
N ILE A 311 -7.58 -11.40 -2.33
CA ILE A 311 -7.56 -10.24 -1.45
C ILE A 311 -8.70 -10.29 -0.46
N ASN A 312 -9.88 -10.72 -0.92
CA ASN A 312 -11.03 -10.86 -0.03
C ASN A 312 -10.79 -11.91 1.04
N ARG A 313 -10.13 -13.02 0.68
CA ARG A 313 -9.80 -14.04 1.68
C ARG A 313 -8.84 -13.48 2.72
N ALA A 314 -7.84 -12.72 2.29
CA ALA A 314 -6.92 -12.10 3.24
C ALA A 314 -7.66 -11.13 4.16
N ASN A 315 -8.58 -10.35 3.59
CA ASN A 315 -9.38 -9.43 4.39
C ASN A 315 -10.25 -10.19 5.39
N LEU A 316 -10.80 -11.33 4.97
CA LEU A 316 -11.59 -12.16 5.88
C LEU A 316 -10.74 -12.63 7.06
N GLY A 317 -9.53 -13.10 6.77
CA GLY A 317 -8.65 -13.52 7.86
C GLY A 317 -8.33 -12.39 8.81
N MET A 318 -7.99 -11.23 8.27
CA MET A 318 -7.70 -10.07 9.11
C MET A 318 -8.90 -9.69 9.97
N GLU A 319 -10.10 -9.69 9.37
CA GLU A 319 -11.30 -9.28 10.09
C GLU A 319 -11.65 -10.28 11.19
N VAL A 320 -11.56 -11.58 10.91
CA VAL A 320 -11.92 -12.56 11.92
C VAL A 320 -10.92 -12.55 13.07
N MET A 321 -9.64 -12.32 12.76
CA MET A 321 -8.67 -12.22 13.86
C MET A 321 -8.71 -10.89 14.58
N HIS A 322 -9.31 -9.86 13.97
CA HIS A 322 -9.43 -8.56 14.64
C HIS A 322 -10.53 -8.56 15.67
N GLU A 323 -11.62 -9.30 15.42
CA GLU A 323 -12.80 -9.27 16.28
C GLU A 323 -12.54 -9.96 17.60
N ARG A 324 -12.18 -9.19 18.63
CA ARG A 324 -11.94 -9.74 19.97
C ARG A 324 -13.24 -9.85 20.75
N ASN A 325 -14.16 -10.64 20.20
CA ASN A 325 -15.47 -10.86 20.82
C ASN A 325 -15.40 -11.96 21.88
N ALA A 326 -14.49 -11.80 22.84
CA ALA A 326 -14.33 -12.76 23.92
C ALA A 326 -14.79 -12.23 25.27
N HIS A 327 -15.04 -10.93 25.38
CA HIS A 327 -15.51 -10.34 26.64
C HIS A 327 -16.47 -9.19 26.37
N GLY B 1 42.73 16.38 2.56
CA GLY B 1 42.27 17.14 1.40
C GLY B 1 41.04 16.54 0.75
N LEU B 2 41.14 15.27 0.37
CA LEU B 2 40.02 14.60 -0.25
C LEU B 2 38.97 14.24 0.80
N PRO B 3 37.70 14.16 0.41
CA PRO B 3 36.65 13.80 1.37
C PRO B 3 36.85 12.39 1.92
N TRP B 4 36.03 12.05 2.91
CA TRP B 4 36.17 10.75 3.57
C TRP B 4 35.93 9.60 2.61
N TYR B 5 35.06 9.80 1.61
CA TYR B 5 34.77 8.78 0.61
C TYR B 5 35.68 8.88 -0.60
N ARG B 6 36.85 9.51 -0.47
CA ARG B 6 37.80 9.60 -1.55
C ARG B 6 39.24 9.39 -1.12
N VAL B 7 39.51 9.19 0.18
CA VAL B 7 40.88 9.22 0.69
C VAL B 7 41.73 8.13 0.04
N HIS B 8 41.21 6.91 -0.02
CA HIS B 8 41.98 5.81 -0.59
C HIS B 8 42.22 5.98 -2.09
N THR B 9 41.77 7.09 -2.68
CA THR B 9 42.11 7.42 -4.05
C THR B 9 43.57 7.89 -4.17
N VAL B 10 44.23 8.18 -3.05
CA VAL B 10 45.59 8.74 -3.11
C VAL B 10 46.59 7.80 -3.78
N VAL B 11 46.28 6.51 -3.86
CA VAL B 11 47.19 5.53 -4.43
C VAL B 11 46.78 5.17 -5.87
N ILE B 12 45.91 5.95 -6.49
CA ILE B 12 45.44 5.62 -7.84
C ILE B 12 46.56 5.78 -8.86
N ASN B 13 47.52 6.68 -8.60
CA ASN B 13 48.59 6.97 -9.55
C ASN B 13 49.93 6.38 -9.13
N ASP B 14 49.98 5.64 -8.02
CA ASP B 14 51.21 5.03 -7.56
C ASP B 14 51.10 3.51 -7.62
N PRO B 15 51.68 2.86 -8.62
CA PRO B 15 51.61 1.39 -8.67
C PRO B 15 52.19 0.71 -7.44
N GLY B 16 53.27 1.26 -6.89
CA GLY B 16 53.86 0.66 -5.70
C GLY B 16 52.92 0.71 -4.51
N ARG B 17 52.31 1.87 -4.26
CA ARG B 17 51.40 1.99 -3.14
C ARG B 17 50.08 1.25 -3.41
N LEU B 18 49.70 1.13 -4.67
CA LEU B 18 48.56 0.28 -5.03
C LEU B 18 48.83 -1.17 -4.66
N ILE B 19 50.03 -1.66 -5.00
CA ILE B 19 50.42 -3.01 -4.62
C ILE B 19 50.45 -3.13 -3.10
N SER B 20 50.90 -2.09 -2.41
CA SER B 20 50.97 -2.13 -0.95
C SER B 20 49.58 -2.27 -0.33
N VAL B 21 48.61 -1.47 -0.80
CA VAL B 21 47.28 -1.53 -0.22
C VAL B 21 46.58 -2.84 -0.57
N HIS B 22 46.82 -3.35 -1.79
CA HIS B 22 46.26 -4.65 -2.14
C HIS B 22 46.86 -5.75 -1.29
N LEU B 23 48.17 -5.67 -1.01
CA LEU B 23 48.82 -6.61 -0.11
C LEU B 23 48.23 -6.51 1.30
N MET B 24 47.93 -5.29 1.75
CA MET B 24 47.34 -5.12 3.07
C MET B 24 45.96 -5.77 3.16
N HIS B 25 45.13 -5.58 2.13
CA HIS B 25 43.82 -6.23 2.15
C HIS B 25 43.97 -7.75 2.10
N THR B 26 44.90 -8.25 1.30
CA THR B 26 45.13 -9.70 1.23
C THR B 26 45.58 -10.25 2.58
N ALA B 27 46.49 -9.53 3.25
CA ALA B 27 46.93 -9.95 4.58
C ALA B 27 45.78 -9.95 5.57
N LEU B 28 44.92 -8.93 5.50
CA LEU B 28 43.77 -8.89 6.39
C LEU B 28 42.84 -10.07 6.14
N VAL B 29 42.62 -10.42 4.88
CA VAL B 29 41.73 -11.53 4.55
C VAL B 29 42.29 -12.85 5.09
N SER B 30 43.57 -13.08 4.84
CA SER B 30 44.19 -14.32 5.32
C SER B 30 44.23 -14.38 6.83
N GLY B 31 44.50 -13.24 7.48
CA GLY B 31 44.46 -13.20 8.94
C GLY B 31 43.07 -13.50 9.48
N TRP B 32 42.03 -12.98 8.82
CA TRP B 32 40.68 -13.31 9.23
C TRP B 32 40.41 -14.80 9.06
N ALA B 33 40.87 -15.38 7.96
CA ALA B 33 40.67 -16.82 7.76
C ALA B 33 41.32 -17.61 8.90
N GLY B 34 42.56 -17.27 9.24
CA GLY B 34 43.22 -17.98 10.33
C GLY B 34 42.52 -17.79 11.67
N SER B 35 42.13 -16.55 11.97
CA SER B 35 41.47 -16.28 13.25
C SER B 35 40.14 -16.99 13.35
N MET B 36 39.36 -16.97 12.26
CA MET B 36 38.07 -17.65 12.26
C MET B 36 38.24 -19.16 12.42
N ALA B 37 39.24 -19.74 11.74
CA ALA B 37 39.49 -21.17 11.91
C ALA B 37 39.86 -21.48 13.35
N LEU B 38 40.72 -20.66 13.96
CA LEU B 38 41.11 -20.90 15.35
C LEU B 38 39.92 -20.80 16.29
N PHE B 39 39.09 -19.78 16.11
CA PHE B 39 37.93 -19.59 16.98
C PHE B 39 36.94 -20.75 16.83
N GLU B 40 36.66 -21.15 15.58
CA GLU B 40 35.71 -22.22 15.35
C GLU B 40 36.22 -23.54 15.90
N ILE B 41 37.53 -23.80 15.78
CA ILE B 41 38.10 -25.00 16.39
C ILE B 41 37.96 -24.94 17.91
N SER B 42 38.24 -23.77 18.49
CA SER B 42 38.13 -23.62 19.94
C SER B 42 36.70 -23.78 20.44
N VAL B 43 35.69 -23.52 19.59
CA VAL B 43 34.30 -23.64 20.01
C VAL B 43 33.64 -24.90 19.47
N PHE B 44 34.34 -25.68 18.65
CA PHE B 44 33.75 -26.86 18.04
C PHE B 44 33.61 -28.01 19.04
N ASP B 45 32.58 -28.83 18.83
CA ASP B 45 32.32 -30.01 19.66
C ASP B 45 32.24 -31.24 18.77
N PRO B 46 33.33 -32.00 18.64
CA PRO B 46 33.34 -33.17 17.75
C PRO B 46 32.88 -34.48 18.36
N SER B 47 32.21 -34.44 19.52
CA SER B 47 31.85 -35.68 20.20
C SER B 47 30.84 -36.49 19.39
N ASP B 48 29.79 -35.84 18.89
CA ASP B 48 28.71 -36.52 18.19
C ASP B 48 28.63 -36.04 16.74
N PRO B 49 29.16 -36.79 15.79
CA PRO B 49 29.10 -36.37 14.38
C PRO B 49 27.83 -36.76 13.65
N VAL B 50 26.83 -37.31 14.33
CA VAL B 50 25.59 -37.75 13.69
C VAL B 50 24.45 -36.79 14.00
N LEU B 51 24.07 -36.67 15.27
CA LEU B 51 22.99 -35.78 15.68
C LEU B 51 23.48 -34.41 16.12
N ASN B 52 24.79 -34.19 16.15
CA ASN B 52 25.37 -32.88 16.43
C ASN B 52 26.42 -32.56 15.36
N PRO B 53 25.99 -32.45 14.10
CA PRO B 53 26.96 -32.34 13.01
C PRO B 53 27.61 -30.97 12.99
N MET B 54 28.67 -30.87 12.18
CA MET B 54 29.47 -29.66 12.13
C MET B 54 28.70 -28.47 11.56
N TRP B 55 27.60 -28.71 10.84
CA TRP B 55 26.78 -27.62 10.33
C TRP B 55 25.68 -27.20 11.29
N ARG B 56 25.51 -27.91 12.40
CA ARG B 56 24.54 -27.51 13.42
C ARG B 56 25.15 -26.67 14.53
N GLN B 57 26.47 -26.55 14.57
CA GLN B 57 27.15 -25.74 15.57
C GLN B 57 27.55 -24.37 15.02
N GLY B 58 27.13 -24.02 13.82
CA GLY B 58 27.44 -22.73 13.25
C GLY B 58 28.80 -22.60 12.60
N MET B 59 29.51 -23.72 12.41
CA MET B 59 30.81 -23.67 11.76
C MET B 59 30.69 -23.11 10.36
N PHE B 60 31.61 -22.22 9.99
CA PHE B 60 31.56 -21.57 8.69
C PHE B 60 32.76 -21.89 7.80
N VAL B 61 33.96 -21.89 8.35
CA VAL B 61 35.15 -22.19 7.54
C VAL B 61 35.55 -23.65 7.64
N LEU B 62 35.21 -24.32 8.74
CA LEU B 62 35.39 -25.76 8.82
C LEU B 62 34.73 -26.52 7.67
N PRO B 63 33.52 -26.17 7.22
CA PRO B 63 32.98 -26.85 6.03
C PRO B 63 33.90 -26.79 4.83
N PHE B 64 34.54 -25.65 4.57
CA PHE B 64 35.41 -25.54 3.41
C PHE B 64 36.72 -26.31 3.63
N MET B 65 37.29 -26.20 4.83
CA MET B 65 38.52 -26.93 5.11
C MET B 65 38.30 -28.43 4.99
N THR B 66 37.16 -28.93 5.48
CA THR B 66 36.84 -30.34 5.31
C THR B 66 36.51 -30.68 3.87
N ARG B 67 35.91 -29.73 3.13
CA ARG B 67 35.55 -29.98 1.74
C ARG B 67 36.79 -30.24 0.90
N LEU B 68 37.86 -29.48 1.12
CA LEU B 68 39.05 -29.74 0.32
C LEU B 68 40.03 -30.71 0.95
N GLY B 69 39.73 -31.27 2.12
CA GLY B 69 40.51 -32.40 2.59
C GLY B 69 40.96 -32.42 4.03
N ILE B 70 40.82 -31.30 4.74
CA ILE B 70 41.29 -31.22 6.12
C ILE B 70 40.26 -31.89 7.02
N THR B 71 40.58 -33.09 7.52
CA THR B 71 39.66 -33.85 8.33
C THR B 71 40.23 -34.26 9.68
N GLN B 72 41.43 -33.83 10.04
CA GLN B 72 42.07 -34.20 11.29
C GLN B 72 42.47 -32.93 12.03
N SER B 73 42.60 -33.08 13.36
CA SER B 73 43.00 -31.98 14.22
C SER B 73 44.10 -32.45 15.17
N TRP B 74 44.87 -31.48 15.67
CA TRP B 74 45.93 -31.80 16.62
C TRP B 74 45.38 -32.19 17.99
N GLY B 75 44.08 -32.01 18.22
CA GLY B 75 43.46 -32.41 19.47
C GLY B 75 43.19 -33.88 19.61
N GLY B 76 43.59 -34.69 18.62
CA GLY B 76 43.38 -36.12 18.67
C GLY B 76 42.05 -36.60 18.16
N TRP B 77 41.23 -35.72 17.58
CA TRP B 77 39.94 -36.11 17.03
C TRP B 77 39.90 -35.81 15.54
N THR B 78 38.94 -36.44 14.86
CA THR B 78 38.71 -36.23 13.44
C THR B 78 37.26 -35.81 13.22
N ILE B 79 37.00 -35.28 12.02
CA ILE B 79 35.66 -34.85 11.68
C ILE B 79 34.70 -36.03 11.53
N SER B 80 35.24 -37.24 11.37
CA SER B 80 34.42 -38.43 11.25
C SER B 80 34.10 -39.09 12.59
N GLY B 81 34.58 -38.52 13.69
CA GLY B 81 34.33 -39.05 15.01
C GLY B 81 35.36 -40.03 15.52
N GLU B 82 36.32 -40.43 14.69
CA GLU B 82 37.35 -41.38 15.11
C GLU B 82 38.44 -40.66 15.88
N THR B 83 39.50 -41.40 16.22
CA THR B 83 40.64 -40.86 16.95
C THR B 83 41.77 -40.60 15.96
N ALA B 84 42.26 -39.36 15.94
CA ALA B 84 43.33 -39.00 15.01
C ALA B 84 44.63 -39.67 15.40
N THR B 85 45.36 -40.16 14.39
CA THR B 85 46.68 -40.76 14.57
C THR B 85 47.63 -40.10 13.59
N ASN B 86 48.66 -39.44 14.12
CA ASN B 86 49.61 -38.68 13.32
C ASN B 86 48.85 -37.69 12.44
N PRO B 87 48.28 -36.63 13.01
CA PRO B 87 47.49 -35.69 12.18
C PRO B 87 48.30 -35.02 11.09
N GLY B 88 49.61 -34.89 11.27
CA GLY B 88 50.44 -34.23 10.28
C GLY B 88 50.42 -32.72 10.44
N ILE B 89 51.17 -32.07 9.55
CA ILE B 89 51.27 -30.62 9.59
C ILE B 89 49.97 -29.97 9.12
N TRP B 90 49.19 -30.69 8.31
CA TRP B 90 47.98 -30.12 7.72
C TRP B 90 46.76 -30.60 8.49
N SER B 91 46.50 -29.92 9.61
CA SER B 91 45.28 -30.06 10.37
C SER B 91 44.50 -28.75 10.31
N TYR B 92 43.39 -28.68 11.05
CA TYR B 92 42.65 -27.43 11.14
C TYR B 92 43.50 -26.33 11.74
N GLU B 93 44.16 -26.62 12.87
CA GLU B 93 45.07 -25.65 13.46
C GLU B 93 46.25 -25.38 12.56
N GLY B 94 46.72 -26.39 11.83
CA GLY B 94 47.81 -26.17 10.90
C GLY B 94 47.46 -25.20 9.80
N VAL B 95 46.27 -25.35 9.21
CA VAL B 95 45.82 -24.44 8.17
C VAL B 95 45.60 -23.04 8.73
N ALA B 96 45.05 -22.96 9.95
CA ALA B 96 44.87 -21.65 10.57
C ALA B 96 46.21 -20.95 10.76
N ALA B 97 47.20 -21.68 11.30
CA ALA B 97 48.52 -21.09 11.51
C ALA B 97 49.16 -20.73 10.18
N ALA B 98 48.92 -21.51 9.13
CA ALA B 98 49.46 -21.20 7.82
C ALA B 98 48.90 -19.88 7.28
N HIS B 99 47.58 -19.73 7.31
CA HIS B 99 46.99 -18.46 6.86
C HIS B 99 47.43 -17.29 7.73
N ILE B 100 47.64 -17.52 9.04
CA ILE B 100 48.07 -16.42 9.91
C ILE B 100 49.51 -16.00 9.60
N ILE B 101 50.41 -16.98 9.43
CA ILE B 101 51.80 -16.66 9.08
C ILE B 101 51.85 -15.96 7.73
N LEU B 102 51.01 -16.41 6.79
CA LEU B 102 50.92 -15.74 5.50
C LEU B 102 50.45 -14.30 5.67
N SER B 103 49.49 -14.07 6.57
CA SER B 103 49.02 -12.71 6.83
C SER B 103 50.14 -11.83 7.35
N GLY B 104 50.93 -12.35 8.29
CA GLY B 104 52.04 -11.56 8.82
C GLY B 104 53.08 -11.24 7.75
N ALA B 105 53.43 -12.25 6.94
CA ALA B 105 54.41 -12.03 5.87
C ALA B 105 53.90 -11.02 4.86
N LEU B 106 52.62 -11.11 4.50
CA LEU B 106 52.04 -10.16 3.55
C LEU B 106 51.98 -8.75 4.15
N PHE B 107 51.74 -8.64 5.45
CA PHE B 107 51.76 -7.32 6.09
C PHE B 107 53.15 -6.70 5.99
N LEU B 108 54.19 -7.50 6.27
CA LEU B 108 55.56 -6.99 6.16
C LEU B 108 55.88 -6.59 4.72
N ALA B 109 55.47 -7.42 3.75
CA ALA B 109 55.73 -7.11 2.35
C ALA B 109 54.97 -5.85 1.91
N SER B 110 53.75 -5.66 2.42
CA SER B 110 53.01 -4.44 2.14
C SER B 110 53.73 -3.23 2.69
N VAL B 111 54.27 -3.32 3.91
CA VAL B 111 55.04 -2.23 4.47
C VAL B 111 56.23 -1.92 3.57
N TRP B 112 56.93 -2.96 3.11
CA TRP B 112 58.11 -2.73 2.27
C TRP B 112 57.73 -2.06 0.96
N HIS B 113 56.77 -2.63 0.22
CA HIS B 113 56.37 -2.03 -1.06
C HIS B 113 55.68 -0.68 -0.88
N TRP B 114 55.28 -0.33 0.35
CA TRP B 114 54.76 1.01 0.61
C TRP B 114 55.88 2.01 0.80
N THR B 115 56.86 1.70 1.65
CA THR B 115 57.93 2.64 1.94
C THR B 115 58.88 2.83 0.77
N TYR B 116 58.79 2.02 -0.28
CA TYR B 116 59.67 2.10 -1.44
C TYR B 116 58.83 2.11 -2.72
N TRP B 117 57.84 3.00 -2.77
CA TRP B 117 56.94 3.06 -3.91
C TRP B 117 57.68 3.42 -5.19
N ASP B 118 58.60 4.38 -5.12
CA ASP B 118 59.30 4.87 -6.30
C ASP B 118 60.29 3.81 -6.77
N LEU B 119 59.92 3.08 -7.81
CA LEU B 119 60.76 2.02 -8.37
C LEU B 119 60.90 2.23 -9.87
N GLU B 120 62.07 1.88 -10.39
CA GLU B 120 62.33 2.01 -11.82
C GLU B 120 61.46 1.08 -12.65
N LEU B 121 60.94 0.01 -12.05
CA LEU B 121 60.10 -0.92 -12.79
C LEU B 121 58.82 -0.25 -13.26
N PHE B 122 58.21 0.58 -12.40
CA PHE B 122 56.92 1.17 -12.70
C PHE B 122 56.97 2.27 -13.75
N ARG B 123 58.16 2.69 -14.17
CA ARG B 123 58.33 3.76 -15.14
C ARG B 123 58.76 3.18 -16.48
N ASP B 124 57.99 3.49 -17.53
CA ASP B 124 58.34 3.03 -18.86
C ASP B 124 59.49 3.86 -19.43
N PRO B 125 60.35 3.25 -20.26
CA PRO B 125 61.48 4.00 -20.81
C PRO B 125 61.11 4.95 -21.93
N ARG B 126 59.98 4.73 -22.60
CA ARG B 126 59.59 5.61 -23.71
C ARG B 126 59.30 7.03 -23.23
N THR B 127 58.61 7.16 -22.10
CA THR B 127 58.19 8.46 -21.59
C THR B 127 58.80 8.83 -20.25
N GLY B 128 59.27 7.85 -19.48
CA GLY B 128 59.78 8.13 -18.15
C GLY B 128 58.71 8.55 -17.17
N LYS B 129 57.52 7.96 -17.27
CA LYS B 129 56.41 8.24 -16.36
C LYS B 129 55.83 6.93 -15.86
N THR B 130 55.21 7.00 -14.68
CA THR B 130 54.60 5.82 -14.09
C THR B 130 53.46 5.31 -14.97
N ALA B 131 53.67 4.17 -15.62
CA ALA B 131 52.68 3.60 -16.53
C ALA B 131 52.69 2.09 -16.40
N LEU B 132 51.50 1.49 -16.42
CA LEU B 132 51.33 0.05 -16.34
C LEU B 132 50.83 -0.46 -17.68
N ASP B 133 51.44 -1.54 -18.16
CA ASP B 133 51.03 -2.18 -19.41
C ASP B 133 49.91 -3.16 -19.09
N LEU B 134 48.70 -2.61 -18.91
CA LEU B 134 47.57 -3.40 -18.45
C LEU B 134 47.31 -4.66 -19.26
N PRO B 135 47.33 -4.65 -20.61
CA PRO B 135 47.13 -5.92 -21.33
C PRO B 135 48.18 -6.97 -21.01
N LYS B 136 49.45 -6.57 -20.91
CA LYS B 136 50.50 -7.54 -20.63
C LYS B 136 50.43 -8.05 -19.19
N ILE B 137 50.12 -7.15 -18.24
CA ILE B 137 49.92 -7.57 -16.85
C ILE B 137 48.77 -8.57 -16.77
N PHE B 138 47.68 -8.28 -17.47
CA PHE B 138 46.54 -9.20 -17.48
C PHE B 138 46.93 -10.53 -18.08
N GLY B 139 47.69 -10.52 -19.18
CA GLY B 139 48.12 -11.78 -19.78
C GLY B 139 48.96 -12.60 -18.82
N ILE B 140 49.91 -11.97 -18.14
CA ILE B 140 50.78 -12.70 -17.21
C ILE B 140 49.98 -13.28 -16.07
N HIS B 141 49.14 -12.45 -15.42
CA HIS B 141 48.42 -12.93 -14.25
C HIS B 141 47.35 -13.94 -14.63
N LEU B 142 46.75 -13.82 -15.83
CA LEU B 142 45.81 -14.82 -16.29
C LEU B 142 46.50 -16.14 -16.63
N PHE B 143 47.70 -16.08 -17.18
CA PHE B 143 48.47 -17.29 -17.40
C PHE B 143 48.76 -18.00 -16.09
N LEU B 144 49.14 -17.23 -15.06
CA LEU B 144 49.36 -17.82 -13.74
C LEU B 144 48.07 -18.43 -13.20
N SER B 145 46.94 -17.72 -13.35
CA SER B 145 45.67 -18.22 -12.86
C SER B 145 45.28 -19.52 -13.55
N GLY B 146 45.45 -19.59 -14.87
CA GLY B 146 45.13 -20.80 -15.59
C GLY B 146 46.04 -21.97 -15.22
N LEU B 147 47.34 -21.69 -15.04
CA LEU B 147 48.24 -22.74 -14.61
C LEU B 147 47.84 -23.28 -13.24
N LEU B 148 47.49 -22.39 -12.31
CA LEU B 148 47.06 -22.83 -10.99
C LEU B 148 45.75 -23.62 -11.07
N CYS B 149 44.83 -23.19 -11.93
CA CYS B 149 43.57 -23.91 -12.09
C CYS B 149 43.80 -25.32 -12.60
N PHE B 150 44.65 -25.46 -13.63
CA PHE B 150 44.94 -26.79 -14.16
C PHE B 150 45.63 -27.65 -13.12
N GLY B 151 46.58 -27.07 -12.37
CA GLY B 151 47.26 -27.84 -11.34
C GLY B 151 46.29 -28.32 -10.26
N PHE B 152 45.39 -27.45 -9.82
CA PHE B 152 44.42 -27.84 -8.80
C PHE B 152 43.48 -28.92 -9.32
N GLY B 153 43.00 -28.78 -10.56
CA GLY B 153 42.06 -29.74 -11.09
C GLY B 153 42.68 -31.08 -11.42
N ALA B 154 43.97 -31.10 -11.75
CA ALA B 154 44.62 -32.33 -12.21
C ALA B 154 45.36 -33.09 -11.11
N PHE B 155 45.72 -32.42 -10.02
CA PHE B 155 46.52 -33.07 -8.98
C PHE B 155 45.83 -33.13 -7.63
N HIS B 156 44.97 -32.17 -7.32
CA HIS B 156 44.25 -32.19 -6.05
C HIS B 156 42.92 -32.92 -6.15
N VAL B 157 42.03 -32.44 -7.02
CA VAL B 157 40.70 -33.04 -7.13
C VAL B 157 40.81 -34.46 -7.68
N THR B 158 41.66 -34.66 -8.69
CA THR B 158 41.84 -35.98 -9.27
C THR B 158 42.46 -36.96 -8.28
N GLY B 159 43.27 -36.47 -7.34
CA GLY B 159 43.92 -37.34 -6.39
C GLY B 159 45.23 -37.93 -6.86
N VAL B 160 45.75 -37.51 -8.01
CA VAL B 160 47.05 -37.99 -8.46
C VAL B 160 48.13 -37.62 -7.46
N PHE B 161 48.11 -36.37 -6.98
CA PHE B 161 49.03 -35.91 -5.95
C PHE B 161 48.33 -35.42 -4.69
N GLY B 162 47.16 -34.77 -4.84
CA GLY B 162 46.45 -34.24 -3.71
C GLY B 162 45.60 -35.28 -3.00
N PRO B 163 44.81 -34.85 -2.02
CA PRO B 163 44.00 -35.79 -1.24
C PRO B 163 42.67 -36.12 -1.88
N GLY B 164 42.15 -35.21 -2.69
CA GLY B 164 40.83 -35.36 -3.27
C GLY B 164 39.77 -34.59 -2.49
N ILE B 165 38.66 -34.32 -3.18
CA ILE B 165 37.58 -33.52 -2.61
C ILE B 165 36.62 -34.41 -1.83
N TRP B 166 35.77 -33.79 -1.01
CA TRP B 166 34.80 -34.54 -0.23
C TRP B 166 33.67 -35.04 -1.11
N VAL B 167 33.44 -36.34 -1.09
CA VAL B 167 32.39 -36.99 -1.87
C VAL B 167 31.46 -37.71 -0.91
N SER B 168 30.15 -37.61 -1.16
CA SER B 168 29.14 -38.21 -0.30
C SER B 168 28.09 -38.89 -1.15
N ASP B 169 27.39 -39.84 -0.54
CA ASP B 169 26.28 -40.50 -1.18
C ASP B 169 25.09 -39.54 -1.30
N PRO B 170 24.12 -39.85 -2.16
CA PRO B 170 23.02 -38.88 -2.41
C PRO B 170 22.29 -38.43 -1.15
N TYR B 171 22.17 -39.28 -0.14
CA TYR B 171 21.44 -38.94 1.07
C TYR B 171 22.34 -38.48 2.21
N GLY B 172 23.63 -38.27 1.93
CA GLY B 172 24.53 -37.73 2.95
C GLY B 172 24.73 -38.61 4.15
N LEU B 173 24.86 -39.92 3.94
CA LEU B 173 25.10 -40.86 5.02
C LEU B 173 26.56 -41.28 5.14
N THR B 174 27.20 -41.60 4.02
CA THR B 174 28.59 -42.04 4.00
C THR B 174 29.38 -41.07 3.12
N GLY B 175 29.88 -40.01 3.74
CA GLY B 175 30.67 -39.01 3.04
C GLY B 175 32.07 -38.94 3.60
N ARG B 176 33.05 -38.76 2.72
CA ARG B 176 34.45 -38.70 3.11
C ARG B 176 35.26 -38.15 1.95
N VAL B 177 36.51 -37.82 2.22
CA VAL B 177 37.39 -37.26 1.19
C VAL B 177 37.96 -38.40 0.35
N GLN B 178 37.63 -38.41 -0.93
CA GLN B 178 38.10 -39.43 -1.86
C GLN B 178 38.50 -38.77 -3.17
N PRO B 179 39.52 -39.29 -3.84
CA PRO B 179 39.84 -38.81 -5.19
C PRO B 179 38.71 -39.13 -6.15
N VAL B 180 38.55 -38.27 -7.15
CA VAL B 180 37.51 -38.43 -8.16
C VAL B 180 38.17 -38.54 -9.53
N ALA B 181 37.74 -39.52 -10.31
CA ALA B 181 38.18 -39.62 -11.70
C ALA B 181 37.42 -38.60 -12.54
N PRO B 182 38.12 -37.80 -13.34
CA PRO B 182 37.42 -36.79 -14.15
C PRO B 182 36.44 -37.44 -15.12
N SER B 183 35.28 -36.80 -15.28
CA SER B 183 34.24 -37.26 -16.18
C SER B 183 34.12 -36.25 -17.31
N TRP B 184 34.51 -36.65 -18.51
CA TRP B 184 34.53 -35.76 -19.67
C TRP B 184 33.26 -35.87 -20.51
N GLY B 185 32.32 -36.72 -20.13
CA GLY B 185 31.08 -36.87 -20.86
C GLY B 185 30.09 -35.79 -20.52
N ALA B 186 28.86 -35.98 -21.02
CA ALA B 186 27.77 -35.05 -20.68
C ALA B 186 27.49 -35.07 -19.19
N ASP B 187 27.62 -36.23 -18.53
CA ASP B 187 27.48 -36.31 -17.09
C ASP B 187 28.55 -35.54 -16.36
N GLY B 188 29.63 -35.15 -17.05
CA GLY B 188 30.59 -34.24 -16.46
C GLY B 188 30.02 -32.87 -16.18
N PHE B 189 28.92 -32.51 -16.83
CA PHE B 189 28.20 -31.27 -16.55
C PHE B 189 27.07 -31.47 -15.56
N ASP B 190 26.93 -32.66 -14.99
CA ASP B 190 25.99 -32.85 -13.90
C ASP B 190 26.53 -32.13 -12.68
N PRO B 191 25.82 -31.13 -12.14
CA PRO B 191 26.36 -30.35 -11.02
C PRO B 191 26.49 -31.16 -9.73
N TYR B 192 25.81 -32.30 -9.63
CA TYR B 192 25.96 -33.20 -8.51
C TYR B 192 26.96 -34.32 -8.78
N ASN B 193 27.75 -34.19 -9.84
CA ASN B 193 28.77 -35.18 -10.17
C ASN B 193 30.12 -34.66 -9.71
N PRO B 194 30.76 -35.29 -8.72
CA PRO B 194 32.05 -34.79 -8.25
C PRO B 194 33.15 -34.77 -9.31
N GLY B 195 33.14 -35.74 -10.24
CA GLY B 195 34.14 -35.74 -11.29
C GLY B 195 34.04 -34.57 -12.24
N GLY B 196 32.86 -33.94 -12.31
CA GLY B 196 32.70 -32.74 -13.11
C GLY B 196 33.60 -31.61 -12.64
N ILE B 197 33.81 -31.51 -11.32
CA ILE B 197 34.69 -30.47 -10.80
C ILE B 197 36.11 -30.66 -11.33
N ALA B 198 36.63 -31.88 -11.25
CA ALA B 198 37.98 -32.14 -11.73
C ALA B 198 38.09 -31.90 -13.23
N SER B 199 37.14 -32.43 -14.00
CA SER B 199 37.18 -32.25 -15.45
C SER B 199 37.12 -30.77 -15.81
N HIS B 200 36.23 -30.03 -15.17
CA HIS B 200 36.06 -28.62 -15.48
C HIS B 200 37.31 -27.82 -15.13
N HIS B 201 37.87 -28.03 -13.94
CA HIS B 201 39.03 -27.24 -13.56
C HIS B 201 40.23 -27.59 -14.42
N ILE B 202 40.36 -28.86 -14.86
CA ILE B 202 41.44 -29.21 -15.78
C ILE B 202 41.27 -28.48 -17.11
N ALA B 203 40.07 -28.58 -17.69
CA ALA B 203 39.85 -27.98 -19.02
C ALA B 203 39.98 -26.46 -18.94
N ALA B 204 39.41 -25.85 -17.90
CA ALA B 204 39.51 -24.41 -17.73
C ALA B 204 40.95 -23.97 -17.47
N GLY B 205 41.75 -24.77 -16.78
CA GLY B 205 43.15 -24.44 -16.61
C GLY B 205 43.90 -24.46 -17.92
N ILE B 206 43.65 -25.48 -18.75
CA ILE B 206 44.31 -25.54 -20.06
C ILE B 206 43.90 -24.33 -20.91
N LEU B 207 42.60 -24.04 -20.96
CA LEU B 207 42.12 -22.92 -21.76
C LEU B 207 42.65 -21.59 -21.22
N GLY B 208 42.76 -21.47 -19.90
CA GLY B 208 43.31 -20.26 -19.31
C GLY B 208 44.78 -20.08 -19.61
N VAL B 209 45.53 -21.18 -19.64
CA VAL B 209 46.94 -21.09 -20.03
C VAL B 209 47.06 -20.61 -21.46
N LEU B 210 46.24 -21.18 -22.35
CA LEU B 210 46.28 -20.74 -23.75
C LEU B 210 45.86 -19.28 -23.89
N ALA B 211 44.81 -18.87 -23.18
CA ALA B 211 44.35 -17.49 -23.25
C ALA B 211 45.37 -16.53 -22.68
N GLY B 212 46.05 -16.91 -21.61
CA GLY B 212 47.10 -16.07 -21.07
C GLY B 212 48.26 -15.93 -22.05
N LEU B 213 48.66 -17.04 -22.69
CA LEU B 213 49.71 -16.96 -23.69
C LEU B 213 49.32 -16.03 -24.82
N PHE B 214 48.07 -16.12 -25.29
CA PHE B 214 47.63 -15.26 -26.38
C PHE B 214 47.59 -13.80 -25.94
N HIS B 215 46.84 -13.50 -24.88
CA HIS B 215 46.68 -12.13 -24.42
C HIS B 215 48.01 -11.52 -23.97
N LEU B 216 49.02 -12.35 -23.72
CA LEU B 216 50.36 -11.90 -23.42
C LEU B 216 51.22 -11.66 -24.65
N CYS B 217 51.01 -12.46 -25.70
CA CYS B 217 51.84 -12.34 -26.90
C CYS B 217 51.23 -11.46 -27.98
N VAL B 218 49.95 -11.12 -27.88
CA VAL B 218 49.25 -10.34 -28.89
C VAL B 218 48.76 -9.05 -28.24
N ARG B 219 49.17 -7.91 -28.81
CA ARG B 219 48.74 -6.61 -28.33
C ARG B 219 47.30 -6.33 -28.75
N PRO B 220 46.59 -5.48 -28.01
CA PRO B 220 45.22 -5.15 -28.40
C PRO B 220 45.17 -4.22 -29.60
N SER B 221 44.02 -4.20 -30.27
CA SER B 221 43.81 -3.30 -31.39
C SER B 221 43.55 -1.88 -30.89
N ILE B 222 43.81 -0.91 -31.77
CA ILE B 222 43.60 0.50 -31.40
C ILE B 222 42.13 0.77 -31.15
N ARG B 223 41.25 0.17 -31.95
CA ARG B 223 39.82 0.41 -31.79
C ARG B 223 39.32 -0.09 -30.44
N LEU B 224 39.76 -1.28 -30.03
CA LEU B 224 39.38 -1.79 -28.72
C LEU B 224 40.08 -1.03 -27.61
N TYR B 225 41.32 -0.58 -27.83
CA TYR B 225 42.04 0.16 -26.81
C TYR B 225 41.34 1.48 -26.50
N PHE B 226 40.87 2.19 -27.53
CA PHE B 226 40.11 3.41 -27.29
C PHE B 226 38.72 3.12 -26.76
N GLY B 227 38.04 2.11 -27.33
CA GLY B 227 36.66 1.83 -26.94
C GLY B 227 36.55 1.37 -25.50
N LEU B 228 37.46 0.52 -25.06
CA LEU B 228 37.43 -0.01 -23.71
C LEU B 228 38.22 0.85 -22.72
N SER B 229 38.85 1.93 -23.17
CA SER B 229 39.66 2.79 -22.32
C SER B 229 40.71 1.97 -21.57
N MET B 230 41.51 1.24 -22.36
CA MET B 230 42.46 0.29 -21.79
C MET B 230 43.64 0.95 -21.08
N GLY B 231 43.78 2.27 -21.19
CA GLY B 231 44.86 2.96 -20.53
C GLY B 231 44.61 3.38 -19.09
N SER B 232 43.44 3.06 -18.54
CA SER B 232 43.07 3.51 -17.21
C SER B 232 42.86 2.31 -16.29
N ILE B 233 43.36 2.43 -15.05
CA ILE B 233 43.14 1.41 -14.03
C ILE B 233 41.67 1.34 -13.62
N GLU B 234 40.93 2.44 -13.79
CA GLU B 234 39.53 2.45 -13.40
C GLU B 234 38.71 1.49 -14.26
N THR B 235 39.06 1.37 -15.54
CA THR B 235 38.38 0.43 -16.43
C THR B 235 38.50 -1.00 -15.90
N VAL B 236 39.73 -1.42 -15.59
CA VAL B 236 39.93 -2.79 -15.15
C VAL B 236 39.33 -2.99 -13.76
N LEU B 237 39.29 -1.95 -12.94
CA LEU B 237 38.56 -2.06 -11.68
C LEU B 237 37.08 -2.35 -11.93
N SER B 238 36.47 -1.62 -12.86
CA SER B 238 35.05 -1.83 -13.15
C SER B 238 34.80 -3.25 -13.68
N SER B 239 35.65 -3.71 -14.60
CA SER B 239 35.47 -5.04 -15.16
C SER B 239 35.67 -6.12 -14.10
N SER B 240 36.65 -5.93 -13.21
CA SER B 240 36.86 -6.89 -12.13
C SER B 240 35.67 -6.93 -11.18
N ILE B 241 35.10 -5.76 -10.87
CA ILE B 241 33.90 -5.73 -10.03
C ILE B 241 32.76 -6.49 -10.70
N ALA B 242 32.60 -6.30 -12.01
CA ALA B 242 31.57 -7.03 -12.75
C ALA B 242 31.79 -8.54 -12.63
N ALA B 243 33.03 -8.97 -12.88
CA ALA B 243 33.32 -10.41 -12.83
C ALA B 243 33.08 -10.98 -11.44
N VAL B 244 33.48 -10.25 -10.39
CA VAL B 244 33.34 -10.80 -9.05
C VAL B 244 31.88 -10.86 -8.63
N PHE B 245 31.05 -9.89 -9.04
CA PHE B 245 29.65 -10.06 -8.62
C PHE B 245 28.95 -11.14 -9.44
N TRP B 246 29.36 -11.33 -10.70
CA TRP B 246 28.86 -12.48 -11.44
C TRP B 246 29.21 -13.78 -10.73
N ALA B 247 30.47 -13.92 -10.32
CA ALA B 247 30.90 -15.13 -9.65
C ALA B 247 30.17 -15.31 -8.32
N ALA B 248 29.93 -14.21 -7.60
CA ALA B 248 29.20 -14.29 -6.34
C ALA B 248 27.78 -14.76 -6.56
N PHE B 249 27.10 -14.23 -7.58
CA PHE B 249 25.75 -14.70 -7.88
C PHE B 249 25.74 -16.19 -8.20
N VAL B 250 26.69 -16.63 -9.03
CA VAL B 250 26.72 -18.04 -9.42
C VAL B 250 26.97 -18.93 -8.21
N VAL B 251 27.94 -18.56 -7.37
CA VAL B 251 28.30 -19.41 -6.23
C VAL B 251 27.18 -19.42 -5.20
N ALA B 252 26.52 -18.27 -4.99
CA ALA B 252 25.40 -18.24 -4.05
C ALA B 252 24.24 -19.09 -4.56
N GLY B 253 23.96 -19.03 -5.86
CA GLY B 253 22.93 -19.90 -6.40
C GLY B 253 23.25 -21.37 -6.23
N THR B 254 24.50 -21.75 -6.50
CA THR B 254 24.88 -23.15 -6.33
C THR B 254 24.80 -23.58 -4.87
N MET B 255 25.19 -22.70 -3.95
CA MET B 255 25.10 -23.03 -2.54
C MET B 255 23.65 -23.19 -2.09
N TRP B 256 22.76 -22.32 -2.57
CA TRP B 256 21.36 -22.39 -2.15
C TRP B 256 20.67 -23.62 -2.73
N TYR B 257 20.87 -23.87 -4.02
CA TYR B 257 20.21 -25.03 -4.64
C TYR B 257 20.96 -26.33 -4.42
N GLY B 258 22.19 -26.28 -3.93
CA GLY B 258 22.96 -27.48 -3.68
C GLY B 258 23.63 -28.03 -4.93
N SER B 259 24.81 -28.61 -4.76
CA SER B 259 25.57 -29.20 -5.85
C SER B 259 26.59 -30.16 -5.26
N ALA B 260 27.44 -30.72 -6.12
CA ALA B 260 28.50 -31.60 -5.65
C ALA B 260 29.57 -30.86 -4.87
N ALA B 261 29.64 -29.54 -5.02
CA ALA B 261 30.61 -28.72 -4.29
C ALA B 261 30.10 -28.26 -2.93
N THR B 262 28.83 -28.52 -2.62
CA THR B 262 28.24 -28.16 -1.33
C THR B 262 27.51 -29.37 -0.76
N PRO B 263 28.25 -30.34 -0.22
CA PRO B 263 27.61 -31.53 0.33
C PRO B 263 26.74 -31.19 1.54
N ILE B 264 25.67 -31.96 1.72
CA ILE B 264 24.75 -31.70 2.81
C ILE B 264 25.32 -32.12 4.16
N GLU B 265 26.36 -32.95 4.17
CA GLU B 265 27.01 -33.32 5.42
C GLU B 265 27.86 -32.19 5.98
N LEU B 266 28.10 -31.13 5.20
CA LEU B 266 28.98 -30.05 5.59
C LEU B 266 28.25 -28.72 5.76
N PHE B 267 27.38 -28.37 4.82
CA PHE B 267 26.61 -27.14 4.88
C PHE B 267 25.16 -27.36 5.28
N GLY B 268 24.77 -28.61 5.56
CA GLY B 268 23.41 -28.92 5.92
C GLY B 268 22.54 -29.16 4.71
N PRO B 269 21.34 -29.68 4.94
CA PRO B 269 20.42 -29.93 3.82
C PRO B 269 19.84 -28.63 3.28
N THR B 270 19.27 -28.72 2.10
CA THR B 270 18.63 -27.58 1.46
C THR B 270 17.12 -27.60 1.75
N ARG B 271 16.48 -26.45 1.50
CA ARG B 271 15.04 -26.37 1.71
C ARG B 271 14.27 -27.13 0.65
N TYR B 272 14.86 -27.32 -0.53
CA TYR B 272 14.17 -28.04 -1.60
C TYR B 272 14.13 -29.54 -1.35
N GLN B 273 15.03 -30.07 -0.52
CA GLN B 273 14.93 -31.46 -0.12
C GLN B 273 13.76 -31.69 0.81
N TRP B 274 13.46 -30.72 1.68
CA TRP B 274 12.29 -30.80 2.53
C TRP B 274 11.00 -30.51 1.75
N ASP B 275 11.06 -29.60 0.78
CA ASP B 275 9.87 -29.27 0.00
C ASP B 275 9.37 -30.48 -0.78
N GLN B 276 10.28 -31.24 -1.38
CA GLN B 276 9.91 -32.38 -2.22
C GLN B 276 9.90 -33.69 -1.46
N GLY B 277 10.15 -33.68 -0.16
CA GLY B 277 10.16 -34.92 0.61
C GLY B 277 11.23 -35.89 0.18
N PHE B 278 12.45 -35.39 -0.05
CA PHE B 278 13.55 -36.24 -0.52
C PHE B 278 13.86 -37.34 0.49
N PHE B 279 14.28 -36.95 1.70
CA PHE B 279 14.60 -37.93 2.72
C PHE B 279 13.38 -38.70 3.18
N GLN B 280 12.22 -38.04 3.21
CA GLN B 280 10.99 -38.74 3.56
C GLN B 280 10.68 -39.85 2.56
N GLN B 281 10.81 -39.55 1.27
CA GLN B 281 10.59 -40.57 0.24
C GLN B 281 11.61 -41.70 0.36
N GLU B 282 12.87 -41.37 0.62
CA GLU B 282 13.88 -42.42 0.76
C GLU B 282 13.57 -43.33 1.95
N ILE B 283 13.20 -42.73 3.09
CA ILE B 283 12.88 -43.52 4.28
C ILE B 283 11.65 -44.39 4.02
N GLN B 284 10.63 -43.84 3.37
CA GLN B 284 9.45 -44.63 3.06
C GLN B 284 9.79 -45.79 2.12
N LYS B 285 10.63 -45.55 1.12
CA LYS B 285 11.06 -46.64 0.24
C LYS B 285 11.80 -47.72 1.02
N ARG B 286 12.69 -47.30 1.93
CA ARG B 286 13.44 -48.28 2.71
C ARG B 286 12.52 -49.12 3.58
N VAL B 287 11.57 -48.48 4.26
CA VAL B 287 10.70 -49.23 5.17
C VAL B 287 9.75 -50.12 4.38
N GLN B 288 9.29 -49.68 3.21
CA GLN B 288 8.45 -50.54 2.38
C GLN B 288 9.23 -51.74 1.88
N ALA B 289 10.49 -51.54 1.49
CA ALA B 289 11.33 -52.66 1.07
C ALA B 289 11.55 -53.64 2.22
N SER B 290 11.77 -53.12 3.42
CA SER B 290 11.94 -53.99 4.58
C SER B 290 10.66 -54.78 4.88
N LEU B 291 9.51 -54.12 4.78
CA LEU B 291 8.24 -54.78 5.06
C LEU B 291 7.91 -55.81 3.98
N ALA B 292 8.38 -55.60 2.75
CA ALA B 292 8.11 -56.56 1.68
C ALA B 292 8.71 -57.93 2.00
N GLU B 293 9.92 -57.95 2.53
CA GLU B 293 10.58 -59.20 2.91
C GLU B 293 10.25 -59.60 4.35
N GLY B 294 8.96 -59.65 4.65
CA GLY B 294 8.52 -60.00 6.00
C GLY B 294 8.78 -58.90 7.00
N ALA B 295 9.58 -59.20 8.02
CA ALA B 295 9.96 -58.25 9.06
C ALA B 295 8.74 -57.69 9.78
N SER B 296 8.94 -56.61 10.55
CA SER B 296 7.88 -55.98 11.31
C SER B 296 8.07 -54.48 11.25
N LEU B 297 7.03 -53.75 11.66
CA LEU B 297 7.12 -52.28 11.68
C LEU B 297 8.23 -51.81 12.60
N SER B 298 8.33 -52.42 13.79
CA SER B 298 9.39 -52.02 14.73
C SER B 298 10.76 -52.30 14.15
N ASP B 299 10.97 -53.48 13.58
CA ASP B 299 12.26 -53.82 13.00
C ASP B 299 12.58 -52.93 11.81
N ALA B 300 11.59 -52.72 10.93
CA ALA B 300 11.82 -51.91 9.74
C ALA B 300 12.17 -50.47 10.11
N TRP B 301 11.49 -49.91 11.10
CA TRP B 301 11.78 -48.53 11.48
C TRP B 301 13.04 -48.42 12.31
N SER B 302 13.43 -49.46 13.04
CA SER B 302 14.70 -49.46 13.74
C SER B 302 15.87 -49.65 12.77
N ARG B 303 15.62 -50.23 11.59
CA ARG B 303 16.66 -50.39 10.60
C ARG B 303 17.05 -49.05 9.95
N ILE B 304 16.24 -48.03 10.11
CA ILE B 304 16.53 -46.72 9.50
C ILE B 304 17.64 -46.04 10.30
N PRO B 305 18.69 -45.54 9.66
CA PRO B 305 19.73 -44.83 10.40
C PRO B 305 19.21 -43.54 11.02
N GLU B 306 19.83 -43.16 12.14
CA GLU B 306 19.41 -41.95 12.83
C GLU B 306 19.70 -40.70 12.02
N LYS B 307 20.83 -40.68 11.30
CA LYS B 307 21.19 -39.50 10.51
C LYS B 307 20.17 -39.25 9.40
N LEU B 308 19.73 -40.32 8.73
CA LEU B 308 18.77 -40.17 7.65
C LEU B 308 17.45 -39.58 8.16
N ALA B 309 17.00 -40.05 9.33
CA ALA B 309 15.81 -39.46 9.93
C ALA B 309 16.06 -38.02 10.37
N PHE B 310 17.29 -37.72 10.80
CA PHE B 310 17.61 -36.35 11.21
C PHE B 310 17.53 -35.38 10.03
N TYR B 311 17.96 -35.82 8.85
CA TYR B 311 17.81 -34.98 7.67
C TYR B 311 16.36 -34.68 7.37
N ASP B 312 15.46 -35.58 7.72
CA ASP B 312 14.02 -35.38 7.52
C ASP B 312 13.42 -34.68 8.74
N TYR B 313 13.75 -33.40 8.87
CA TYR B 313 13.31 -32.60 9.99
C TYR B 313 13.37 -31.14 9.60
N ILE B 314 12.28 -30.40 9.84
CA ILE B 314 12.21 -29.02 9.40
C ILE B 314 13.15 -28.11 10.18
N GLY B 315 13.65 -28.57 11.33
CA GLY B 315 14.61 -27.76 12.07
C GLY B 315 15.90 -27.54 11.32
N ASN B 316 16.32 -28.52 10.52
CA ASN B 316 17.52 -28.42 9.72
C ASN B 316 17.31 -27.67 8.41
N ASN B 317 16.06 -27.29 8.11
CA ASN B 317 15.77 -26.56 6.89
C ASN B 317 16.39 -25.17 6.95
N PRO B 318 17.24 -24.78 5.99
CA PRO B 318 17.86 -23.45 6.05
C PRO B 318 16.87 -22.31 5.93
N ALA B 319 15.71 -22.53 5.29
CA ALA B 319 14.74 -21.46 5.12
C ALA B 319 14.11 -21.08 6.46
N LYS B 320 13.95 -22.04 7.35
CA LYS B 320 13.40 -21.76 8.68
C LYS B 320 14.44 -21.07 9.54
N GLY B 321 14.43 -19.75 9.54
CA GLY B 321 15.42 -19.00 10.31
C GLY B 321 15.06 -17.54 10.36
N GLY B 322 15.85 -16.80 11.12
CA GLY B 322 15.64 -15.37 11.29
C GLY B 322 16.90 -14.58 11.03
N LEU B 323 16.70 -13.37 10.50
CA LEU B 323 17.83 -12.51 10.20
C LEU B 323 18.58 -12.09 11.46
N PHE B 324 17.86 -11.78 12.53
CA PHE B 324 18.46 -11.38 13.79
C PHE B 324 18.57 -12.52 14.79
N ARG B 325 18.18 -13.74 14.41
CA ARG B 325 18.33 -14.90 15.27
C ARG B 325 19.77 -15.39 15.15
N THR B 326 20.66 -14.80 15.94
CA THR B 326 22.07 -15.08 15.83
C THR B 326 22.41 -16.42 16.48
N GLY B 327 23.63 -16.88 16.25
CA GLY B 327 24.14 -18.08 16.88
C GLY B 327 24.02 -19.30 16.01
N ALA B 328 24.31 -20.44 16.63
CA ALA B 328 24.27 -21.73 15.97
C ALA B 328 22.84 -22.26 15.89
N MET B 329 22.67 -23.33 15.11
CA MET B 329 21.38 -24.02 15.09
C MET B 329 21.06 -24.63 16.44
N ASN B 330 22.09 -25.15 17.14
CA ASN B 330 21.89 -25.70 18.48
C ASN B 330 21.46 -24.63 19.47
N SER B 331 21.79 -23.36 19.21
CA SER B 331 21.40 -22.28 20.11
C SER B 331 19.90 -22.02 20.12
N GLY B 332 19.16 -22.60 19.18
CA GLY B 332 17.72 -22.49 19.16
C GLY B 332 17.06 -23.79 18.80
N ASP B 333 16.18 -24.28 19.68
CA ASP B 333 15.49 -25.57 19.78
C ASP B 333 16.36 -26.63 20.45
N GLY B 334 17.59 -26.30 20.83
CA GLY B 334 18.42 -27.19 21.61
C GLY B 334 19.25 -28.15 20.77
N ILE B 335 20.09 -28.91 21.46
CA ILE B 335 20.97 -29.88 20.83
C ILE B 335 20.26 -31.23 20.77
N ALA B 336 20.29 -31.86 19.61
CA ALA B 336 19.69 -33.19 19.46
C ALA B 336 20.51 -34.21 20.23
N VAL B 337 19.82 -35.12 20.92
CA VAL B 337 20.50 -36.10 21.76
C VAL B 337 19.99 -37.51 21.47
N GLY B 338 18.91 -37.61 20.69
CA GLY B 338 18.36 -38.91 20.38
C GLY B 338 17.15 -38.80 19.48
N TRP B 339 16.83 -39.92 18.86
CA TRP B 339 15.67 -40.04 17.98
C TRP B 339 14.60 -40.86 18.67
N LEU B 340 13.41 -40.28 18.84
CA LEU B 340 12.33 -41.01 19.51
C LEU B 340 11.84 -42.17 18.66
N GLY B 341 11.74 -41.98 17.35
CA GLY B 341 11.21 -42.99 16.45
C GLY B 341 9.99 -42.49 15.71
N HIS B 342 9.63 -43.24 14.67
CA HIS B 342 8.47 -42.88 13.86
C HIS B 342 7.20 -43.01 14.68
N ALA B 343 6.34 -42.00 14.60
CA ALA B 343 5.08 -41.96 15.34
C ALA B 343 3.94 -42.23 14.36
N SER B 344 3.32 -43.40 14.48
CA SER B 344 2.18 -43.78 13.67
C SER B 344 0.91 -43.50 14.46
N PHE B 345 0.03 -42.69 13.90
CA PHE B 345 -1.22 -42.31 14.56
C PHE B 345 -2.36 -43.15 13.99
N LYS B 346 -3.16 -43.74 14.87
CA LYS B 346 -4.31 -44.54 14.46
C LYS B 346 -5.52 -44.11 15.27
N ASP B 347 -6.64 -43.86 14.58
CA ASP B 347 -7.84 -43.45 15.27
C ASP B 347 -8.47 -44.63 16.01
N GLN B 348 -9.56 -44.37 16.71
CA GLN B 348 -10.21 -45.41 17.50
C GLN B 348 -10.75 -46.53 16.63
N GLU B 349 -11.16 -46.21 15.41
CA GLU B 349 -11.65 -47.25 14.50
C GLU B 349 -10.52 -48.20 14.10
N GLY B 350 -9.37 -47.65 13.72
CA GLY B 350 -8.24 -48.48 13.34
C GLY B 350 -7.48 -47.94 12.14
N ARG B 351 -8.04 -46.94 11.46
CA ARG B 351 -7.36 -46.37 10.30
C ARG B 351 -6.11 -45.61 10.71
N GLU B 352 -5.03 -45.81 9.95
CA GLU B 352 -3.81 -45.07 10.21
C GLU B 352 -3.95 -43.62 9.77
N LEU B 353 -3.35 -42.72 10.55
CA LEU B 353 -3.44 -41.29 10.29
C LEU B 353 -2.05 -40.70 10.09
N PHE B 354 -1.96 -39.73 9.20
CA PHE B 354 -0.71 -39.05 8.88
C PHE B 354 -0.87 -37.56 9.13
N VAL B 355 0.16 -36.96 9.72
CA VAL B 355 0.12 -35.53 10.04
C VAL B 355 0.54 -34.74 8.82
N ARG B 356 -0.25 -33.71 8.48
CA ARG B 356 0.10 -32.84 7.37
C ARG B 356 1.35 -32.03 7.74
N ARG B 357 2.44 -32.27 7.01
CA ARG B 357 3.71 -31.66 7.35
C ARG B 357 3.68 -30.15 7.09
N MET B 358 4.44 -29.43 7.90
CA MET B 358 4.47 -27.97 7.81
C MET B 358 5.29 -27.53 6.61
N PRO B 359 4.73 -26.71 5.71
CA PRO B 359 5.54 -26.14 4.63
C PRO B 359 6.51 -25.10 5.18
N THR B 360 7.45 -24.70 4.31
CA THR B 360 8.48 -23.75 4.74
C THR B 360 7.93 -22.35 4.92
N PHE B 361 6.86 -22.01 4.21
CA PHE B 361 6.32 -20.65 4.28
C PHE B 361 5.66 -20.34 5.61
N PHE B 362 5.23 -21.35 6.36
CA PHE B 362 4.39 -21.16 7.53
C PHE B 362 5.24 -21.20 8.80
N GLU B 363 5.29 -20.07 9.51
CA GLU B 363 5.93 -20.07 10.82
C GLU B 363 5.15 -20.96 11.80
N THR B 364 3.83 -20.89 11.76
CA THR B 364 2.96 -21.75 12.53
C THR B 364 1.96 -22.41 11.58
N PHE B 365 1.72 -23.71 11.79
CA PHE B 365 0.85 -24.45 10.91
C PHE B 365 -0.20 -25.21 11.73
N PRO B 366 -1.43 -25.30 11.23
CA PRO B 366 -2.44 -26.11 11.93
C PRO B 366 -2.03 -27.58 11.97
N VAL B 367 -2.44 -28.25 13.04
CA VAL B 367 -2.17 -29.67 13.22
C VAL B 367 -3.35 -30.46 12.65
N LEU B 368 -3.11 -31.16 11.54
CA LEU B 368 -4.15 -31.94 10.87
C LEU B 368 -3.66 -33.36 10.68
N LEU B 369 -4.48 -34.32 11.06
CA LEU B 369 -4.20 -35.74 10.89
C LEU B 369 -5.11 -36.26 9.78
N LEU B 370 -4.50 -36.62 8.66
CA LEU B 370 -5.20 -37.08 7.47
C LEU B 370 -5.19 -38.60 7.40
N ASP B 371 -6.05 -39.14 6.55
CA ASP B 371 -6.05 -40.57 6.28
C ASP B 371 -5.24 -40.84 5.01
N LYS B 372 -5.28 -42.08 4.53
CA LYS B 372 -4.56 -42.41 3.30
C LYS B 372 -5.14 -41.71 2.08
N ASP B 373 -6.40 -41.31 2.14
CA ASP B 373 -7.07 -40.65 1.03
C ASP B 373 -6.91 -39.13 1.06
N GLY B 374 -6.36 -38.57 2.13
CA GLY B 374 -6.19 -37.14 2.24
C GLY B 374 -7.30 -36.41 2.95
N ILE B 375 -8.30 -37.12 3.47
CA ILE B 375 -9.39 -36.49 4.19
C ILE B 375 -8.95 -36.19 5.62
N VAL B 376 -9.37 -35.03 6.14
CA VAL B 376 -8.98 -34.59 7.47
C VAL B 376 -9.75 -35.43 8.49
N ARG B 377 -9.13 -36.49 8.98
CA ARG B 377 -9.79 -37.34 9.97
C ARG B 377 -9.78 -36.70 11.35
N ALA B 378 -8.70 -36.00 11.72
CA ALA B 378 -8.60 -35.39 13.02
C ALA B 378 -7.84 -34.07 12.91
N ASP B 379 -7.96 -33.25 13.94
CA ASP B 379 -7.21 -31.99 13.98
C ASP B 379 -7.16 -31.49 15.41
N VAL B 380 -6.20 -30.60 15.66
CA VAL B 380 -6.11 -29.87 16.91
C VAL B 380 -6.80 -28.52 16.69
N PRO B 381 -7.92 -28.25 17.34
CA PRO B 381 -8.64 -26.99 17.09
C PRO B 381 -7.83 -25.80 17.57
N PHE B 382 -8.12 -24.65 16.96
CA PHE B 382 -7.45 -23.41 17.36
C PHE B 382 -7.69 -23.14 18.84
N ARG B 383 -6.85 -22.26 19.40
CA ARG B 383 -6.81 -21.99 20.83
C ARG B 383 -8.20 -21.75 21.41
N LYS B 384 -8.65 -22.66 22.27
CA LYS B 384 -9.94 -22.57 22.94
C LYS B 384 -11.09 -22.36 21.95
N ALA B 385 -11.20 -23.29 21.02
CA ALA B 385 -12.24 -23.27 20.00
C ALA B 385 -13.14 -24.49 20.12
N GLU B 386 -14.32 -24.39 19.54
CA GLU B 386 -15.27 -25.51 19.53
C GLU B 386 -14.68 -26.68 18.77
N SER B 387 -14.75 -27.86 19.37
CA SER B 387 -14.14 -29.06 18.82
C SER B 387 -15.20 -29.95 18.18
N LYS B 388 -14.92 -30.45 16.98
CA LYS B 388 -15.82 -31.36 16.29
C LYS B 388 -15.06 -32.60 15.85
N TYR B 389 -13.76 -32.46 15.57
CA TYR B 389 -12.90 -33.57 15.20
C TYR B 389 -11.61 -33.56 16.01
N SER B 390 -11.68 -33.08 17.25
CA SER B 390 -10.51 -33.06 18.11
C SER B 390 -10.06 -34.48 18.44
N ILE B 391 -8.77 -34.63 18.74
CA ILE B 391 -8.21 -35.95 19.02
C ILE B 391 -8.82 -36.56 20.27
N GLU B 392 -9.34 -35.74 21.17
CA GLU B 392 -10.08 -36.28 22.33
C GLU B 392 -11.35 -36.97 21.87
N GLN B 393 -12.09 -36.34 20.96
CA GLN B 393 -13.34 -36.93 20.48
C GLN B 393 -13.09 -38.06 19.49
N VAL B 394 -12.10 -37.91 18.62
CA VAL B 394 -11.81 -38.97 17.65
C VAL B 394 -11.20 -40.18 18.35
N GLY B 395 -10.28 -39.95 19.28
CA GLY B 395 -9.64 -41.04 19.99
C GLY B 395 -8.38 -41.53 19.32
N VAL B 396 -7.51 -40.60 18.93
CA VAL B 396 -6.29 -40.94 18.23
C VAL B 396 -5.26 -41.47 19.23
N SER B 397 -4.62 -42.59 18.89
CA SER B 397 -3.56 -43.18 19.69
C SER B 397 -2.30 -43.26 18.85
N VAL B 398 -1.16 -42.97 19.46
CA VAL B 398 0.12 -42.88 18.76
C VAL B 398 1.02 -44.01 19.22
N THR B 399 1.57 -44.75 18.26
CA THR B 399 2.52 -45.82 18.55
C THR B 399 3.88 -45.45 17.96
N PHE B 400 4.94 -45.75 18.71
CA PHE B 400 6.28 -45.35 18.31
C PHE B 400 7.07 -46.58 17.88
N TYR B 401 7.65 -46.52 16.68
CA TYR B 401 8.47 -47.59 16.14
C TYR B 401 9.90 -47.08 15.97
N GLY B 402 10.86 -47.86 16.47
CA GLY B 402 12.25 -47.51 16.35
C GLY B 402 12.65 -46.39 17.31
N GLY B 403 13.95 -46.14 17.36
CA GLY B 403 14.45 -45.07 18.21
C GLY B 403 14.35 -45.40 19.69
N GLU B 404 14.42 -44.33 20.49
CA GLU B 404 14.35 -44.50 21.95
C GLU B 404 13.02 -45.09 22.37
N LEU B 405 11.92 -44.57 21.83
CA LEU B 405 10.58 -45.08 22.13
C LEU B 405 10.23 -46.09 21.05
N ASP B 406 10.38 -47.38 21.37
CA ASP B 406 10.09 -48.45 20.43
C ASP B 406 9.02 -49.34 21.02
N GLY B 407 7.91 -49.50 20.30
CA GLY B 407 6.80 -50.32 20.75
C GLY B 407 5.90 -49.67 21.77
N LEU B 408 6.16 -48.42 22.15
CA LEU B 408 5.35 -47.74 23.15
C LEU B 408 4.13 -47.10 22.49
N THR B 409 2.96 -47.28 23.10
CA THR B 409 1.71 -46.74 22.61
C THR B 409 1.12 -45.79 23.65
N PHE B 410 0.78 -44.58 23.21
CA PHE B 410 0.19 -43.57 24.07
C PHE B 410 -1.22 -43.27 23.58
N THR B 411 -2.18 -43.33 24.51
CA THR B 411 -3.56 -42.96 24.23
C THR B 411 -4.01 -41.73 24.99
N ASP B 412 -3.18 -41.20 25.89
CA ASP B 412 -3.50 -39.99 26.63
C ASP B 412 -3.60 -38.82 25.66
N PRO B 413 -4.73 -38.10 25.62
CA PRO B 413 -4.88 -37.02 24.63
C PRO B 413 -3.81 -35.94 24.74
N ALA B 414 -3.32 -35.63 25.94
CA ALA B 414 -2.28 -34.61 26.08
C ALA B 414 -0.99 -35.04 25.37
N THR B 415 -0.53 -36.27 25.66
CA THR B 415 0.69 -36.76 25.04
C THR B 415 0.51 -36.94 23.53
N VAL B 416 -0.67 -37.41 23.10
CA VAL B 416 -0.92 -37.57 21.68
C VAL B 416 -0.89 -36.23 20.97
N LYS B 417 -1.50 -35.20 21.57
CA LYS B 417 -1.49 -33.87 20.98
C LYS B 417 -0.06 -33.32 20.91
N LYS B 418 0.71 -33.48 21.98
CA LYS B 418 2.08 -33.00 22.00
C LYS B 418 2.91 -33.69 20.92
N TYR B 419 2.76 -35.00 20.78
CA TYR B 419 3.53 -35.72 19.77
C TYR B 419 3.07 -35.40 18.37
N ALA B 420 1.78 -35.12 18.17
CA ALA B 420 1.32 -34.68 16.86
C ALA B 420 1.90 -33.33 16.50
N ARG B 421 1.95 -32.40 17.46
CA ARG B 421 2.57 -31.10 17.21
C ARG B 421 4.06 -31.27 16.88
N LYS B 422 4.75 -32.15 17.59
CA LYS B 422 6.15 -32.38 17.30
C LYS B 422 6.37 -33.11 15.97
N ALA B 423 5.40 -33.92 15.56
CA ALA B 423 5.51 -34.70 14.33
C ALA B 423 5.13 -33.91 13.08
N GLN B 424 4.33 -32.86 13.22
CA GLN B 424 4.07 -32.01 12.07
C GLN B 424 5.33 -31.30 11.58
N LEU B 425 6.38 -31.27 12.40
CA LEU B 425 7.66 -30.70 12.02
C LEU B 425 8.55 -31.68 11.28
N GLY B 426 8.10 -32.92 11.09
CA GLY B 426 8.91 -33.97 10.50
C GLY B 426 9.12 -35.11 11.48
N GLU B 427 10.32 -35.68 11.45
CA GLU B 427 10.67 -36.74 12.41
C GLU B 427 10.83 -36.14 13.79
N ILE B 428 10.34 -36.87 14.80
CA ILE B 428 10.39 -36.39 16.18
C ILE B 428 11.76 -36.71 16.77
N PHE B 429 12.40 -35.70 17.34
CA PHE B 429 13.72 -35.86 17.95
C PHE B 429 13.70 -35.26 19.34
N GLU B 430 14.62 -35.76 20.18
CA GLU B 430 14.77 -35.27 21.54
C GLU B 430 15.90 -34.25 21.57
N PHE B 431 15.63 -33.09 22.16
CA PHE B 431 16.60 -32.02 22.28
C PHE B 431 16.77 -31.63 23.74
N ASP B 432 17.98 -31.22 24.09
CA ASP B 432 18.23 -30.58 25.37
C ASP B 432 18.45 -29.09 25.13
N ARG B 433 17.74 -28.26 25.91
CA ARG B 433 17.76 -26.82 25.74
C ARG B 433 18.31 -26.11 26.96
N SER B 434 18.97 -26.84 27.86
CA SER B 434 19.57 -26.26 29.06
C SER B 434 21.07 -26.08 28.94
N THR B 435 21.74 -26.86 28.09
CA THR B 435 23.18 -26.71 27.92
C THR B 435 23.53 -25.35 27.34
N LEU B 436 22.77 -24.90 26.35
CA LEU B 436 23.00 -23.61 25.70
C LEU B 436 21.93 -22.58 25.99
N GLN B 437 20.97 -22.90 26.86
CA GLN B 437 19.82 -22.04 27.14
C GLN B 437 19.11 -21.65 25.84
N SER B 438 18.80 -22.66 25.04
CA SER B 438 18.19 -22.43 23.73
C SER B 438 16.81 -21.81 23.89
N ASP B 439 16.50 -20.82 23.05
CA ASP B 439 15.24 -20.10 23.13
C ASP B 439 14.09 -20.80 22.40
N GLY B 440 14.36 -21.91 21.72
CA GLY B 440 13.32 -22.68 21.08
C GLY B 440 12.88 -22.19 19.73
N VAL B 441 13.53 -21.18 19.17
CA VAL B 441 13.19 -20.65 17.86
C VAL B 441 14.27 -21.06 16.87
N PHE B 442 13.88 -21.24 15.62
CA PHE B 442 14.77 -21.83 14.63
C PHE B 442 15.81 -20.83 14.13
N ARG B 443 17.06 -21.28 14.08
CA ARG B 443 18.13 -20.54 13.42
C ARG B 443 18.33 -21.07 12.01
N SER B 444 19.28 -20.49 11.30
CA SER B 444 19.56 -20.83 9.91
C SER B 444 20.92 -21.52 9.80
N SER B 445 21.00 -22.49 8.91
CA SER B 445 22.23 -23.23 8.68
C SER B 445 23.26 -22.35 7.98
N PRO B 446 24.53 -22.74 8.00
CA PRO B 446 25.54 -21.95 7.27
C PRO B 446 25.24 -21.78 5.80
N ARG B 447 24.48 -22.70 5.20
CA ARG B 447 24.04 -22.54 3.82
C ARG B 447 23.28 -21.24 3.64
N GLY B 448 22.28 -21.01 4.50
CA GLY B 448 21.47 -19.80 4.37
C GLY B 448 22.26 -18.54 4.64
N TRP B 449 23.12 -18.55 5.65
CA TRP B 449 23.93 -17.38 5.97
C TRP B 449 24.89 -17.04 4.83
N PHE B 450 25.55 -18.06 4.28
CA PHE B 450 26.43 -17.83 3.14
C PHE B 450 25.66 -17.28 1.95
N THR B 451 24.50 -17.87 1.66
CA THR B 451 23.71 -17.41 0.52
C THR B 451 23.29 -15.95 0.70
N PHE B 452 22.82 -15.60 1.90
CA PHE B 452 22.38 -14.23 2.15
C PHE B 452 23.55 -13.25 2.01
N GLY B 453 24.67 -13.57 2.67
CA GLY B 453 25.80 -12.67 2.61
C GLY B 453 26.31 -12.44 1.21
N HIS B 454 26.52 -13.53 0.46
CA HIS B 454 27.11 -13.36 -0.86
C HIS B 454 26.11 -12.83 -1.89
N VAL B 455 24.81 -13.08 -1.71
CA VAL B 455 23.83 -12.46 -2.60
C VAL B 455 23.77 -10.95 -2.36
N CYS B 456 23.76 -10.54 -1.09
CA CYS B 456 23.80 -9.10 -0.81
C CYS B 456 25.07 -8.46 -1.35
N PHE B 457 26.20 -9.16 -1.20
CA PHE B 457 27.46 -8.64 -1.72
C PHE B 457 27.42 -8.51 -3.24
N ALA B 458 26.85 -9.50 -3.94
CA ALA B 458 26.74 -9.41 -5.39
C ALA B 458 25.82 -8.27 -5.80
N LEU B 459 24.72 -8.08 -5.08
CA LEU B 459 23.82 -6.98 -5.40
C LEU B 459 24.50 -5.63 -5.22
N LEU B 460 25.28 -5.48 -4.15
CA LEU B 460 26.03 -4.23 -3.96
C LEU B 460 27.11 -4.06 -5.02
N PHE B 461 27.78 -5.15 -5.40
CA PHE B 461 28.83 -5.03 -6.40
C PHE B 461 28.28 -4.79 -7.79
N PHE B 462 26.99 -5.06 -8.02
CA PHE B 462 26.37 -4.58 -9.26
C PHE B 462 26.40 -3.06 -9.32
N PHE B 463 25.98 -2.41 -8.24
CA PHE B 463 26.10 -0.95 -8.17
C PHE B 463 27.55 -0.52 -8.25
N GLY B 464 28.47 -1.35 -7.72
CA GLY B 464 29.89 -1.05 -7.88
C GLY B 464 30.31 -1.03 -9.34
N HIS B 465 29.90 -2.05 -10.11
CA HIS B 465 30.14 -2.05 -11.54
C HIS B 465 29.59 -0.78 -12.17
N ILE B 466 28.35 -0.44 -11.84
CA ILE B 466 27.70 0.72 -12.45
C ILE B 466 28.50 1.99 -12.17
N TRP B 467 28.81 2.24 -10.89
CA TRP B 467 29.45 3.49 -10.50
C TRP B 467 30.87 3.59 -11.02
N HIS B 468 31.69 2.56 -10.75
CA HIS B 468 33.08 2.64 -11.16
C HIS B 468 33.22 2.62 -12.68
N GLY B 469 32.31 1.96 -13.40
CA GLY B 469 32.33 2.03 -14.85
C GLY B 469 31.84 3.35 -15.39
N ALA B 470 30.90 3.99 -14.68
CA ALA B 470 30.48 5.33 -15.05
C ALA B 470 31.63 6.31 -14.94
N ARG B 471 32.42 6.18 -13.87
CA ARG B 471 33.64 6.99 -13.76
C ARG B 471 34.62 6.64 -14.88
N THR B 472 34.70 5.34 -15.23
CA THR B 472 35.57 4.93 -16.32
C THR B 472 35.23 5.63 -17.63
N ILE B 473 33.96 5.54 -18.04
CA ILE B 473 33.57 6.05 -19.35
C ILE B 473 33.62 7.57 -19.38
N PHE B 474 33.21 8.22 -18.29
CA PHE B 474 33.03 9.67 -18.24
C PHE B 474 34.18 10.36 -17.53
N ARG B 475 35.41 9.90 -17.76
CA ARG B 475 36.56 10.50 -17.10
C ARG B 475 36.76 11.96 -17.50
N ASP B 476 36.31 12.33 -18.70
CA ASP B 476 36.47 13.71 -19.15
C ASP B 476 35.67 14.67 -18.28
N VAL B 477 34.46 14.30 -17.90
CA VAL B 477 33.61 15.16 -17.08
C VAL B 477 33.86 14.88 -15.61
N PHE B 478 34.86 14.04 -15.33
CA PHE B 478 35.25 13.71 -13.96
C PHE B 478 36.74 13.97 -13.76
N ALA B 479 37.27 13.52 -12.63
CA ALA B 479 38.70 13.62 -12.35
C ALA B 479 39.20 12.30 -11.79
N GLY B 480 40.47 11.99 -12.04
CA GLY B 480 41.06 10.76 -11.53
C GLY B 480 42.27 10.26 -12.28
N ILE B 481 42.22 8.97 -12.65
CA ILE B 481 43.39 8.30 -13.22
C ILE B 481 43.68 8.83 -14.63
N ASP B 482 44.96 8.89 -14.97
CA ASP B 482 45.42 9.26 -16.29
C ASP B 482 45.53 8.02 -17.18
N ASP B 483 45.79 8.24 -18.46
CA ASP B 483 45.88 7.16 -19.43
C ASP B 483 46.91 7.50 -20.50
N ASP B 484 47.40 6.46 -21.18
CA ASP B 484 48.44 6.61 -22.18
C ASP B 484 48.19 5.62 -23.32
N ILE B 485 48.57 6.02 -24.53
CA ILE B 485 48.44 5.16 -25.72
C ILE B 485 49.65 5.37 -26.61
N ASN B 486 49.91 4.39 -27.47
CA ASN B 486 51.02 4.42 -28.40
C ASN B 486 50.64 3.64 -29.65
N ASP B 487 51.36 3.92 -30.74
CA ASP B 487 51.20 3.22 -32.01
C ASP B 487 49.75 3.24 -32.49
N PHE C 1 -3.29 36.31 -18.57
CA PHE C 1 -3.73 34.97 -18.18
C PHE C 1 -3.81 34.04 -19.40
N ALA C 2 -3.46 32.78 -19.20
CA ALA C 2 -3.49 31.81 -20.28
C ALA C 2 -4.93 31.33 -20.50
N TRP C 3 -5.08 30.31 -21.36
CA TRP C 3 -6.41 29.78 -21.64
C TRP C 3 -7.06 29.20 -20.40
N TRP C 4 -6.32 28.38 -19.64
CA TRP C 4 -6.88 27.76 -18.45
C TRP C 4 -7.34 28.77 -17.42
N SER C 5 -6.54 29.80 -17.13
CA SER C 5 -6.92 30.86 -16.20
C SER C 5 -7.70 31.95 -16.93
N GLY C 6 -8.33 31.60 -18.05
CA GLY C 6 -9.02 32.61 -18.86
C GLY C 6 -10.11 33.34 -18.09
N ASN C 7 -10.88 32.61 -17.29
CA ASN C 7 -11.93 33.25 -16.49
C ASN C 7 -11.37 34.31 -15.56
N ALA C 8 -10.10 34.19 -15.16
CA ALA C 8 -9.47 35.20 -14.31
C ALA C 8 -9.44 36.57 -14.98
N ARG C 9 -9.54 36.62 -16.30
CA ARG C 9 -9.58 37.90 -17.00
C ARG C 9 -10.89 38.66 -16.76
N LEU C 10 -11.89 38.01 -16.18
CA LEU C 10 -13.20 38.63 -15.96
C LEU C 10 -13.30 39.36 -14.63
N ILE C 11 -12.18 39.69 -14.00
CA ILE C 11 -12.21 40.36 -12.71
C ILE C 11 -12.85 41.74 -12.84
N ASN C 12 -12.47 42.50 -13.87
CA ASN C 12 -12.99 43.85 -14.06
C ASN C 12 -14.12 43.93 -15.06
N LEU C 13 -14.40 42.87 -15.80
CA LEU C 13 -15.52 42.85 -16.76
C LEU C 13 -16.79 42.56 -15.98
N SER C 14 -17.43 43.63 -15.49
CA SER C 14 -18.58 43.46 -14.60
C SER C 14 -19.74 42.77 -15.32
N GLY C 15 -20.03 43.17 -16.55
CA GLY C 15 -21.13 42.55 -17.28
C GLY C 15 -20.89 41.08 -17.55
N LYS C 16 -19.68 40.75 -18.03
CA LYS C 16 -19.35 39.36 -18.30
C LYS C 16 -19.31 38.55 -17.01
N LEU C 17 -18.79 39.13 -15.93
CA LEU C 17 -18.75 38.42 -14.65
C LEU C 17 -20.17 38.11 -14.16
N LEU C 18 -21.06 39.10 -14.26
CA LEU C 18 -22.45 38.87 -13.89
C LEU C 18 -23.08 37.78 -14.75
N GLY C 19 -22.84 37.83 -16.06
CA GLY C 19 -23.38 36.81 -16.93
C GLY C 19 -22.88 35.42 -16.59
N ALA C 20 -21.58 35.31 -16.28
CA ALA C 20 -21.01 34.01 -15.93
C ALA C 20 -21.59 33.48 -14.62
N HIS C 21 -21.72 34.34 -13.61
CA HIS C 21 -22.30 33.89 -12.34
C HIS C 21 -23.75 33.47 -12.52
N VAL C 22 -24.51 34.22 -13.32
CA VAL C 22 -25.89 33.85 -13.58
C VAL C 22 -25.96 32.53 -14.35
N ALA C 23 -25.05 32.32 -15.29
CA ALA C 23 -25.03 31.06 -16.04
C ALA C 23 -24.73 29.88 -15.13
N HIS C 24 -23.77 30.05 -14.21
CA HIS C 24 -23.48 28.96 -13.29
C HIS C 24 -24.67 28.68 -12.36
N ALA C 25 -25.35 29.74 -11.91
CA ALA C 25 -26.56 29.53 -11.12
C ALA C 25 -27.63 28.79 -11.91
N GLY C 26 -27.78 29.14 -13.19
CA GLY C 26 -28.69 28.40 -14.05
C GLY C 26 -28.32 26.95 -14.18
N LEU C 27 -27.02 26.66 -14.27
CA LEU C 27 -26.57 25.27 -14.30
C LEU C 27 -26.92 24.54 -13.01
N ILE C 28 -26.76 25.21 -11.87
CA ILE C 28 -27.11 24.60 -10.59
C ILE C 28 -28.60 24.26 -10.57
N VAL C 29 -29.44 25.21 -10.98
CA VAL C 29 -30.88 24.98 -10.96
C VAL C 29 -31.27 23.90 -11.94
N PHE C 30 -30.57 23.85 -13.09
CA PHE C 30 -30.84 22.81 -14.09
C PHE C 30 -30.52 21.43 -13.55
N TRP C 31 -29.39 21.29 -12.87
CA TRP C 31 -29.08 20.02 -12.24
C TRP C 31 -30.14 19.65 -11.20
N ALA C 32 -30.55 20.63 -10.39
CA ALA C 32 -31.57 20.35 -9.39
C ALA C 32 -32.84 19.79 -10.03
N GLY C 33 -33.36 20.47 -11.05
CA GLY C 33 -34.57 20.02 -11.71
C GLY C 33 -34.40 18.68 -12.40
N ALA C 34 -33.30 18.52 -13.14
CA ALA C 34 -33.07 17.29 -13.90
C ALA C 34 -32.92 16.10 -12.97
N MET C 35 -32.18 16.25 -11.87
CA MET C 35 -32.00 15.13 -10.95
C MET C 35 -33.28 14.85 -10.17
N ASN C 36 -34.08 15.89 -9.87
CA ASN C 36 -35.39 15.63 -9.27
C ASN C 36 -36.26 14.80 -10.19
N LEU C 37 -36.28 15.15 -11.48
CA LEU C 37 -37.05 14.36 -12.44
C LEU C 37 -36.51 12.94 -12.55
N PHE C 38 -35.18 12.80 -12.55
CA PHE C 38 -34.57 11.47 -12.64
C PHE C 38 -34.94 10.60 -11.44
N GLU C 39 -34.90 11.18 -10.24
CA GLU C 39 -35.27 10.43 -9.04
C GLU C 39 -36.76 10.11 -9.04
N VAL C 40 -37.59 11.00 -9.55
CA VAL C 40 -39.02 10.71 -9.68
C VAL C 40 -39.24 9.54 -10.62
N SER C 41 -38.47 9.49 -11.71
CA SER C 41 -38.63 8.43 -12.70
C SER C 41 -38.39 7.06 -12.10
N HIS C 42 -37.35 6.91 -11.29
CA HIS C 42 -37.05 5.67 -10.59
C HIS C 42 -37.35 5.89 -9.11
N PHE C 43 -38.61 5.71 -8.74
CA PHE C 43 -39.00 5.91 -7.35
C PHE C 43 -39.63 4.69 -6.70
N VAL C 44 -40.56 4.02 -7.39
CA VAL C 44 -41.27 2.86 -6.86
C VAL C 44 -41.86 3.23 -5.51
N PRO C 45 -42.96 3.99 -5.46
CA PRO C 45 -43.43 4.52 -4.18
C PRO C 45 -44.07 3.47 -3.29
N GLU C 46 -43.40 2.33 -3.14
CA GLU C 46 -43.77 1.31 -2.16
C GLU C 46 -42.56 0.80 -1.41
N LYS C 47 -41.39 1.41 -1.61
CA LYS C 47 -40.12 1.01 -1.04
C LYS C 47 -39.47 2.22 -0.37
N PRO C 48 -38.76 2.02 0.74
CA PRO C 48 -38.12 3.16 1.41
C PRO C 48 -37.14 3.88 0.49
N MET C 49 -37.07 5.21 0.66
CA MET C 49 -36.24 6.03 -0.22
C MET C 49 -34.77 5.64 -0.12
N TYR C 50 -34.27 5.41 1.10
CA TYR C 50 -32.85 5.13 1.29
C TYR C 50 -32.41 3.81 0.67
N GLU C 51 -33.35 2.95 0.26
CA GLU C 51 -33.02 1.72 -0.43
C GLU C 51 -32.90 1.92 -1.94
N GLN C 52 -33.10 3.13 -2.43
CA GLN C 52 -33.02 3.42 -3.86
C GLN C 52 -32.00 4.51 -4.19
N GLY C 53 -31.21 4.94 -3.20
CA GLY C 53 -30.19 5.95 -3.44
C GLY C 53 -30.73 7.30 -3.85
N LEU C 54 -31.79 7.76 -3.20
CA LEU C 54 -32.40 9.04 -3.49
C LEU C 54 -32.00 10.06 -2.44
N ILE C 55 -31.60 11.24 -2.89
CA ILE C 55 -31.15 12.32 -2.01
C ILE C 55 -32.07 13.53 -2.08
N LEU C 56 -32.55 13.88 -3.27
CA LEU C 56 -33.41 15.05 -3.40
C LEU C 56 -34.82 14.77 -2.90
N LEU C 57 -35.35 13.59 -3.20
CA LEU C 57 -36.68 13.22 -2.71
C LEU C 57 -36.77 13.23 -1.19
N PRO C 58 -35.79 12.74 -0.42
CA PRO C 58 -35.84 12.97 1.03
C PRO C 58 -35.89 14.44 1.41
N HIS C 59 -35.17 15.29 0.68
CA HIS C 59 -35.19 16.71 0.98
C HIS C 59 -36.58 17.29 0.77
N ILE C 60 -37.25 16.90 -0.31
CA ILE C 60 -38.60 17.41 -0.56
C ILE C 60 -39.59 16.83 0.45
N ALA C 61 -39.41 15.55 0.81
CA ALA C 61 -40.31 14.91 1.75
C ALA C 61 -40.21 15.52 3.14
N THR C 62 -39.00 15.90 3.56
CA THR C 62 -38.83 16.54 4.86
C THR C 62 -39.67 17.80 4.98
N LEU C 63 -39.85 18.53 3.88
CA LEU C 63 -40.72 19.70 3.88
C LEU C 63 -42.18 19.32 4.11
N GLY C 64 -42.56 18.07 3.89
CA GLY C 64 -43.91 17.63 4.14
C GLY C 64 -44.77 17.55 2.89
N TYR C 65 -44.16 17.19 1.77
CA TYR C 65 -44.86 17.08 0.50
C TYR C 65 -45.05 15.61 0.15
N GLY C 66 -46.29 15.19 0.02
CA GLY C 66 -46.61 13.82 -0.34
C GLY C 66 -46.14 12.78 0.64
N VAL C 67 -46.30 13.04 1.94
CA VAL C 67 -45.91 12.10 2.98
C VAL C 67 -47.04 11.98 3.99
N GLY C 68 -47.14 10.80 4.61
CA GLY C 68 -48.11 10.55 5.63
C GLY C 68 -47.45 10.06 6.91
N PRO C 69 -48.26 9.53 7.83
CA PRO C 69 -47.69 8.97 9.06
C PRO C 69 -46.72 7.83 8.76
N GLY C 70 -45.63 7.79 9.51
CA GLY C 70 -44.62 6.76 9.30
C GLY C 70 -43.80 6.93 8.05
N GLY C 71 -43.81 8.11 7.45
CA GLY C 71 -43.06 8.33 6.22
C GLY C 71 -43.57 7.55 5.02
N GLU C 72 -44.89 7.49 4.84
CA GLU C 72 -45.49 6.80 3.70
C GLU C 72 -45.88 7.81 2.63
N ILE C 73 -45.67 7.44 1.37
CA ILE C 73 -45.86 8.35 0.24
C ILE C 73 -47.33 8.42 -0.08
N ILE C 74 -47.96 9.56 0.21
CA ILE C 74 -49.35 9.78 -0.17
C ILE C 74 -49.46 9.92 -1.69
N ASP C 75 -48.61 10.75 -2.28
CA ASP C 75 -48.59 10.94 -3.73
C ASP C 75 -47.22 11.45 -4.14
N THR C 76 -46.94 11.31 -5.43
CA THR C 76 -45.63 11.65 -5.99
C THR C 76 -45.65 12.94 -6.80
N PHE C 77 -46.83 13.48 -7.10
CA PHE C 77 -46.93 14.66 -7.95
C PHE C 77 -46.14 15.87 -7.46
N PRO C 78 -46.11 16.21 -6.16
CA PRO C 78 -45.34 17.40 -5.75
C PRO C 78 -43.86 17.34 -6.12
N TYR C 79 -43.23 16.16 -6.08
CA TYR C 79 -41.84 16.05 -6.48
C TYR C 79 -41.67 16.40 -7.96
N PHE C 80 -42.57 15.89 -8.80
CA PHE C 80 -42.53 16.22 -10.22
C PHE C 80 -42.74 17.71 -10.44
N VAL C 81 -43.66 18.31 -9.69
CA VAL C 81 -43.90 19.74 -9.81
C VAL C 81 -42.66 20.54 -9.45
N SER C 82 -42.00 20.17 -8.35
CA SER C 82 -40.78 20.86 -7.95
C SER C 82 -39.69 20.72 -9.01
N GLY C 83 -39.54 19.51 -9.56
CA GLY C 83 -38.56 19.31 -10.61
C GLY C 83 -38.84 20.17 -11.83
N VAL C 84 -40.10 20.22 -12.26
CA VAL C 84 -40.46 21.01 -13.43
C VAL C 84 -40.21 22.50 -13.18
N LEU C 85 -40.57 22.99 -11.99
CA LEU C 85 -40.38 24.41 -11.70
C LEU C 85 -38.91 24.79 -11.67
N HIS C 86 -38.09 23.99 -10.96
CA HIS C 86 -36.65 24.27 -11.00
C HIS C 86 -36.10 24.17 -12.42
N LEU C 87 -36.59 23.23 -13.22
CA LEU C 87 -36.08 23.09 -14.59
C LEU C 87 -36.39 24.33 -15.44
N ILE C 88 -37.63 24.82 -15.37
CA ILE C 88 -38.00 25.97 -16.20
C ILE C 88 -37.30 27.24 -15.70
N SER C 89 -37.22 27.41 -14.38
CA SER C 89 -36.46 28.54 -13.84
C SER C 89 -34.99 28.47 -14.27
N SER C 90 -34.45 27.25 -14.37
CA SER C 90 -33.09 27.08 -14.85
C SER C 90 -32.96 27.49 -16.31
N ALA C 91 -33.96 27.15 -17.12
CA ALA C 91 -33.94 27.61 -18.52
C ALA C 91 -33.92 29.13 -18.59
N VAL C 92 -34.75 29.78 -17.78
CA VAL C 92 -34.78 31.25 -17.77
C VAL C 92 -33.43 31.81 -17.32
N LEU C 93 -32.86 31.23 -16.27
CA LEU C 93 -31.58 31.71 -15.76
C LEU C 93 -30.46 31.50 -16.77
N GLY C 94 -30.50 30.38 -17.50
CA GLY C 94 -29.51 30.14 -18.53
C GLY C 94 -29.61 31.14 -19.67
N PHE C 95 -30.84 31.46 -20.09
CA PHE C 95 -31.01 32.51 -21.09
C PHE C 95 -30.46 33.84 -20.58
N GLY C 96 -30.71 34.16 -19.31
CA GLY C 96 -30.19 35.39 -18.76
C GLY C 96 -28.68 35.43 -18.72
N GLY C 97 -28.06 34.31 -18.34
CA GLY C 97 -26.61 34.25 -18.35
C GLY C 97 -26.03 34.39 -19.74
N VAL C 98 -26.66 33.73 -20.72
CA VAL C 98 -26.21 33.85 -22.10
C VAL C 98 -26.31 35.30 -22.57
N TYR C 99 -27.41 35.97 -22.24
CA TYR C 99 -27.57 37.37 -22.65
C TYR C 99 -26.53 38.26 -21.98
N HIS C 100 -26.52 38.29 -20.66
CA HIS C 100 -25.63 39.19 -19.93
C HIS C 100 -24.15 38.88 -20.17
N SER C 101 -23.83 37.65 -20.57
CA SER C 101 -22.43 37.30 -20.84
C SER C 101 -21.94 37.94 -22.14
N LEU C 102 -22.74 37.83 -23.20
CA LEU C 102 -22.29 38.24 -24.54
C LEU C 102 -23.08 39.42 -25.08
N ILE C 103 -24.42 39.31 -25.16
CA ILE C 103 -25.21 40.34 -25.81
C ILE C 103 -25.23 41.62 -24.98
N GLY C 104 -25.32 41.49 -23.66
CA GLY C 104 -25.42 42.64 -22.79
C GLY C 104 -24.14 43.45 -22.74
N PRO C 105 -24.19 44.60 -22.07
CA PRO C 105 -22.99 45.45 -21.98
C PRO C 105 -21.86 44.72 -21.27
N GLU C 106 -20.63 45.00 -21.73
CA GLU C 106 -19.47 44.32 -21.17
C GLU C 106 -19.14 44.85 -19.78
N THR C 107 -19.29 46.15 -19.57
CA THR C 107 -19.06 46.77 -18.27
C THR C 107 -20.29 47.59 -17.89
N LEU C 108 -20.75 47.40 -16.65
CA LEU C 108 -21.92 48.11 -16.16
C LEU C 108 -21.57 49.40 -15.42
N GLU C 109 -20.29 49.76 -15.35
CA GLU C 109 -19.89 50.90 -14.55
C GLU C 109 -20.45 52.21 -15.10
N GLU C 110 -20.45 52.37 -16.42
CA GLU C 110 -20.80 53.65 -17.02
C GLU C 110 -22.30 53.78 -17.32
N SER C 111 -22.91 52.75 -17.93
CA SER C 111 -24.30 52.88 -18.35
C SER C 111 -25.25 52.74 -17.16
N TYR C 112 -24.93 51.87 -16.21
CA TYR C 112 -25.81 51.57 -15.08
C TYR C 112 -25.03 51.74 -13.79
N PRO C 113 -24.94 52.97 -13.27
CA PRO C 113 -24.18 53.18 -12.03
C PRO C 113 -24.74 52.41 -10.85
N PHE C 114 -26.04 52.08 -10.86
CA PHE C 114 -26.61 51.27 -9.79
C PHE C 114 -26.02 49.86 -9.81
N PHE C 115 -25.82 49.28 -10.98
CA PHE C 115 -25.27 47.94 -11.11
C PHE C 115 -23.76 47.92 -11.34
N GLY C 116 -23.12 49.09 -11.39
CA GLY C 116 -21.68 49.15 -11.56
C GLY C 116 -20.98 49.07 -10.21
N TYR C 117 -19.86 48.35 -10.17
CA TYR C 117 -19.12 48.17 -8.95
C TYR C 117 -17.63 48.08 -9.25
N VAL C 118 -16.82 48.54 -8.29
CA VAL C 118 -15.37 48.41 -8.34
C VAL C 118 -14.94 47.70 -7.06
N TRP C 119 -14.06 46.71 -7.20
CA TRP C 119 -13.64 45.92 -6.05
C TRP C 119 -13.04 46.78 -4.95
N LYS C 120 -12.39 47.89 -5.31
CA LYS C 120 -11.82 48.77 -4.30
C LYS C 120 -12.90 49.60 -3.62
N ASP C 121 -14.03 49.85 -4.29
CA ASP C 121 -15.11 50.60 -3.68
C ASP C 121 -15.68 49.84 -2.50
N LYS C 122 -15.60 50.45 -1.31
CA LYS C 122 -15.97 49.78 -0.07
C LYS C 122 -17.43 50.00 0.31
N ASN C 123 -18.20 50.74 -0.49
CA ASN C 123 -19.58 51.05 -0.14
C ASN C 123 -20.59 50.43 -1.08
N LYS C 124 -20.35 50.47 -2.40
CA LYS C 124 -21.26 49.84 -3.35
C LYS C 124 -21.35 48.33 -3.11
N MET C 125 -20.20 47.69 -2.92
CA MET C 125 -20.20 46.24 -2.73
C MET C 125 -20.80 45.85 -1.39
N THR C 126 -20.66 46.70 -0.37
CA THR C 126 -21.37 46.46 0.88
C THR C 126 -22.88 46.54 0.67
N ASN C 127 -23.33 47.44 -0.21
CA ASN C 127 -24.74 47.48 -0.58
C ASN C 127 -25.17 46.19 -1.29
N ILE C 128 -24.31 45.67 -2.16
CA ILE C 128 -24.60 44.40 -2.82
C ILE C 128 -24.73 43.27 -1.80
N LEU C 129 -23.80 43.25 -0.84
CA LEU C 129 -23.87 42.27 0.24
C LEU C 129 -25.16 42.41 1.02
N GLY C 130 -25.58 43.64 1.30
CA GLY C 130 -26.85 43.85 1.99
C GLY C 130 -28.04 43.34 1.19
N TYR C 131 -28.05 43.60 -0.12
CA TYR C 131 -29.13 43.10 -0.96
C TYR C 131 -29.23 41.58 -0.90
N HIS C 132 -28.10 40.91 -1.07
CA HIS C 132 -28.15 39.45 -1.12
C HIS C 132 -28.39 38.85 0.27
N LEU C 133 -27.96 39.55 1.33
CA LEU C 133 -28.32 39.14 2.68
C LEU C 133 -29.82 39.25 2.91
N ILE C 134 -30.43 40.32 2.40
CA ILE C 134 -31.88 40.45 2.49
C ILE C 134 -32.57 39.31 1.74
N MET C 135 -32.02 38.94 0.59
CA MET C 135 -32.58 37.80 -0.15
C MET C 135 -32.50 36.52 0.66
N LEU C 136 -31.35 36.27 1.31
CA LEU C 136 -31.20 35.09 2.14
C LEU C 136 -32.18 35.09 3.31
N GLY C 137 -32.34 36.26 3.94
CA GLY C 137 -33.31 36.36 5.04
C GLY C 137 -34.73 36.12 4.59
N LEU C 138 -35.07 36.61 3.39
CA LEU C 138 -36.40 36.33 2.84
C LEU C 138 -36.59 34.85 2.59
N GLY C 139 -35.55 34.17 2.11
CA GLY C 139 -35.65 32.72 1.94
C GLY C 139 -35.86 32.00 3.26
N ALA C 140 -35.13 32.41 4.30
CA ALA C 140 -35.30 31.78 5.61
C ALA C 140 -36.70 32.02 6.15
N TRP C 141 -37.22 33.24 6.00
CA TRP C 141 -38.58 33.52 6.43
C TRP C 141 -39.60 32.76 5.60
N LEU C 142 -39.30 32.50 4.33
CA LEU C 142 -40.17 31.66 3.51
C LEU C 142 -40.23 30.23 4.05
N LEU C 143 -39.07 29.69 4.44
CA LEU C 143 -39.06 28.37 5.07
C LEU C 143 -39.86 28.37 6.36
N VAL C 144 -39.69 29.42 7.17
CA VAL C 144 -40.43 29.52 8.43
C VAL C 144 -41.93 29.59 8.17
N TRP C 145 -42.34 30.37 7.17
CA TRP C 145 -43.75 30.48 6.81
C TRP C 145 -44.31 29.14 6.36
N LYS C 146 -43.53 28.40 5.55
CA LYS C 146 -43.95 27.06 5.17
C LYS C 146 -44.06 26.15 6.39
N ALA C 147 -43.24 26.40 7.40
CA ALA C 147 -43.30 25.59 8.62
C ALA C 147 -44.59 25.86 9.40
N MET C 148 -44.80 27.11 9.81
CA MET C 148 -45.95 27.38 10.66
C MET C 148 -47.26 27.41 9.88
N TYR C 149 -47.24 27.93 8.66
CA TYR C 149 -48.44 28.06 7.83
C TYR C 149 -48.23 27.31 6.51
N PHE C 150 -49.29 27.27 5.71
CA PHE C 150 -49.26 26.62 4.40
C PHE C 150 -48.77 25.18 4.53
N GLY C 151 -49.51 24.41 5.32
CA GLY C 151 -49.10 23.06 5.63
C GLY C 151 -48.02 23.04 6.70
N GLY C 152 -47.53 21.84 6.98
CA GLY C 152 -46.50 21.67 7.99
C GLY C 152 -45.26 20.98 7.49
N VAL C 153 -44.35 20.65 8.39
CA VAL C 153 -43.13 19.92 8.05
C VAL C 153 -43.20 18.54 8.69
N TYR C 154 -42.36 17.64 8.19
CA TYR C 154 -42.38 16.26 8.67
C TYR C 154 -41.59 16.17 9.97
N ASP C 155 -42.31 16.13 11.09
CA ASP C 155 -41.70 15.92 12.39
C ASP C 155 -41.58 14.43 12.64
N THR C 156 -40.34 13.94 12.73
CA THR C 156 -40.09 12.53 12.97
C THR C 156 -40.20 12.15 14.43
N TRP C 157 -40.26 13.13 15.34
CA TRP C 157 -40.37 12.85 16.76
C TRP C 157 -41.82 12.77 17.24
N ALA C 158 -42.78 12.91 16.33
CA ALA C 158 -44.17 12.71 16.69
C ALA C 158 -44.39 11.24 17.08
N PRO C 159 -45.29 10.98 18.02
CA PRO C 159 -45.47 9.61 18.51
C PRO C 159 -46.07 8.71 17.44
N GLY C 160 -45.76 7.42 17.55
CA GLY C 160 -46.23 6.46 16.57
C GLY C 160 -45.41 6.36 15.32
N GLY C 161 -44.25 7.02 15.27
CA GLY C 161 -43.37 6.99 14.11
C GLY C 161 -43.07 8.34 13.51
N GLY C 162 -43.87 9.35 13.79
CA GLY C 162 -43.66 10.66 13.22
C GLY C 162 -44.47 10.86 11.95
N ASP C 163 -44.83 12.12 11.69
CA ASP C 163 -45.66 12.45 10.54
C ASP C 163 -45.51 13.94 10.24
N VAL C 164 -46.23 14.40 9.23
CA VAL C 164 -46.25 15.82 8.92
C VAL C 164 -47.15 16.53 9.93
N ARG C 165 -46.65 17.63 10.50
CA ARG C 165 -47.41 18.40 11.47
C ARG C 165 -47.04 19.87 11.34
N VAL C 166 -47.88 20.72 11.90
CA VAL C 166 -47.74 22.16 11.81
C VAL C 166 -47.08 22.66 13.08
N ILE C 167 -45.93 23.33 12.93
CA ILE C 167 -45.26 23.94 14.07
C ILE C 167 -46.03 25.18 14.50
N THR C 168 -46.58 25.14 15.72
CA THR C 168 -47.40 26.23 16.22
C THR C 168 -46.66 27.16 17.18
N ASN C 169 -45.73 26.61 17.97
CA ASN C 169 -44.98 27.40 18.96
C ASN C 169 -43.49 27.15 18.74
N PRO C 170 -42.90 27.79 17.73
CA PRO C 170 -41.45 27.65 17.54
C PRO C 170 -40.68 28.25 18.71
N THR C 171 -39.53 27.65 19.01
CA THR C 171 -38.72 28.09 20.13
C THR C 171 -38.05 29.41 19.78
N THR C 172 -38.65 30.51 20.20
CA THR C 172 -38.12 31.84 19.95
C THR C 172 -37.27 32.38 21.09
N ASN C 173 -37.05 31.58 22.13
CA ASN C 173 -36.21 32.02 23.25
C ASN C 173 -34.77 32.17 22.78
N ALA C 174 -34.18 33.32 23.06
CA ALA C 174 -32.83 33.61 22.57
C ALA C 174 -31.79 32.68 23.20
N ALA C 175 -31.92 32.42 24.50
CA ALA C 175 -30.94 31.60 25.19
C ALA C 175 -30.90 30.18 24.63
N VAL C 176 -32.08 29.58 24.43
CA VAL C 176 -32.14 28.21 23.93
C VAL C 176 -31.60 28.14 22.52
N ILE C 177 -31.96 29.10 21.67
CA ILE C 177 -31.51 29.09 20.28
C ILE C 177 -29.99 29.27 20.21
N PHE C 178 -29.45 30.21 20.97
CA PHE C 178 -28.02 30.53 20.87
C PHE C 178 -27.14 29.65 21.75
N GLY C 179 -27.72 28.78 22.57
CA GLY C 179 -26.90 27.82 23.30
C GLY C 179 -26.29 26.75 22.42
N TYR C 180 -26.89 26.50 21.25
CA TYR C 180 -26.32 25.52 20.34
C TYR C 180 -24.96 25.98 19.81
N LEU C 181 -24.82 27.27 19.53
CA LEU C 181 -23.57 27.78 18.98
C LEU C 181 -22.41 27.59 19.95
N VAL C 182 -22.63 27.88 21.23
CA VAL C 182 -21.57 27.72 22.23
C VAL C 182 -21.46 26.30 22.74
N LYS C 183 -22.36 25.41 22.34
CA LYS C 183 -22.28 24.02 22.75
C LYS C 183 -21.04 23.36 22.17
N SER C 184 -20.34 22.60 23.00
CA SER C 184 -19.09 21.99 22.57
C SER C 184 -19.35 20.97 21.46
N PRO C 185 -18.45 20.85 20.49
CA PRO C 185 -18.58 19.83 19.42
C PRO C 185 -17.86 18.51 19.73
N PHE C 186 -18.45 17.70 20.59
CA PHE C 186 -17.83 16.44 21.00
C PHE C 186 -18.93 15.43 21.28
N GLY C 187 -18.59 14.37 22.01
CA GLY C 187 -19.56 13.35 22.36
C GLY C 187 -20.73 13.89 23.17
N GLY C 188 -21.95 13.50 22.78
CA GLY C 188 -23.13 13.97 23.45
C GLY C 188 -23.56 15.34 22.99
N ASP C 189 -22.72 16.35 23.19
CA ASP C 189 -22.96 17.70 22.74
C ASP C 189 -22.45 17.85 21.32
N GLY C 190 -23.36 17.92 20.36
CA GLY C 190 -22.96 17.95 18.96
C GLY C 190 -23.06 19.30 18.30
N TRP C 191 -22.72 20.37 19.02
CA TRP C 191 -22.83 21.73 18.51
C TRP C 191 -24.23 22.00 17.98
N ILE C 192 -24.33 22.40 16.71
CA ILE C 192 -25.65 22.59 16.09
C ILE C 192 -26.19 21.31 15.48
N CYS C 193 -25.37 20.26 15.36
CA CYS C 193 -25.85 18.97 14.86
C CYS C 193 -26.65 18.21 15.89
N SER C 194 -26.68 18.68 17.14
CA SER C 194 -27.39 18.00 18.22
C SER C 194 -28.83 18.46 18.37
N VAL C 195 -29.33 19.31 17.48
CA VAL C 195 -30.72 19.74 17.56
C VAL C 195 -31.63 18.55 17.32
N ASP C 196 -32.58 18.34 18.22
CA ASP C 196 -33.39 17.13 18.24
C ASP C 196 -34.87 17.37 18.07
N ASN C 197 -35.32 18.62 17.96
CA ASN C 197 -36.73 18.94 17.81
C ASN C 197 -36.91 19.95 16.70
N MET C 198 -38.08 19.90 16.06
CA MET C 198 -38.37 20.82 14.97
C MET C 198 -38.67 22.23 15.45
N GLU C 199 -39.16 22.36 16.68
CA GLU C 199 -39.42 23.69 17.24
C GLU C 199 -38.15 24.53 17.29
N ASP C 200 -37.06 23.92 17.75
CA ASP C 200 -35.79 24.64 17.81
C ASP C 200 -35.31 25.02 16.42
N ILE C 201 -35.47 24.11 15.45
CA ILE C 201 -35.05 24.42 14.08
C ILE C 201 -35.82 25.62 13.54
N ILE C 202 -37.14 25.62 13.73
CA ILE C 202 -37.95 26.72 13.21
C ILE C 202 -37.62 28.02 13.91
N GLY C 203 -37.45 27.98 15.24
CA GLY C 203 -37.09 29.20 15.95
C GLY C 203 -35.73 29.73 15.53
N GLY C 204 -34.76 28.84 15.33
CA GLY C 204 -33.46 29.27 14.89
C GLY C 204 -33.49 29.88 13.50
N HIS C 205 -34.29 29.29 12.60
CA HIS C 205 -34.41 29.88 11.27
C HIS C 205 -35.14 31.23 11.34
N ILE C 206 -36.10 31.38 12.26
CA ILE C 206 -36.70 32.69 12.49
C ILE C 206 -35.63 33.71 12.88
N TRP C 207 -34.81 33.34 13.87
CA TRP C 207 -33.79 34.25 14.36
C TRP C 207 -32.80 34.60 13.26
N ILE C 208 -32.36 33.61 12.49
CA ILE C 208 -31.36 33.86 11.46
C ILE C 208 -31.95 34.70 10.33
N GLY C 209 -33.22 34.49 10.00
CA GLY C 209 -33.85 35.32 8.98
C GLY C 209 -33.97 36.77 9.41
N THR C 210 -34.43 37.00 10.64
CA THR C 210 -34.53 38.38 11.13
C THR C 210 -33.16 39.03 11.20
N LEU C 211 -32.16 38.30 11.71
CA LEU C 211 -30.81 38.85 11.80
C LEU C 211 -30.24 39.15 10.42
N GLU C 212 -30.49 38.27 9.45
CA GLU C 212 -29.97 38.50 8.10
C GLU C 212 -30.63 39.71 7.45
N ILE C 213 -31.94 39.89 7.63
CA ILE C 213 -32.60 41.06 7.07
C ILE C 213 -32.07 42.33 7.70
N LEU C 214 -31.95 42.33 9.03
CA LEU C 214 -31.44 43.51 9.73
C LEU C 214 -30.01 43.82 9.33
N GLY C 215 -29.16 42.80 9.22
CA GLY C 215 -27.78 43.01 8.83
C GLY C 215 -27.67 43.48 7.39
N GLY C 216 -28.54 42.97 6.51
CA GLY C 216 -28.55 43.47 5.14
C GLY C 216 -28.89 44.94 5.07
N ILE C 217 -29.93 45.35 5.81
CA ILE C 217 -30.30 46.76 5.83
C ILE C 217 -29.16 47.60 6.41
N TRP C 218 -28.53 47.10 7.48
CA TRP C 218 -27.44 47.84 8.12
C TRP C 218 -26.27 48.01 7.17
N HIS C 219 -25.79 46.92 6.58
CA HIS C 219 -24.66 47.00 5.65
C HIS C 219 -25.03 47.84 4.42
N ILE C 220 -26.31 47.89 4.06
CA ILE C 220 -26.74 48.77 2.97
C ILE C 220 -26.57 50.23 3.37
N TYR C 221 -27.03 50.58 4.57
CA TYR C 221 -27.13 51.98 4.96
C TYR C 221 -25.94 52.46 5.79
N THR C 222 -24.89 51.65 5.94
CA THR C 222 -23.73 52.05 6.73
C THR C 222 -22.45 51.74 5.97
N THR C 223 -21.59 52.75 5.86
CA THR C 223 -20.26 52.55 5.31
C THR C 223 -19.40 51.77 6.30
N PRO C 224 -18.46 50.95 5.81
CA PRO C 224 -17.58 50.22 6.72
C PRO C 224 -16.77 51.16 7.61
N TRP C 225 -16.57 50.74 8.85
CA TRP C 225 -15.83 51.52 9.83
C TRP C 225 -14.34 51.50 9.51
N PRO C 226 -13.60 52.54 9.92
CA PRO C 226 -12.16 52.59 9.58
C PRO C 226 -11.37 51.38 10.05
N TRP C 227 -11.69 50.84 11.23
CA TRP C 227 -10.98 49.64 11.69
C TRP C 227 -11.27 48.45 10.80
N ALA C 228 -12.52 48.35 10.30
CA ALA C 228 -12.86 47.29 9.36
C ALA C 228 -12.07 47.44 8.06
N ARG C 229 -11.92 48.67 7.57
CA ARG C 229 -11.13 48.90 6.38
C ARG C 229 -9.67 48.53 6.60
N ARG C 230 -9.13 48.87 7.77
CA ARG C 230 -7.73 48.58 8.06
C ARG C 230 -7.47 47.09 8.22
N ALA C 231 -8.41 46.37 8.84
CA ALA C 231 -8.18 44.99 9.23
C ALA C 231 -8.38 44.00 8.09
N PHE C 232 -8.89 44.42 6.95
CA PHE C 232 -9.20 43.52 5.85
C PHE C 232 -8.51 43.98 4.56
N VAL C 233 -8.26 43.02 3.68
CA VAL C 233 -7.76 43.30 2.34
C VAL C 233 -8.95 43.43 1.40
N TRP C 234 -9.00 44.52 0.65
CA TRP C 234 -10.15 44.86 -0.18
C TRP C 234 -9.78 44.67 -1.64
N SER C 235 -9.98 43.45 -2.14
CA SER C 235 -9.80 43.12 -3.54
C SER C 235 -10.66 41.91 -3.86
N GLY C 236 -10.99 41.75 -5.15
CA GLY C 236 -11.93 40.71 -5.54
C GLY C 236 -11.49 39.32 -5.12
N GLU C 237 -10.21 39.01 -5.30
CA GLU C 237 -9.70 37.71 -4.88
C GLU C 237 -9.77 37.54 -3.37
N ALA C 238 -9.65 38.63 -2.60
CA ALA C 238 -9.79 38.53 -1.16
C ALA C 238 -11.22 38.15 -0.76
N TYR C 239 -12.20 38.78 -1.38
CA TYR C 239 -13.60 38.41 -1.12
C TYR C 239 -13.86 36.98 -1.54
N LEU C 240 -13.28 36.56 -2.67
CA LEU C 240 -13.39 35.17 -3.09
C LEU C 240 -12.81 34.24 -2.04
N SER C 241 -11.67 34.59 -1.46
CA SER C 241 -11.06 33.76 -0.43
C SER C 241 -11.95 33.67 0.82
N TYR C 242 -12.52 34.80 1.22
CA TYR C 242 -13.43 34.78 2.38
C TYR C 242 -14.61 33.87 2.11
N SER C 243 -15.21 34.00 0.93
CA SER C 243 -16.35 33.17 0.57
C SER C 243 -15.97 31.70 0.54
N LEU C 244 -14.78 31.39 0.00
CA LEU C 244 -14.34 29.99 -0.07
C LEU C 244 -14.15 29.41 1.32
N GLY C 245 -13.53 30.16 2.22
CA GLY C 245 -13.35 29.66 3.58
C GLY C 245 -14.67 29.43 4.28
N ALA C 246 -15.59 30.40 4.19
CA ALA C 246 -16.88 30.26 4.84
C ALA C 246 -17.66 29.09 4.27
N ILE C 247 -17.64 28.93 2.95
CA ILE C 247 -18.45 27.89 2.33
C ILE C 247 -17.83 26.51 2.55
N GLY C 248 -16.49 26.44 2.70
CA GLY C 248 -15.89 25.18 3.10
C GLY C 248 -16.25 24.79 4.52
N VAL C 249 -16.29 25.77 5.42
CA VAL C 249 -16.78 25.50 6.78
C VAL C 249 -18.22 25.00 6.72
N MET C 250 -19.06 25.64 5.91
CA MET C 250 -20.44 25.19 5.76
C MET C 250 -20.50 23.77 5.20
N GLY C 251 -19.59 23.43 4.29
CA GLY C 251 -19.56 22.08 3.75
C GLY C 251 -19.22 21.04 4.81
N PHE C 252 -18.22 21.33 5.64
CA PHE C 252 -17.91 20.42 6.74
C PHE C 252 -19.08 20.28 7.70
N ILE C 253 -19.72 21.41 8.03
CA ILE C 253 -20.86 21.38 8.94
C ILE C 253 -22.00 20.56 8.34
N ALA C 254 -22.23 20.70 7.04
CA ALA C 254 -23.27 19.91 6.37
C ALA C 254 -22.94 18.43 6.39
N CYS C 255 -21.67 18.09 6.17
CA CYS C 255 -21.25 16.70 6.25
C CYS C 255 -21.59 16.10 7.62
N CYS C 256 -21.15 16.77 8.69
CA CYS C 256 -21.43 16.27 10.03
C CYS C 256 -22.93 16.26 10.32
N MET C 257 -23.64 17.28 9.84
CA MET C 257 -25.07 17.39 10.09
C MET C 257 -25.84 16.24 9.44
N SER C 258 -25.47 15.88 8.21
CA SER C 258 -26.13 14.78 7.54
C SER C 258 -25.71 13.43 8.12
N TRP C 259 -24.47 13.33 8.60
CA TRP C 259 -24.03 12.03 9.13
C TRP C 259 -24.62 11.73 10.50
N PHE C 260 -24.73 12.75 11.37
CA PHE C 260 -25.08 12.51 12.76
C PHE C 260 -26.52 12.83 13.12
N ASN C 261 -27.16 13.78 12.45
CA ASN C 261 -28.48 14.24 12.83
C ASN C 261 -29.58 13.46 12.12
N ASN C 262 -30.63 13.12 12.86
CA ASN C 262 -31.79 12.45 12.30
C ASN C 262 -33.07 13.26 12.42
N THR C 263 -33.01 14.47 12.98
CA THR C 263 -34.20 15.30 13.09
C THR C 263 -34.43 16.12 11.83
N ALA C 264 -33.45 16.96 11.47
CA ALA C 264 -33.53 17.70 10.21
C ALA C 264 -33.39 16.78 9.01
N TYR C 265 -32.85 15.58 9.19
CA TYR C 265 -32.73 14.57 8.15
C TYR C 265 -33.44 13.32 8.66
N PRO C 266 -34.75 13.21 8.46
CA PRO C 266 -35.51 12.10 9.05
C PRO C 266 -34.98 10.75 8.59
N SER C 267 -34.93 9.81 9.53
CA SER C 267 -34.40 8.48 9.23
C SER C 267 -35.34 7.68 8.34
N GLU C 268 -36.61 8.08 8.25
CA GLU C 268 -37.54 7.39 7.35
C GLU C 268 -37.22 7.64 5.89
N PHE C 269 -36.52 8.72 5.57
CA PHE C 269 -36.18 9.06 4.20
C PHE C 269 -34.69 8.90 3.90
N TYR C 270 -33.82 9.40 4.77
CA TYR C 270 -32.38 9.29 4.56
C TYR C 270 -31.79 7.99 5.09
N GLY C 271 -32.59 7.17 5.77
CA GLY C 271 -32.10 5.96 6.38
C GLY C 271 -31.54 6.22 7.76
N PRO C 272 -31.21 5.15 8.48
CA PRO C 272 -30.65 5.33 9.83
C PRO C 272 -29.27 5.96 9.78
N THR C 273 -28.93 6.68 10.85
CA THR C 273 -27.62 7.27 10.96
C THR C 273 -26.59 6.20 11.32
N GLY C 274 -25.35 6.63 11.52
CA GLY C 274 -24.29 5.73 11.91
C GLY C 274 -24.59 4.96 13.18
N PRO C 275 -24.70 5.67 14.30
CA PRO C 275 -25.06 5.00 15.56
C PRO C 275 -26.43 4.33 15.51
N GLU C 276 -27.35 4.83 14.68
CA GLU C 276 -28.71 4.34 14.70
C GLU C 276 -28.79 2.88 14.28
N ALA C 277 -28.02 2.49 13.26
CA ALA C 277 -28.06 1.09 12.82
C ALA C 277 -27.54 0.14 13.89
N SER C 278 -26.44 0.49 14.54
CA SER C 278 -25.89 -0.36 15.59
C SER C 278 -26.85 -0.46 16.77
N GLN C 279 -27.45 0.67 17.16
CA GLN C 279 -28.41 0.64 18.25
C GLN C 279 -29.64 -0.18 17.89
N SER C 280 -30.07 -0.09 16.62
CA SER C 280 -31.19 -0.90 16.16
C SER C 280 -30.86 -2.38 16.20
N GLN C 281 -29.65 -2.74 15.81
CA GLN C 281 -29.24 -4.14 15.88
C GLN C 281 -29.24 -4.64 17.32
N ALA C 282 -28.70 -3.85 18.24
CA ALA C 282 -28.70 -4.24 19.65
C ALA C 282 -30.13 -4.38 20.17
N PHE C 283 -31.00 -3.43 19.81
CA PHE C 283 -32.39 -3.47 20.25
C PHE C 283 -33.11 -4.71 19.70
N THR C 284 -32.89 -5.03 18.44
CA THR C 284 -33.51 -6.21 17.85
C THR C 284 -33.03 -7.49 18.52
N PHE C 285 -31.72 -7.59 18.79
CA PHE C 285 -31.21 -8.77 19.48
C PHE C 285 -31.81 -8.89 20.86
N LEU C 286 -31.92 -7.76 21.58
CA LEU C 286 -32.51 -7.77 22.91
C LEU C 286 -33.96 -8.23 22.87
N VAL C 287 -34.74 -7.71 21.93
CA VAL C 287 -36.16 -8.06 21.88
C VAL C 287 -36.34 -9.51 21.45
N ARG C 288 -35.50 -10.01 20.54
CA ARG C 288 -35.58 -11.41 20.15
C ARG C 288 -35.27 -12.32 21.33
N ASP C 289 -34.21 -12.02 22.08
CA ASP C 289 -33.86 -12.85 23.23
C ASP C 289 -34.91 -12.76 24.33
N GLN C 290 -35.50 -11.58 24.52
CA GLN C 290 -36.57 -11.44 25.49
C GLN C 290 -37.79 -12.27 25.10
N ARG C 291 -38.13 -12.28 23.81
CA ARG C 291 -39.22 -13.14 23.35
C ARG C 291 -38.89 -14.61 23.57
N LEU C 292 -37.64 -15.00 23.31
CA LEU C 292 -37.23 -16.38 23.54
C LEU C 292 -37.16 -16.74 25.02
N GLY C 293 -37.21 -15.76 25.91
CA GLY C 293 -37.20 -16.04 27.33
C GLY C 293 -35.83 -15.98 27.99
N ALA C 294 -35.11 -14.89 27.76
CA ALA C 294 -33.79 -14.69 28.34
C ALA C 294 -33.81 -13.53 29.33
N ASN C 295 -32.73 -13.44 30.11
CA ASN C 295 -32.60 -12.39 31.13
C ASN C 295 -31.91 -11.20 30.50
N VAL C 296 -32.71 -10.26 29.98
CA VAL C 296 -32.17 -9.08 29.32
C VAL C 296 -31.57 -8.10 30.32
N ALA C 297 -31.98 -8.16 31.60
CA ALA C 297 -31.45 -7.25 32.60
C ALA C 297 -29.95 -7.46 32.79
N SER C 298 -29.50 -8.70 32.76
CA SER C 298 -28.09 -9.04 32.95
C SER C 298 -27.38 -9.25 31.61
N ALA C 299 -27.78 -8.52 30.58
CA ALA C 299 -27.19 -8.61 29.23
C ALA C 299 -27.43 -10.03 28.73
N GLN C 300 -26.40 -10.75 28.29
CA GLN C 300 -26.59 -12.14 27.90
C GLN C 300 -26.87 -13.06 29.09
N GLY C 301 -26.69 -12.58 30.32
CA GLY C 301 -26.90 -13.39 31.49
C GLY C 301 -25.83 -13.23 32.56
N PRO C 302 -24.56 -13.09 32.17
CA PRO C 302 -23.53 -12.74 33.17
C PRO C 302 -23.61 -11.27 33.53
N THR C 303 -23.60 -10.99 34.84
CA THR C 303 -23.67 -9.61 35.31
C THR C 303 -22.34 -8.89 35.09
N GLY C 304 -21.24 -9.62 35.06
CA GLY C 304 -19.94 -9.03 34.80
C GLY C 304 -19.64 -8.76 33.35
N LEU C 305 -20.52 -9.18 32.45
CA LEU C 305 -20.37 -8.96 31.02
C LEU C 305 -21.51 -8.10 30.50
N GLY C 306 -21.26 -7.38 29.41
CA GLY C 306 -22.29 -6.56 28.82
C GLY C 306 -22.46 -6.79 27.34
N LYS C 307 -23.62 -7.29 26.94
CA LYS C 307 -23.99 -7.47 25.54
C LYS C 307 -25.33 -6.84 25.19
N TYR C 308 -26.29 -6.89 26.12
CA TYR C 308 -27.57 -6.23 25.94
C TYR C 308 -27.73 -4.99 26.81
N LEU C 309 -27.14 -4.97 27.99
CA LEU C 309 -27.17 -3.79 28.85
C LEU C 309 -25.81 -3.64 29.52
N MET C 310 -25.44 -2.38 29.77
CA MET C 310 -24.14 -2.07 30.35
C MET C 310 -24.23 -0.72 31.03
N ARG C 311 -23.38 -0.53 32.04
CA ARG C 311 -23.29 0.76 32.72
C ARG C 311 -22.39 1.71 31.93
N SER C 312 -22.90 2.91 31.67
CA SER C 312 -22.13 3.92 30.98
C SER C 312 -21.00 4.44 31.87
N PRO C 313 -19.98 5.06 31.29
CA PRO C 313 -18.91 5.63 32.12
C PRO C 313 -19.41 6.61 33.16
N THR C 314 -20.46 7.39 32.85
CA THR C 314 -21.06 8.28 33.82
C THR C 314 -22.09 7.57 34.71
N GLY C 315 -22.42 6.32 34.42
CA GLY C 315 -23.36 5.58 35.24
C GLY C 315 -24.77 5.52 34.70
N GLU C 316 -24.92 5.26 33.41
CA GLU C 316 -26.22 5.13 32.77
C GLU C 316 -26.37 3.75 32.16
N ILE C 317 -27.60 3.25 32.13
CA ILE C 317 -27.89 1.95 31.53
C ILE C 317 -27.89 2.09 30.02
N ILE C 318 -26.93 1.45 29.34
CA ILE C 318 -26.78 1.55 27.90
C ILE C 318 -26.65 0.15 27.33
N PHE C 319 -26.85 0.04 26.02
CA PHE C 319 -26.72 -1.23 25.33
C PHE C 319 -25.27 -1.72 25.40
N GLY C 320 -25.12 -3.04 25.48
CA GLY C 320 -23.81 -3.64 25.59
C GLY C 320 -23.15 -3.84 24.24
N GLY C 321 -21.99 -4.51 24.28
CA GLY C 321 -21.23 -4.74 23.08
C GLY C 321 -20.51 -3.48 22.62
N GLU C 322 -20.15 -3.46 21.32
CA GLU C 322 -19.48 -2.31 20.75
C GLU C 322 -20.35 -1.07 20.80
N THR C 323 -21.67 -1.25 20.89
CA THR C 323 -22.62 -0.15 20.90
C THR C 323 -22.38 0.79 22.07
N MET C 324 -21.47 0.43 22.98
CA MET C 324 -21.09 1.35 24.05
C MET C 324 -20.52 2.64 23.50
N ARG C 325 -19.95 2.61 22.29
CA ARG C 325 -19.46 3.84 21.68
C ARG C 325 -20.58 4.73 21.16
N PHE C 326 -21.78 4.18 20.96
CA PHE C 326 -22.90 4.91 20.40
C PHE C 326 -23.99 5.17 21.42
N TRP C 327 -23.62 5.26 22.71
CA TRP C 327 -24.61 5.43 23.76
C TRP C 327 -25.20 6.83 23.81
N ASP C 328 -24.75 7.74 22.95
CA ASP C 328 -25.34 9.07 22.85
C ASP C 328 -26.43 9.16 21.80
N PHE C 329 -26.74 8.06 21.13
CA PHE C 329 -27.76 8.10 20.08
C PHE C 329 -29.14 8.34 20.66
N ARG C 330 -29.90 9.21 20.02
CA ARG C 330 -31.28 9.50 20.39
C ARG C 330 -32.17 9.27 19.18
N GLY C 331 -33.19 8.43 19.35
CA GLY C 331 -34.07 8.10 18.26
C GLY C 331 -35.53 8.12 18.67
N PRO C 332 -36.41 8.44 17.71
CA PRO C 332 -37.85 8.47 18.03
C PRO C 332 -38.38 7.13 18.50
N TRP C 333 -37.83 6.02 18.02
CA TRP C 333 -38.29 4.69 18.41
C TRP C 333 -37.64 4.21 19.70
N LEU C 334 -36.67 4.95 20.25
CA LEU C 334 -35.95 4.53 21.44
C LEU C 334 -36.16 5.45 22.63
N GLU C 335 -36.47 6.72 22.40
CA GLU C 335 -36.68 7.65 23.52
C GLU C 335 -37.77 7.21 24.49
N PRO C 336 -38.94 6.71 24.07
CA PRO C 336 -39.95 6.29 25.05
C PRO C 336 -39.47 5.23 26.02
N LEU C 337 -38.52 4.39 25.60
CA LEU C 337 -37.96 3.36 26.46
C LEU C 337 -36.82 3.87 27.34
N ARG C 338 -36.43 5.14 27.20
CA ARG C 338 -35.33 5.71 27.96
C ARG C 338 -35.88 6.55 29.09
N GLY C 339 -35.47 6.24 30.32
CA GLY C 339 -35.87 6.99 31.48
C GLY C 339 -34.84 8.02 31.88
N PRO C 340 -34.85 8.43 33.15
CA PRO C 340 -33.83 9.39 33.62
C PRO C 340 -32.42 8.82 33.57
N ASN C 341 -32.22 7.59 34.05
CA ASN C 341 -30.91 6.96 34.05
C ASN C 341 -30.77 6.05 32.83
N GLY C 342 -30.73 6.69 31.66
CA GLY C 342 -30.60 5.94 30.43
C GLY C 342 -31.79 5.03 30.19
N LEU C 343 -31.53 3.85 29.64
CA LEU C 343 -32.58 2.89 29.37
C LEU C 343 -33.22 2.42 30.67
N ASP C 344 -34.53 2.25 30.64
CA ASP C 344 -35.30 1.85 31.81
C ASP C 344 -35.53 0.34 31.77
N LEU C 345 -35.20 -0.34 32.87
CA LEU C 345 -35.39 -1.79 32.94
C LEU C 345 -36.87 -2.15 32.82
N ASN C 346 -37.73 -1.43 33.55
CA ASN C 346 -39.16 -1.71 33.50
C ASN C 346 -39.72 -1.43 32.10
N LYS C 347 -39.32 -0.32 31.49
CA LYS C 347 -39.83 0.04 30.17
C LYS C 347 -39.24 -0.83 29.07
N LEU C 348 -38.14 -1.53 29.33
CA LEU C 348 -37.58 -2.42 28.32
C LEU C 348 -38.39 -3.70 28.16
N LYS C 349 -39.24 -4.02 29.13
CA LYS C 349 -40.07 -5.22 29.07
C LYS C 349 -41.54 -4.83 29.16
N ASN C 350 -42.37 -5.49 28.37
CA ASN C 350 -43.82 -5.29 28.31
C ASN C 350 -44.21 -3.88 27.87
N ASP C 351 -43.27 -3.12 27.29
CA ASP C 351 -43.56 -1.78 26.81
C ASP C 351 -43.08 -1.53 25.39
N ILE C 352 -42.45 -2.52 24.74
CA ILE C 352 -41.93 -2.34 23.40
C ILE C 352 -43.08 -2.43 22.40
N GLN C 353 -43.23 -1.39 21.59
CA GLN C 353 -44.31 -1.35 20.62
C GLN C 353 -43.92 -2.10 19.34
N PRO C 354 -44.90 -2.67 18.63
CA PRO C 354 -44.57 -3.37 17.37
C PRO C 354 -43.93 -2.48 16.33
N TRP C 355 -44.37 -1.22 16.21
CA TRP C 355 -43.79 -0.33 15.20
C TRP C 355 -42.33 -0.02 15.52
N GLN C 356 -42.00 0.08 16.81
CA GLN C 356 -40.60 0.27 17.20
C GLN C 356 -39.76 -0.91 16.76
N GLU C 357 -40.27 -2.13 16.95
CA GLU C 357 -39.54 -3.31 16.52
C GLU C 357 -39.38 -3.37 15.01
N ARG C 358 -40.43 -3.00 14.27
CA ARG C 358 -40.33 -2.97 12.82
C ARG C 358 -39.28 -1.97 12.36
N ARG C 359 -39.28 -0.77 12.94
CA ARG C 359 -38.28 0.24 12.58
C ARG C 359 -36.88 -0.22 12.94
N ALA C 360 -36.72 -0.84 14.10
CA ALA C 360 -35.40 -1.32 14.51
C ALA C 360 -34.89 -2.40 13.56
N ALA C 361 -35.76 -3.34 13.17
CA ALA C 361 -35.35 -4.36 12.22
C ALA C 361 -34.98 -3.76 10.87
N GLU C 362 -35.81 -2.83 10.39
CA GLU C 362 -35.54 -2.21 9.09
C GLU C 362 -34.23 -1.46 9.09
N TYR C 363 -33.94 -0.72 10.16
CA TYR C 363 -32.68 0.01 10.24
C TYR C 363 -31.50 -0.93 10.45
N MET C 364 -31.72 -2.06 11.12
CA MET C 364 -30.67 -3.06 11.26
C MET C 364 -30.29 -3.64 9.90
N THR C 365 -31.28 -3.91 9.05
CA THR C 365 -30.98 -4.47 7.74
C THR C 365 -30.15 -3.51 6.90
N HIS C 366 -30.50 -2.23 6.91
CA HIS C 366 -29.82 -1.23 6.09
C HIS C 366 -28.91 -0.40 7.00
N ALA C 367 -27.70 -0.91 7.21
CA ALA C 367 -26.74 -0.22 8.07
C ALA C 367 -25.83 0.67 7.22
N PRO C 368 -25.74 1.97 7.52
CA PRO C 368 -24.75 2.81 6.82
C PRO C 368 -23.31 2.41 7.11
N LEU C 369 -23.06 1.68 8.20
CA LEU C 369 -21.74 1.13 8.46
C LEU C 369 -21.41 -0.04 7.54
N GLY C 370 -22.28 -0.35 6.58
CA GLY C 370 -21.97 -1.31 5.54
C GLY C 370 -22.09 -0.68 4.16
N SER C 371 -20.96 -0.51 3.48
CA SER C 371 -20.93 0.14 2.17
C SER C 371 -19.62 -0.13 1.46
N LEU C 372 -19.69 -0.59 0.21
CA LEU C 372 -18.51 -0.95 -0.57
C LEU C 372 -18.60 -0.38 -1.98
N ASN C 373 -18.90 0.91 -2.09
CA ASN C 373 -18.91 1.64 -3.35
C ASN C 373 -19.92 1.05 -4.33
N SER C 374 -21.19 1.21 -3.96
CA SER C 374 -22.36 0.80 -4.75
C SER C 374 -22.55 -0.70 -4.76
N VAL C 375 -21.96 -1.41 -3.80
CA VAL C 375 -22.19 -2.84 -3.65
C VAL C 375 -22.72 -3.20 -2.26
N GLY C 376 -22.43 -2.40 -1.23
CA GLY C 376 -23.03 -2.60 0.07
C GLY C 376 -22.36 -3.69 0.89
N GLY C 377 -23.03 -4.07 1.97
CA GLY C 377 -22.54 -5.10 2.85
C GLY C 377 -21.61 -4.59 3.93
N VAL C 378 -21.55 -5.28 5.06
CA VAL C 378 -20.75 -4.85 6.20
C VAL C 378 -19.37 -5.46 6.10
N ALA C 379 -18.35 -4.60 6.20
CA ALA C 379 -16.95 -5.02 6.19
C ALA C 379 -16.61 -5.85 4.95
N THR C 380 -16.09 -7.06 5.17
CA THR C 380 -15.75 -7.97 4.08
C THR C 380 -17.04 -8.51 3.46
N GLU C 381 -17.38 -8.02 2.28
CA GLU C 381 -18.61 -8.38 1.61
C GLU C 381 -18.32 -8.98 0.24
N ILE C 382 -19.16 -9.93 -0.17
CA ILE C 382 -19.01 -10.64 -1.44
C ILE C 382 -20.03 -10.15 -2.47
N ASN C 383 -21.32 -10.32 -2.18
CA ASN C 383 -22.39 -9.91 -3.10
C ASN C 383 -23.64 -9.64 -2.28
N ALA C 384 -24.71 -9.26 -2.98
CA ALA C 384 -26.02 -8.96 -2.39
C ALA C 384 -25.94 -7.78 -1.43
N VAL C 385 -27.08 -7.40 -0.86
CA VAL C 385 -27.18 -6.28 0.07
C VAL C 385 -26.56 -5.04 -0.58
N ASN C 386 -27.06 -4.67 -1.75
CA ASN C 386 -26.53 -3.51 -2.49
C ASN C 386 -27.10 -2.23 -1.88
N PHE C 387 -26.54 -1.86 -0.72
CA PHE C 387 -27.00 -0.71 0.04
C PHE C 387 -25.80 0.14 0.44
N VAL C 388 -25.65 1.30 -0.19
CA VAL C 388 -24.77 2.36 0.28
C VAL C 388 -25.68 3.51 0.70
N SER C 389 -25.65 3.85 1.98
CA SER C 389 -26.61 4.79 2.52
C SER C 389 -26.45 6.16 1.87
N PRO C 390 -27.54 6.85 1.58
CA PRO C 390 -27.42 8.24 1.07
C PRO C 390 -26.69 9.15 2.03
N ARG C 391 -26.76 8.87 3.33
CA ARG C 391 -26.00 9.65 4.30
C ARG C 391 -24.51 9.55 4.03
N SER C 392 -24.02 8.35 3.71
CA SER C 392 -22.61 8.18 3.40
C SER C 392 -22.21 8.98 2.16
N TRP C 393 -23.03 8.92 1.11
CA TRP C 393 -22.74 9.68 -0.10
C TRP C 393 -22.69 11.18 0.18
N LEU C 394 -23.71 11.69 0.87
CA LEU C 394 -23.75 13.12 1.17
C LEU C 394 -22.55 13.54 2.02
N ALA C 395 -22.26 12.76 3.07
CA ALA C 395 -21.16 13.10 3.95
C ALA C 395 -19.84 13.12 3.19
N CYS C 396 -19.53 12.05 2.46
CA CYS C 396 -18.27 11.98 1.74
C CYS C 396 -18.14 13.11 0.73
N SER C 397 -19.17 13.31 -0.09
CA SER C 397 -19.09 14.30 -1.16
C SER C 397 -18.93 15.70 -0.59
N HIS C 398 -19.77 16.07 0.37
CA HIS C 398 -19.69 17.43 0.88
C HIS C 398 -18.47 17.64 1.78
N PHE C 399 -17.95 16.59 2.40
CA PHE C 399 -16.68 16.71 3.12
C PHE C 399 -15.53 16.99 2.16
N CYS C 400 -15.49 16.26 1.04
CA CYS C 400 -14.45 16.51 0.04
C CYS C 400 -14.57 17.91 -0.52
N LEU C 401 -15.79 18.35 -0.81
CA LEU C 401 -15.99 19.70 -1.33
C LEU C 401 -15.57 20.76 -0.31
N GLY C 402 -15.92 20.56 0.96
CA GLY C 402 -15.51 21.50 1.99
C GLY C 402 -14.00 21.58 2.13
N PHE C 403 -13.32 20.44 2.06
CA PHE C 403 -11.86 20.47 2.13
C PHE C 403 -11.26 21.19 0.94
N PHE C 404 -11.78 20.93 -0.26
CA PHE C 404 -11.25 21.61 -1.44
C PHE C 404 -11.48 23.12 -1.35
N PHE C 405 -12.62 23.54 -0.83
CA PHE C 405 -12.86 24.98 -0.71
C PHE C 405 -12.08 25.61 0.44
N PHE C 406 -11.71 24.83 1.46
CA PHE C 406 -10.74 25.34 2.44
C PHE C 406 -9.37 25.53 1.80
N ILE C 407 -8.97 24.59 0.93
CA ILE C 407 -7.74 24.79 0.16
C ILE C 407 -7.86 26.04 -0.69
N GLY C 408 -9.05 26.30 -1.23
CA GLY C 408 -9.29 27.55 -1.93
C GLY C 408 -9.12 28.77 -1.05
N HIS C 409 -9.62 28.71 0.20
CA HIS C 409 -9.37 29.79 1.15
C HIS C 409 -7.89 30.04 1.28
N LEU C 410 -7.12 28.97 1.52
CA LEU C 410 -5.67 29.13 1.67
C LEU C 410 -5.05 29.79 0.45
N TRP C 411 -5.32 29.23 -0.74
CA TRP C 411 -4.68 29.71 -1.95
C TRP C 411 -5.03 31.16 -2.25
N HIS C 412 -6.33 31.47 -2.28
CA HIS C 412 -6.76 32.80 -2.67
C HIS C 412 -6.45 33.84 -1.59
N ALA C 413 -6.52 33.47 -0.31
CA ALA C 413 -6.13 34.40 0.74
C ALA C 413 -4.65 34.74 0.64
N GLY C 414 -3.80 33.74 0.45
CA GLY C 414 -2.38 34.02 0.27
C GLY C 414 -2.11 34.90 -0.93
N ARG C 415 -2.76 34.58 -2.06
CA ARG C 415 -2.54 35.36 -3.27
C ARG C 415 -3.02 36.80 -3.11
N ALA C 416 -4.19 36.99 -2.48
CA ALA C 416 -4.70 38.34 -2.26
C ALA C 416 -3.81 39.13 -1.32
N ARG C 417 -3.32 38.49 -0.25
CA ARG C 417 -2.44 39.19 0.67
C ARG C 417 -1.15 39.59 -0.02
N ALA C 418 -0.58 38.68 -0.83
CA ALA C 418 0.65 39.00 -1.54
C ALA C 418 0.44 40.13 -2.54
N ALA C 419 -0.67 40.09 -3.27
CA ALA C 419 -0.95 41.14 -4.25
C ALA C 419 -1.17 42.49 -3.58
N ALA C 420 -1.88 42.51 -2.45
CA ALA C 420 -2.08 43.76 -1.73
C ALA C 420 -0.76 44.30 -1.19
N ALA C 421 0.09 43.42 -0.66
CA ALA C 421 1.39 43.85 -0.19
C ALA C 421 2.32 44.28 -1.31
N GLY C 422 2.04 43.86 -2.54
CA GLY C 422 2.86 44.22 -3.68
C GLY C 422 3.85 43.17 -4.13
N PHE C 423 3.79 41.96 -3.58
CA PHE C 423 4.71 40.90 -3.96
C PHE C 423 4.28 40.23 -5.26
N ILE D 1 37.07 8.08 -38.73
CA ILE D 1 38.15 7.66 -39.62
C ILE D 1 39.51 8.00 -39.01
N ALA D 2 39.60 9.17 -38.37
CA ALA D 2 40.83 9.60 -37.72
C ALA D 2 40.76 9.40 -36.21
N ILE D 3 40.68 8.13 -35.80
CA ILE D 3 40.63 7.79 -34.39
C ILE D 3 42.04 7.90 -33.80
N GLY D 4 42.17 8.67 -32.72
CA GLY D 4 43.48 8.87 -32.14
C GLY D 4 44.35 9.73 -33.05
N THR D 5 45.65 9.68 -32.77
CA THR D 5 46.61 10.39 -33.62
C THR D 5 46.64 9.80 -35.03
N TYR D 6 46.59 8.48 -35.14
CA TYR D 6 46.64 7.81 -36.44
C TYR D 6 45.25 7.84 -37.07
N GLN D 7 45.09 7.11 -38.17
CA GLN D 7 43.80 7.03 -38.85
C GLN D 7 43.69 5.70 -39.57
N GLU D 8 42.46 5.18 -39.62
CA GLU D 8 42.17 3.93 -40.30
C GLU D 8 40.93 4.13 -41.18
N LYS D 9 40.87 3.37 -42.27
CA LYS D 9 39.77 3.50 -43.21
C LYS D 9 38.45 3.08 -42.56
N ARG D 10 37.38 3.76 -42.95
CA ARG D 10 36.07 3.49 -42.39
C ARG D 10 35.59 2.10 -42.78
N THR D 11 34.96 1.42 -41.83
CA THR D 11 34.46 0.06 -42.02
C THR D 11 32.94 0.04 -41.84
N TRP D 12 32.37 -1.16 -41.84
CA TRP D 12 30.94 -1.30 -41.61
C TRP D 12 30.54 -0.79 -40.23
N PHE D 13 31.42 -0.97 -39.24
CA PHE D 13 31.10 -0.51 -37.89
C PHE D 13 30.94 1.01 -37.85
N ASP D 14 31.80 1.74 -38.57
CA ASP D 14 31.69 3.19 -38.58
C ASP D 14 30.38 3.65 -39.22
N ASP D 15 29.99 3.01 -40.33
CA ASP D 15 28.72 3.36 -40.96
C ASP D 15 27.54 3.05 -40.04
N ALA D 16 27.58 1.90 -39.36
CA ALA D 16 26.50 1.55 -38.44
C ALA D 16 26.44 2.54 -37.28
N ASP D 17 27.60 2.94 -36.75
CA ASP D 17 27.63 3.91 -35.67
C ASP D 17 27.07 5.26 -36.12
N ASP D 18 27.44 5.70 -37.33
CA ASP D 18 26.92 6.97 -37.84
C ASP D 18 25.41 6.91 -38.02
N TRP D 19 24.91 5.79 -38.54
CA TRP D 19 23.46 5.67 -38.74
C TRP D 19 22.70 5.60 -37.42
N LEU D 20 23.25 4.88 -36.43
CA LEU D 20 22.53 4.68 -35.18
C LEU D 20 22.50 5.95 -34.34
N ARG D 21 23.63 6.64 -34.22
CA ARG D 21 23.77 7.76 -33.30
C ARG D 21 23.48 9.11 -33.94
N GLN D 22 22.97 9.12 -35.16
CA GLN D 22 22.62 10.39 -35.79
C GLN D 22 21.41 11.01 -35.10
N ASP D 23 21.25 12.32 -35.29
CA ASP D 23 20.19 13.06 -34.63
C ASP D 23 18.87 12.88 -35.37
N ARG D 24 17.85 12.41 -34.66
CA ARG D 24 16.51 12.26 -35.22
C ARG D 24 15.51 12.36 -34.08
N PHE D 25 14.23 12.19 -34.41
CA PHE D 25 13.19 12.30 -33.40
C PHE D 25 13.32 11.20 -32.34
N VAL D 26 13.65 9.98 -32.78
CA VAL D 26 13.81 8.85 -31.88
C VAL D 26 15.29 8.46 -31.90
N PHE D 27 16.00 8.75 -30.82
CA PHE D 27 17.42 8.40 -30.72
C PHE D 27 17.54 6.90 -30.50
N VAL D 28 18.09 6.20 -31.49
CA VAL D 28 18.22 4.75 -31.38
C VAL D 28 19.48 4.37 -30.60
N GLY D 29 20.64 4.72 -31.12
CA GLY D 29 21.89 4.40 -30.46
C GLY D 29 22.20 2.91 -30.53
N TRP D 30 23.38 2.56 -30.02
CA TRP D 30 23.76 1.16 -29.95
C TRP D 30 22.91 0.39 -28.94
N SER D 31 22.55 1.04 -27.84
CA SER D 31 21.70 0.41 -26.83
C SER D 31 20.28 0.21 -27.31
N GLY D 32 19.88 0.88 -28.40
CA GLY D 32 18.53 0.72 -28.91
C GLY D 32 18.23 -0.70 -29.37
N LEU D 33 19.24 -1.38 -29.94
CA LEU D 33 19.06 -2.74 -30.40
C LEU D 33 18.65 -3.67 -29.27
N LEU D 34 19.07 -3.38 -28.04
CA LEU D 34 18.66 -4.16 -26.89
C LEU D 34 17.42 -3.60 -26.22
N LEU D 35 17.24 -2.28 -26.26
CA LEU D 35 16.10 -1.66 -25.59
C LEU D 35 14.80 -1.92 -26.34
N PHE D 36 14.73 -1.44 -27.58
CA PHE D 36 13.44 -1.38 -28.27
C PHE D 36 12.80 -2.75 -28.49
N PRO D 37 13.49 -3.77 -29.00
CA PRO D 37 12.82 -5.09 -29.10
C PRO D 37 12.39 -5.62 -27.74
N CYS D 38 13.27 -5.56 -26.74
CA CYS D 38 12.96 -6.16 -25.44
C CYS D 38 11.81 -5.44 -24.76
N ALA D 39 11.88 -4.11 -24.67
CA ALA D 39 10.81 -3.35 -24.01
C ALA D 39 9.51 -3.46 -24.79
N TYR D 40 9.59 -3.39 -26.13
CA TYR D 40 8.39 -3.50 -26.95
C TYR D 40 7.70 -4.84 -26.75
N PHE D 41 8.48 -5.92 -26.72
CA PHE D 41 7.89 -7.24 -26.52
C PHE D 41 7.41 -7.45 -25.10
N ALA D 42 8.07 -6.84 -24.12
CA ALA D 42 7.56 -6.92 -22.75
C ALA D 42 6.18 -6.28 -22.64
N LEU D 43 6.05 -5.06 -23.18
CA LEU D 43 4.75 -4.39 -23.15
C LEU D 43 3.71 -5.17 -23.96
N GLY D 44 4.09 -5.67 -25.14
CA GLY D 44 3.16 -6.43 -25.94
C GLY D 44 2.71 -7.71 -25.28
N GLY D 45 3.63 -8.43 -24.65
CA GLY D 45 3.28 -9.64 -23.94
C GLY D 45 2.38 -9.36 -22.75
N TRP D 46 2.65 -8.29 -22.01
CA TRP D 46 1.78 -7.95 -20.90
C TRP D 46 0.38 -7.62 -21.39
N LEU D 47 0.26 -6.82 -22.46
CA LEU D 47 -1.06 -6.47 -22.98
C LEU D 47 -1.79 -7.70 -23.50
N THR D 48 -1.08 -8.58 -24.22
CA THR D 48 -1.70 -9.79 -24.74
C THR D 48 -2.16 -10.71 -23.62
N GLY D 49 -1.34 -10.86 -22.57
CA GLY D 49 -1.72 -11.70 -21.46
C GLY D 49 -2.92 -11.16 -20.69
N THR D 50 -2.93 -9.84 -20.45
CA THR D 50 -4.08 -9.26 -19.78
C THR D 50 -5.32 -9.25 -20.66
N THR D 51 -5.16 -9.36 -21.98
CA THR D 51 -6.29 -9.33 -22.90
C THR D 51 -6.82 -10.72 -23.26
N PHE D 52 -5.94 -11.69 -23.49
CA PHE D 52 -6.37 -12.98 -23.99
C PHE D 52 -5.94 -14.17 -23.14
N VAL D 53 -4.73 -14.14 -22.58
CA VAL D 53 -4.19 -15.32 -21.91
C VAL D 53 -4.85 -15.50 -20.54
N THR D 54 -5.29 -16.71 -20.26
CA THR D 54 -5.98 -17.04 -19.02
C THR D 54 -5.00 -17.62 -18.00
N SER D 55 -5.49 -17.73 -16.76
CA SER D 55 -4.74 -18.34 -15.66
C SER D 55 -5.53 -19.45 -14.99
N TRP D 56 -6.49 -20.05 -15.71
CA TRP D 56 -7.35 -21.07 -15.10
C TRP D 56 -6.57 -22.31 -14.70
N TYR D 57 -5.43 -22.57 -15.35
CA TYR D 57 -4.64 -23.75 -15.06
C TYR D 57 -3.46 -23.47 -14.13
N THR D 58 -2.80 -22.33 -14.28
CA THR D 58 -1.66 -22.01 -13.43
C THR D 58 -2.11 -21.73 -11.99
N HIS D 59 -3.13 -20.90 -11.82
CA HIS D 59 -3.59 -20.51 -10.49
C HIS D 59 -5.04 -20.86 -10.22
N GLY D 60 -5.78 -21.36 -11.20
CA GLY D 60 -7.21 -21.55 -11.02
C GLY D 60 -7.97 -20.25 -10.89
N LEU D 61 -7.57 -19.23 -11.65
CA LEU D 61 -8.18 -17.92 -11.60
C LEU D 61 -8.46 -17.42 -13.01
N ALA D 62 -9.37 -16.46 -13.11
CA ALA D 62 -9.63 -15.73 -14.35
C ALA D 62 -8.91 -14.39 -14.27
N THR D 63 -7.96 -14.18 -15.18
CA THR D 63 -7.13 -12.97 -15.16
C THR D 63 -6.98 -12.41 -16.57
N SER D 64 -8.07 -12.38 -17.33
CA SER D 64 -8.03 -11.82 -18.67
C SER D 64 -9.36 -11.13 -18.95
N TYR D 65 -9.33 -10.22 -19.93
CA TYR D 65 -10.51 -9.41 -20.23
C TYR D 65 -11.67 -10.26 -20.73
N LEU D 66 -11.38 -11.27 -21.56
CA LEU D 66 -12.46 -12.09 -22.12
C LEU D 66 -13.06 -13.04 -21.10
N GLU D 67 -12.41 -13.19 -19.94
CA GLU D 67 -12.97 -13.94 -18.84
C GLU D 67 -13.87 -13.08 -17.96
N GLY D 68 -14.03 -11.80 -18.28
CA GLY D 68 -14.85 -10.90 -17.51
C GLY D 68 -14.11 -9.99 -16.57
N CYS D 69 -12.79 -9.91 -16.66
CA CYS D 69 -11.99 -9.09 -15.76
C CYS D 69 -11.83 -7.68 -16.33
N ASN D 70 -11.74 -6.71 -15.42
CA ASN D 70 -11.52 -5.33 -15.79
C ASN D 70 -10.02 -5.01 -15.73
N PHE D 71 -9.68 -3.73 -15.80
CA PHE D 71 -8.27 -3.33 -15.76
C PHE D 71 -7.63 -3.67 -14.42
N LEU D 72 -8.40 -3.59 -13.33
CA LEU D 72 -7.83 -3.80 -12.00
C LEU D 72 -7.55 -5.27 -11.74
N THR D 73 -8.44 -6.16 -12.16
CA THR D 73 -8.30 -7.58 -11.84
C THR D 73 -7.49 -8.35 -12.88
N ALA D 74 -7.39 -7.86 -14.11
CA ALA D 74 -6.63 -8.57 -15.13
C ALA D 74 -5.14 -8.56 -14.79
N ALA D 75 -4.48 -9.68 -15.05
CA ALA D 75 -3.06 -9.80 -14.74
C ALA D 75 -2.47 -10.92 -15.58
N VAL D 76 -1.14 -10.90 -15.70
CA VAL D 76 -0.37 -11.97 -16.32
C VAL D 76 0.21 -12.78 -15.17
N SER D 77 -0.46 -13.87 -14.81
CA SER D 77 -0.10 -14.60 -13.61
C SER D 77 1.15 -15.45 -13.84
N THR D 78 1.84 -15.74 -12.75
CA THR D 78 3.02 -16.57 -12.79
C THR D 78 2.64 -18.02 -13.06
N PRO D 79 3.57 -18.82 -13.59
CA PRO D 79 3.27 -20.24 -13.83
C PRO D 79 3.02 -20.99 -12.52
N ALA D 80 2.54 -22.21 -12.67
CA ALA D 80 2.24 -23.04 -11.52
C ALA D 80 3.52 -23.44 -10.79
N ASN D 81 3.36 -23.81 -9.52
CA ASN D 81 4.51 -24.19 -8.70
C ASN D 81 5.16 -25.49 -9.18
N SER D 82 4.45 -26.29 -9.98
CA SER D 82 5.01 -27.55 -10.45
C SER D 82 6.22 -27.34 -11.34
N MET D 83 6.21 -26.30 -12.19
CA MET D 83 7.34 -26.02 -13.05
C MET D 83 8.54 -25.46 -12.29
N ALA D 84 8.36 -25.06 -11.02
CA ALA D 84 9.43 -24.58 -10.15
C ALA D 84 10.11 -23.39 -10.84
N HIS D 85 11.43 -23.42 -11.07
CA HIS D 85 12.14 -22.30 -11.66
C HIS D 85 12.42 -22.52 -13.15
N SER D 86 11.57 -23.27 -13.83
CA SER D 86 11.74 -23.47 -15.27
C SER D 86 11.60 -22.14 -16.00
N LEU D 87 12.53 -21.89 -16.93
CA LEU D 87 12.47 -20.66 -17.70
C LEU D 87 11.32 -20.63 -18.67
N LEU D 88 10.74 -21.80 -18.99
CA LEU D 88 9.54 -21.90 -19.82
C LEU D 88 9.74 -21.29 -21.20
N PHE D 89 10.77 -21.75 -21.90
CA PHE D 89 10.93 -21.38 -23.30
C PHE D 89 9.78 -21.99 -24.11
N VAL D 90 9.37 -21.25 -25.15
CA VAL D 90 8.28 -21.74 -26.00
C VAL D 90 8.70 -23.02 -26.69
N TRP D 91 10.00 -23.22 -26.91
CA TRP D 91 10.53 -24.44 -27.50
C TRP D 91 10.98 -25.44 -26.44
N GLY D 92 10.77 -25.16 -25.16
CA GLY D 92 11.28 -25.98 -24.11
C GLY D 92 10.50 -27.27 -23.96
N PRO D 93 10.96 -28.14 -23.05
CA PRO D 93 10.28 -29.43 -22.84
C PRO D 93 8.85 -29.28 -22.36
N GLU D 94 8.54 -28.24 -21.59
CA GLU D 94 7.18 -28.07 -21.09
C GLU D 94 6.22 -27.67 -22.20
N ALA D 95 6.63 -26.71 -23.04
CA ALA D 95 5.74 -26.22 -24.09
C ALA D 95 5.80 -27.06 -25.36
N GLN D 96 6.96 -27.65 -25.66
CA GLN D 96 7.15 -28.50 -26.83
C GLN D 96 6.83 -27.77 -28.13
N GLY D 97 7.03 -26.46 -28.15
CA GLY D 97 6.77 -25.67 -29.35
C GLY D 97 5.33 -25.30 -29.58
N ASP D 98 4.43 -25.66 -28.67
CA ASP D 98 3.01 -25.35 -28.81
C ASP D 98 2.71 -24.00 -28.16
N PHE D 99 2.32 -23.02 -28.98
CA PHE D 99 2.07 -21.68 -28.46
C PHE D 99 0.87 -21.67 -27.52
N THR D 100 -0.19 -22.39 -27.86
CA THR D 100 -1.38 -22.42 -27.01
C THR D 100 -1.07 -23.03 -25.65
N ARG D 101 -0.38 -24.17 -25.65
CA ARG D 101 -0.01 -24.79 -24.39
C ARG D 101 1.02 -23.96 -23.63
N TRP D 102 1.90 -23.25 -24.35
CA TRP D 102 2.84 -22.35 -23.69
C TRP D 102 2.10 -21.23 -22.96
N CYS D 103 1.09 -20.65 -23.61
CA CYS D 103 0.30 -19.61 -22.95
C CYS D 103 -0.49 -20.19 -21.77
N GLN D 104 -1.03 -21.39 -21.93
CA GLN D 104 -1.80 -21.99 -20.84
C GLN D 104 -0.92 -22.32 -19.64
N LEU D 105 0.32 -22.75 -19.88
CA LEU D 105 1.23 -23.10 -18.80
C LEU D 105 1.75 -21.88 -18.04
N GLY D 106 1.51 -20.67 -18.55
CA GLY D 106 1.98 -19.47 -17.90
C GLY D 106 3.34 -18.99 -18.33
N GLY D 107 3.87 -19.48 -19.45
CA GLY D 107 5.17 -19.05 -19.92
C GLY D 107 5.22 -17.60 -20.35
N LEU D 108 4.06 -16.99 -20.61
CA LEU D 108 4.04 -15.58 -20.97
C LEU D 108 4.58 -14.71 -19.85
N TRP D 109 4.38 -15.12 -18.59
CA TRP D 109 4.96 -14.37 -17.48
C TRP D 109 6.48 -14.36 -17.56
N ALA D 110 7.08 -15.52 -17.80
CA ALA D 110 8.54 -15.58 -17.93
C ALA D 110 9.01 -14.78 -19.13
N PHE D 111 8.29 -14.86 -20.25
CA PHE D 111 8.62 -14.08 -21.44
C PHE D 111 8.65 -12.59 -21.11
N VAL D 112 7.57 -12.09 -20.51
CA VAL D 112 7.48 -10.67 -20.18
C VAL D 112 8.57 -10.28 -19.20
N ALA D 113 8.77 -11.08 -18.15
CA ALA D 113 9.74 -10.72 -17.12
C ALA D 113 11.16 -10.66 -17.68
N LEU D 114 11.56 -11.66 -18.47
CA LEU D 114 12.93 -11.68 -18.95
C LEU D 114 13.18 -10.63 -20.02
N HIS D 115 12.28 -10.52 -21.01
CA HIS D 115 12.50 -9.49 -22.03
C HIS D 115 12.39 -8.10 -21.40
N GLY D 116 11.61 -7.93 -20.33
CA GLY D 116 11.53 -6.64 -19.69
C GLY D 116 12.74 -6.31 -18.83
N ALA D 117 13.34 -7.33 -18.19
CA ALA D 117 14.59 -7.10 -17.48
C ALA D 117 15.69 -6.69 -18.46
N PHE D 118 15.75 -7.36 -19.61
CA PHE D 118 16.72 -6.92 -20.61
C PHE D 118 16.37 -5.55 -21.17
N GLY D 119 15.09 -5.21 -21.24
CA GLY D 119 14.70 -3.86 -21.61
C GLY D 119 15.18 -2.82 -20.61
N LEU D 120 15.11 -3.14 -19.31
CA LEU D 120 15.64 -2.23 -18.29
C LEU D 120 17.15 -2.06 -18.42
N ILE D 121 17.85 -3.17 -18.66
CA ILE D 121 19.30 -3.08 -18.89
C ILE D 121 19.59 -2.19 -20.08
N GLY D 122 18.87 -2.39 -21.17
CA GLY D 122 19.03 -1.54 -22.33
C GLY D 122 18.67 -0.08 -22.07
N PHE D 123 17.70 0.15 -21.19
CA PHE D 123 17.32 1.53 -20.87
C PHE D 123 18.43 2.25 -20.12
N MET D 124 19.04 1.58 -19.15
CA MET D 124 20.16 2.25 -18.46
C MET D 124 21.36 2.39 -19.38
N LEU D 125 21.57 1.44 -20.29
CA LEU D 125 22.61 1.60 -21.29
C LEU D 125 22.32 2.80 -22.19
N ARG D 126 21.05 3.01 -22.54
CA ARG D 126 20.67 4.18 -23.33
C ARG D 126 20.93 5.47 -22.55
N GLN D 127 20.63 5.46 -21.25
CA GLN D 127 20.93 6.63 -20.42
C GLN D 127 22.42 6.93 -20.45
N PHE D 128 23.26 5.90 -20.30
CA PHE D 128 24.70 6.10 -20.37
C PHE D 128 25.13 6.64 -21.73
N GLU D 129 24.58 6.08 -22.81
CA GLU D 129 24.96 6.51 -24.15
C GLU D 129 24.59 7.96 -24.41
N ILE D 130 23.37 8.36 -24.01
CA ILE D 130 22.92 9.72 -24.25
C ILE D 130 23.70 10.70 -23.37
N ALA D 131 24.02 10.29 -22.14
CA ALA D 131 24.86 11.14 -21.30
C ALA D 131 26.24 11.34 -21.90
N ARG D 132 26.80 10.27 -22.46
CA ARG D 132 28.11 10.39 -23.11
C ARG D 132 28.04 11.29 -24.34
N SER D 133 26.97 11.16 -25.14
CA SER D 133 26.84 11.98 -26.34
C SER D 133 26.71 13.46 -26.01
N VAL D 134 25.94 13.79 -24.97
CA VAL D 134 25.76 15.18 -24.55
C VAL D 134 26.89 15.68 -23.68
N ASN D 135 27.79 14.78 -23.26
CA ASN D 135 28.92 15.12 -22.38
C ASN D 135 28.44 15.65 -21.04
N LEU D 136 27.67 14.81 -20.34
CA LEU D 136 27.17 15.11 -19.01
C LEU D 136 27.53 13.97 -18.07
N ARG D 137 27.68 14.29 -16.79
CA ARG D 137 27.96 13.27 -15.80
C ARG D 137 26.76 12.34 -15.69
N PRO D 138 26.97 11.02 -15.68
CA PRO D 138 25.84 10.08 -15.76
C PRO D 138 25.24 9.74 -14.39
N TYR D 139 24.80 10.79 -13.68
CA TYR D 139 24.13 10.56 -12.40
C TYR D 139 22.73 10.00 -12.58
N ASN D 140 22.12 10.22 -13.76
CA ASN D 140 20.79 9.68 -14.00
C ASN D 140 20.78 8.17 -14.01
N ALA D 141 21.79 7.54 -14.62
CA ALA D 141 21.89 6.08 -14.59
C ALA D 141 22.13 5.58 -13.18
N ILE D 142 22.94 6.29 -12.40
CA ILE D 142 23.19 5.90 -11.01
C ILE D 142 21.90 5.96 -10.21
N ALA D 143 21.08 6.98 -10.45
CA ALA D 143 19.78 7.05 -9.79
C ALA D 143 18.86 5.93 -10.25
N PHE D 144 18.86 5.63 -11.55
CA PHE D 144 18.03 4.55 -12.09
C PHE D 144 18.51 3.17 -11.66
N SER D 145 19.71 3.07 -11.08
CA SER D 145 20.16 1.78 -10.57
C SER D 145 19.20 1.22 -9.52
N ALA D 146 18.60 2.10 -8.71
CA ALA D 146 17.70 1.62 -7.66
C ALA D 146 16.45 0.93 -8.21
N PRO D 147 15.73 1.47 -9.20
CA PRO D 147 14.60 0.71 -9.76
C PRO D 147 15.00 -0.66 -10.31
N ILE D 148 16.15 -0.76 -10.99
CA ILE D 148 16.58 -2.05 -11.50
C ILE D 148 16.94 -2.99 -10.35
N ALA D 149 17.55 -2.46 -9.30
CA ALA D 149 17.86 -3.29 -8.13
C ALA D 149 16.57 -3.84 -7.52
N VAL D 150 15.54 -2.99 -7.40
CA VAL D 150 14.26 -3.43 -6.84
C VAL D 150 13.63 -4.48 -7.73
N PHE D 151 13.63 -4.26 -9.05
CA PHE D 151 13.04 -5.22 -9.96
C PHE D 151 13.75 -6.57 -9.88
N VAL D 152 15.09 -6.54 -9.84
CA VAL D 152 15.84 -7.79 -9.76
C VAL D 152 15.57 -8.51 -8.44
N SER D 153 15.55 -7.76 -7.33
CA SER D 153 15.34 -8.39 -6.03
C SER D 153 13.95 -8.97 -5.90
N VAL D 154 12.93 -8.29 -6.44
CA VAL D 154 11.55 -8.72 -6.23
C VAL D 154 11.11 -9.74 -7.27
N PHE D 155 11.24 -9.42 -8.56
CA PHE D 155 10.71 -10.28 -9.60
C PHE D 155 11.65 -11.40 -10.02
N LEU D 156 12.94 -11.33 -9.65
CA LEU D 156 13.89 -12.35 -10.02
C LEU D 156 14.50 -13.08 -8.83
N ILE D 157 15.06 -12.34 -7.88
CA ILE D 157 15.77 -12.97 -6.78
C ILE D 157 14.81 -13.69 -5.83
N TYR D 158 13.67 -13.05 -5.51
CA TYR D 158 12.74 -13.66 -4.57
C TYR D 158 12.16 -14.98 -5.07
N PRO D 159 11.60 -15.07 -6.29
CA PRO D 159 11.10 -16.39 -6.75
C PRO D 159 12.19 -17.43 -6.84
N LEU D 160 13.42 -17.02 -7.19
CA LEU D 160 14.53 -17.97 -7.24
C LEU D 160 14.85 -18.50 -5.85
N GLY D 161 14.81 -17.64 -4.84
CA GLY D 161 15.03 -18.11 -3.48
C GLY D 161 13.93 -19.02 -2.98
N GLN D 162 12.70 -18.82 -3.45
CA GLN D 162 11.56 -19.59 -3.03
C GLN D 162 11.44 -20.86 -3.88
N SER D 163 10.29 -21.54 -3.80
CA SER D 163 10.11 -22.80 -4.50
C SER D 163 10.15 -22.63 -6.01
N GLY D 164 9.57 -21.54 -6.52
CA GLY D 164 9.56 -21.35 -7.95
C GLY D 164 9.03 -19.98 -8.33
N TRP D 165 8.80 -19.81 -9.63
CA TRP D 165 8.24 -18.56 -10.13
C TRP D 165 6.83 -18.29 -9.63
N PHE D 166 6.16 -19.32 -9.10
CA PHE D 166 4.77 -19.19 -8.68
C PHE D 166 4.60 -18.10 -7.63
N PHE D 167 5.60 -17.89 -6.78
CA PHE D 167 5.51 -16.91 -5.70
C PHE D 167 6.05 -15.55 -6.08
N ALA D 168 6.49 -15.37 -7.32
CA ALA D 168 6.85 -14.06 -7.81
C ALA D 168 5.60 -13.22 -8.02
N PRO D 169 5.72 -11.89 -8.00
CA PRO D 169 4.56 -11.04 -8.26
C PRO D 169 4.01 -11.27 -9.66
N SER D 170 2.69 -11.31 -9.77
CA SER D 170 2.05 -11.39 -11.07
C SER D 170 1.80 -9.98 -11.60
N PHE D 171 1.97 -9.81 -12.90
CA PHE D 171 1.92 -8.49 -13.53
C PHE D 171 0.47 -8.03 -13.58
N GLY D 172 0.03 -7.40 -12.50
CA GLY D 172 -1.33 -6.90 -12.42
C GLY D 172 -1.51 -6.02 -11.20
N VAL D 173 -2.69 -5.45 -11.09
CA VAL D 173 -2.99 -4.54 -9.98
C VAL D 173 -3.45 -5.32 -8.76
N ALA D 174 -4.54 -6.06 -8.89
CA ALA D 174 -4.99 -6.90 -7.79
C ALA D 174 -3.96 -7.98 -7.48
N ALA D 175 -3.22 -8.43 -8.49
CA ALA D 175 -2.15 -9.41 -8.25
C ALA D 175 -1.04 -8.82 -7.38
N ILE D 176 -0.63 -7.58 -7.66
CA ILE D 176 0.42 -6.98 -6.84
C ILE D 176 -0.11 -6.67 -5.45
N PHE D 177 -1.40 -6.34 -5.32
CA PHE D 177 -1.98 -6.17 -3.99
C PHE D 177 -1.96 -7.48 -3.22
N ARG D 178 -2.28 -8.59 -3.89
CA ARG D 178 -2.19 -9.90 -3.27
C ARG D 178 -0.76 -10.20 -2.83
N PHE D 179 0.22 -9.84 -3.66
CA PHE D 179 1.62 -10.05 -3.30
C PHE D 179 2.00 -9.24 -2.06
N ILE D 180 1.53 -7.99 -1.98
CA ILE D 180 1.80 -7.15 -0.82
C ILE D 180 1.19 -7.78 0.44
N LEU D 181 -0.07 -8.20 0.34
CA LEU D 181 -0.71 -8.85 1.48
C LEU D 181 -0.03 -10.15 1.83
N PHE D 182 0.53 -10.84 0.84
CA PHE D 182 1.25 -12.09 1.10
C PHE D 182 2.50 -11.85 1.93
N PHE D 183 3.29 -10.84 1.56
CA PHE D 183 4.45 -10.51 2.41
C PHE D 183 4.00 -10.01 3.78
N GLN D 184 2.86 -9.31 3.86
CA GLN D 184 2.38 -8.89 5.17
C GLN D 184 2.07 -10.09 6.05
N GLY D 185 1.37 -11.08 5.50
CA GLY D 185 0.94 -12.21 6.30
C GLY D 185 2.03 -13.19 6.63
N PHE D 186 2.86 -13.53 5.64
CA PHE D 186 3.83 -14.62 5.79
C PHE D 186 5.20 -14.17 6.26
N HIS D 187 5.58 -12.91 6.03
CA HIS D 187 6.91 -12.44 6.38
C HIS D 187 6.93 -11.31 7.39
N ASN D 188 5.79 -10.76 7.78
CA ASN D 188 5.73 -9.60 8.67
C ASN D 188 6.60 -8.48 8.12
N TRP D 189 6.37 -8.14 6.85
CA TRP D 189 7.30 -7.31 6.10
C TRP D 189 7.35 -5.87 6.61
N THR D 190 6.29 -5.39 7.26
CA THR D 190 6.32 -4.05 7.84
C THR D 190 7.38 -3.94 8.93
N LEU D 191 7.47 -4.94 9.80
CA LEU D 191 8.37 -4.88 10.93
C LEU D 191 9.84 -5.00 10.53
N ASN D 192 10.11 -5.37 9.29
CA ASN D 192 11.49 -5.48 8.84
C ASN D 192 12.11 -4.09 8.73
N PRO D 193 13.29 -3.86 9.31
CA PRO D 193 13.90 -2.53 9.23
C PRO D 193 14.24 -2.08 7.82
N PHE D 194 14.37 -3.01 6.88
CA PHE D 194 14.73 -2.61 5.52
C PHE D 194 13.56 -1.97 4.79
N HIS D 195 12.36 -2.54 4.89
CA HIS D 195 11.20 -1.83 4.36
C HIS D 195 10.92 -0.57 5.16
N MET D 196 11.32 -0.54 6.43
CA MET D 196 11.24 0.70 7.20
C MET D 196 12.11 1.79 6.59
N MET D 197 13.35 1.44 6.22
CA MET D 197 14.23 2.41 5.57
C MET D 197 13.71 2.78 4.20
N GLY D 198 13.10 1.84 3.48
CA GLY D 198 12.50 2.17 2.20
C GLY D 198 11.33 3.14 2.34
N VAL D 199 10.50 2.93 3.37
CA VAL D 199 9.41 3.85 3.66
C VAL D 199 9.96 5.23 3.97
N ALA D 200 10.98 5.28 4.82
CA ALA D 200 11.59 6.57 5.16
C ALA D 200 12.14 7.25 3.92
N GLY D 201 12.80 6.48 3.05
CA GLY D 201 13.37 7.05 1.84
C GLY D 201 12.32 7.63 0.91
N VAL D 202 11.25 6.87 0.67
CA VAL D 202 10.21 7.35 -0.25
C VAL D 202 9.48 8.56 0.34
N LEU D 203 9.13 8.50 1.63
CA LEU D 203 8.43 9.62 2.23
C LEU D 203 9.32 10.86 2.27
N GLY D 204 10.61 10.70 2.57
CA GLY D 204 11.52 11.82 2.54
C GLY D 204 11.72 12.37 1.15
N ALA D 205 11.73 11.49 0.14
CA ALA D 205 11.83 11.95 -1.24
C ALA D 205 10.63 12.77 -1.63
N ALA D 206 9.43 12.32 -1.26
CA ALA D 206 8.23 13.12 -1.53
C ALA D 206 8.27 14.45 -0.78
N LEU D 207 8.72 14.42 0.48
CA LEU D 207 8.84 15.64 1.27
C LEU D 207 9.79 16.63 0.60
N LEU D 208 10.96 16.15 0.18
CA LEU D 208 11.94 17.01 -0.47
C LEU D 208 11.42 17.53 -1.80
N CYS D 209 10.70 16.68 -2.54
CA CYS D 209 10.09 17.12 -3.80
C CYS D 209 9.13 18.28 -3.55
N ALA D 210 8.22 18.13 -2.59
CA ALA D 210 7.26 19.20 -2.30
C ALA D 210 7.97 20.45 -1.79
N ILE D 211 8.95 20.28 -0.90
CA ILE D 211 9.63 21.42 -0.30
C ILE D 211 10.39 22.21 -1.37
N HIS D 212 11.12 21.50 -2.24
CA HIS D 212 11.87 22.18 -3.29
C HIS D 212 10.93 22.86 -4.29
N GLY D 213 9.87 22.16 -4.69
CA GLY D 213 8.94 22.73 -5.66
C GLY D 213 8.04 23.81 -5.10
N ALA D 214 8.03 23.99 -3.78
CA ALA D 214 7.37 25.14 -3.18
C ALA D 214 8.34 26.30 -2.98
N THR D 215 9.52 26.01 -2.44
CA THR D 215 10.54 27.04 -2.26
C THR D 215 10.86 27.72 -3.58
N VAL D 216 11.08 26.94 -4.63
CA VAL D 216 10.94 27.46 -5.98
C VAL D 216 9.45 27.55 -6.28
N GLU D 217 9.06 28.60 -6.99
CA GLU D 217 7.71 29.13 -7.16
C GLU D 217 7.27 29.93 -5.93
N ASN D 218 8.07 29.96 -4.86
CA ASN D 218 7.87 30.94 -3.80
C ASN D 218 9.03 31.89 -3.63
N THR D 219 10.08 31.78 -4.45
CA THR D 219 11.25 32.63 -4.31
C THR D 219 11.78 33.18 -5.63
N LEU D 220 11.03 33.03 -6.73
CA LEU D 220 11.47 33.62 -7.99
C LEU D 220 11.49 35.14 -7.92
N PHE D 221 12.46 35.73 -8.61
CA PHE D 221 12.57 37.18 -8.65
C PHE D 221 11.39 37.78 -9.41
N GLU D 222 10.96 38.96 -8.96
CA GLU D 222 9.81 39.63 -9.56
C GLU D 222 10.21 40.19 -10.91
N ASP D 223 9.92 39.44 -11.98
CA ASP D 223 10.27 39.86 -13.32
C ASP D 223 9.36 39.17 -14.34
N GLU D 239 19.95 29.65 -14.63
CA GLU D 239 19.38 28.56 -13.85
C GLU D 239 18.92 29.03 -12.48
N GLU D 240 19.52 30.11 -12.00
CA GLU D 240 19.19 30.68 -10.69
C GLU D 240 18.03 31.67 -10.86
N THR D 241 16.85 31.11 -11.08
CA THR D 241 15.64 31.90 -11.25
C THR D 241 14.94 32.23 -9.94
N TYR D 242 15.46 31.74 -8.81
CA TYR D 242 14.86 31.97 -7.51
C TYR D 242 15.92 32.45 -6.54
N SER D 243 15.48 33.24 -5.54
CA SER D 243 16.39 33.82 -4.56
C SER D 243 16.80 32.77 -3.55
N MET D 244 18.10 32.48 -3.47
CA MET D 244 18.60 31.48 -2.54
C MET D 244 18.66 32.03 -1.12
N VAL D 245 19.00 33.32 -0.97
CA VAL D 245 19.16 33.91 0.36
C VAL D 245 17.83 33.92 1.10
N THR D 246 16.76 34.31 0.42
CA THR D 246 15.44 34.32 1.05
C THR D 246 15.01 32.91 1.44
N ALA D 247 15.30 31.92 0.59
CA ALA D 247 14.96 30.54 0.91
C ALA D 247 15.71 30.07 2.15
N ASN D 248 17.00 30.37 2.23
CA ASN D 248 17.78 29.98 3.39
C ASN D 248 17.28 30.66 4.66
N ARG D 249 16.96 31.95 4.57
CA ARG D 249 16.44 32.65 5.73
C ARG D 249 15.11 32.08 6.18
N PHE D 250 14.23 31.77 5.22
CA PHE D 250 12.93 31.20 5.56
C PHE D 250 13.07 29.83 6.22
N TRP D 251 13.93 28.97 5.67
CA TRP D 251 14.08 27.63 6.22
C TRP D 251 15.03 27.58 7.41
N SER D 252 15.65 28.70 7.78
CA SER D 252 16.36 28.80 9.04
C SER D 252 15.51 29.37 10.15
N GLN D 253 14.67 30.36 9.84
CA GLN D 253 13.75 30.90 10.84
C GLN D 253 12.67 29.90 11.21
N ILE D 254 12.29 29.02 10.29
CA ILE D 254 11.38 27.91 10.55
C ILE D 254 12.20 26.63 10.45
N PHE D 255 11.98 25.71 11.40
CA PHE D 255 12.57 24.37 11.40
C PHE D 255 14.06 24.43 11.75
N GLY D 256 14.62 25.62 11.88
CA GLY D 256 15.97 25.78 12.38
C GLY D 256 17.09 25.55 11.39
N VAL D 257 16.98 24.50 10.58
CA VAL D 257 18.07 24.06 9.71
C VAL D 257 17.66 24.28 8.25
N ALA D 258 18.61 24.79 7.47
CA ALA D 258 18.39 25.05 6.05
C ALA D 258 19.58 24.53 5.26
N PHE D 259 19.34 24.22 3.98
CA PHE D 259 20.38 23.68 3.11
C PHE D 259 21.16 24.84 2.51
N SER D 260 22.46 24.91 2.84
CA SER D 260 23.25 26.09 2.51
C SER D 260 23.37 26.30 1.01
N ASN D 261 23.60 25.23 0.25
CA ASN D 261 23.90 25.35 -1.17
C ASN D 261 22.96 24.48 -2.00
N LYS D 262 22.77 24.91 -3.25
CA LYS D 262 21.87 24.20 -4.17
C LYS D 262 22.40 22.80 -4.49
N ARG D 263 23.71 22.67 -4.67
CA ARG D 263 24.29 21.38 -5.05
C ARG D 263 24.01 20.32 -3.99
N TRP D 264 24.20 20.67 -2.72
CA TRP D 264 23.94 19.71 -1.64
C TRP D 264 22.47 19.31 -1.60
N LEU D 265 21.56 20.27 -1.79
CA LEU D 265 20.15 19.96 -1.75
C LEU D 265 19.76 19.00 -2.87
N HIS D 266 20.25 19.27 -4.08
CA HIS D 266 19.90 18.39 -5.19
C HIS D 266 20.57 17.03 -5.06
N PHE D 267 21.79 16.98 -4.50
CA PHE D 267 22.41 15.70 -4.22
C PHE D 267 21.62 14.91 -3.20
N PHE D 268 21.09 15.58 -2.17
CA PHE D 268 20.28 14.90 -1.18
C PHE D 268 18.99 14.36 -1.80
N MET D 269 18.34 15.15 -2.66
CA MET D 269 17.15 14.67 -3.34
C MET D 269 17.47 13.47 -4.23
N LEU D 270 18.65 13.44 -4.83
CA LEU D 270 19.09 12.25 -5.54
C LEU D 270 19.27 11.08 -4.59
N LEU D 271 19.93 11.32 -3.46
CA LEU D 271 20.44 10.23 -2.63
C LEU D 271 19.33 9.53 -1.86
N VAL D 272 18.39 10.28 -1.29
CA VAL D 272 17.45 9.71 -0.32
C VAL D 272 16.62 8.58 -0.92
N PRO D 273 15.87 8.80 -2.01
CA PRO D 273 15.06 7.69 -2.55
C PRO D 273 15.89 6.51 -3.04
N VAL D 274 17.06 6.78 -3.62
CA VAL D 274 17.87 5.70 -4.18
C VAL D 274 18.36 4.78 -3.06
N THR D 275 18.89 5.36 -1.98
CA THR D 275 19.36 4.53 -0.89
C THR D 275 18.22 3.85 -0.16
N GLY D 276 17.06 4.52 -0.05
CA GLY D 276 15.90 3.86 0.54
C GLY D 276 15.48 2.63 -0.25
N LEU D 277 15.41 2.77 -1.57
CA LEU D 277 15.02 1.64 -2.42
C LEU D 277 16.07 0.54 -2.39
N TRP D 278 17.35 0.90 -2.29
CA TRP D 278 18.40 -0.12 -2.19
C TRP D 278 18.29 -0.92 -0.90
N MET D 279 18.06 -0.24 0.22
CA MET D 279 17.85 -0.97 1.48
C MET D 279 16.61 -1.84 1.40
N SER D 280 15.56 -1.34 0.74
CA SER D 280 14.37 -2.16 0.54
C SER D 280 14.67 -3.42 -0.26
N ALA D 281 15.49 -3.29 -1.30
CA ALA D 281 15.87 -4.46 -2.10
C ALA D 281 16.69 -5.46 -1.28
N ILE D 282 17.58 -4.96 -0.42
CA ILE D 282 18.32 -5.85 0.46
C ILE D 282 17.36 -6.62 1.37
N GLY D 283 16.36 -5.92 1.91
CA GLY D 283 15.35 -6.60 2.70
C GLY D 283 14.58 -7.64 1.91
N VAL D 284 14.30 -7.34 0.63
CA VAL D 284 13.62 -8.31 -0.21
C VAL D 284 14.47 -9.56 -0.41
N VAL D 285 15.79 -9.39 -0.53
CA VAL D 285 16.68 -10.55 -0.59
C VAL D 285 16.58 -11.35 0.71
N GLY D 286 16.62 -10.66 1.84
CA GLY D 286 16.50 -11.33 3.12
C GLY D 286 15.21 -12.14 3.22
N LEU D 287 14.11 -11.59 2.71
CA LEU D 287 12.88 -12.37 2.63
C LEU D 287 12.98 -13.52 1.64
N ALA D 288 13.71 -13.31 0.54
CA ALA D 288 13.88 -14.36 -0.45
C ALA D 288 14.52 -15.59 0.15
N LEU D 289 15.36 -15.41 1.18
CA LEU D 289 15.87 -16.55 1.93
C LEU D 289 15.03 -16.85 3.18
N ASN D 290 13.82 -16.29 3.26
CA ASN D 290 12.90 -16.54 4.37
C ASN D 290 13.54 -16.21 5.72
N LEU D 291 14.25 -15.08 5.76
CA LEU D 291 14.91 -14.62 6.97
C LEU D 291 14.05 -13.53 7.60
N ARG D 292 13.28 -13.89 8.62
CA ARG D 292 12.46 -12.92 9.32
C ARG D 292 13.32 -11.97 10.13
N ALA D 293 12.80 -10.76 10.35
CA ALA D 293 13.51 -9.73 11.09
C ALA D 293 12.62 -9.17 12.18
N TYR D 294 13.25 -8.81 13.30
CA TYR D 294 12.58 -8.20 14.45
C TYR D 294 11.47 -9.12 14.98
N ASP D 295 11.92 -10.28 15.46
CA ASP D 295 11.04 -11.28 16.07
C ASP D 295 11.29 -11.23 17.58
N PHE D 296 10.55 -10.38 18.27
CA PHE D 296 10.68 -10.23 19.72
C PHE D 296 9.97 -11.39 20.39
N VAL D 297 10.69 -12.50 20.56
CA VAL D 297 10.10 -13.70 21.14
C VAL D 297 9.72 -13.50 22.60
N SER D 298 10.37 -12.55 23.29
CA SER D 298 10.03 -12.29 24.69
C SER D 298 8.59 -11.82 24.82
N GLN D 299 8.13 -10.97 23.90
CA GLN D 299 6.74 -10.52 23.90
C GLN D 299 5.80 -11.71 23.78
N GLU D 300 6.09 -12.62 22.85
CA GLU D 300 5.22 -13.78 22.64
C GLU D 300 5.20 -14.70 23.86
N ILE D 301 6.37 -14.94 24.46
CA ILE D 301 6.42 -15.80 25.64
C ILE D 301 5.64 -15.17 26.79
N ARG D 302 5.81 -13.86 27.00
CA ARG D 302 5.09 -13.17 28.07
C ARG D 302 3.58 -13.21 27.84
N ALA D 303 3.16 -13.01 26.58
CA ALA D 303 1.73 -13.06 26.27
C ALA D 303 1.17 -14.46 26.46
N ALA D 304 1.95 -15.48 26.10
CA ALA D 304 1.48 -16.86 26.24
C ALA D 304 1.34 -17.26 27.70
N GLU D 305 2.37 -16.98 28.50
CA GLU D 305 2.32 -17.36 29.92
C GLU D 305 1.33 -16.49 30.69
N ASP D 306 1.12 -15.25 30.27
CA ASP D 306 0.20 -14.33 30.94
C ASP D 306 -0.88 -13.89 29.95
N PRO D 307 -2.09 -14.46 30.02
CA PRO D 307 -3.15 -14.05 29.08
C PRO D 307 -3.56 -12.59 29.23
N GLU D 308 -3.34 -11.98 30.39
CA GLU D 308 -3.70 -10.58 30.57
C GLU D 308 -2.78 -9.66 29.78
N PHE D 309 -1.50 -10.01 29.65
CA PHE D 309 -0.57 -9.19 28.91
C PHE D 309 -0.93 -9.17 27.43
N GLU D 310 -0.86 -7.99 26.83
CA GLU D 310 -1.17 -7.84 25.42
C GLU D 310 -0.48 -6.59 24.90
N THR D 311 0.01 -6.67 23.66
CA THR D 311 0.72 -5.56 23.03
C THR D 311 0.38 -5.57 21.54
N PHE D 312 0.61 -4.43 20.90
CA PHE D 312 0.32 -4.32 19.46
C PHE D 312 1.14 -5.32 18.66
N TYR D 313 2.32 -5.70 19.15
CA TYR D 313 3.12 -6.70 18.45
C TYR D 313 2.41 -8.06 18.46
N THR D 314 1.84 -8.46 19.60
CA THR D 314 1.13 -9.72 19.67
C THR D 314 -0.12 -9.70 18.80
N LYS D 315 -0.83 -8.56 18.77
CA LYS D 315 -1.98 -8.43 17.90
C LYS D 315 -1.58 -8.53 16.43
N ASN D 316 -0.43 -7.94 16.07
CA ASN D 316 0.07 -8.06 14.70
C ASN D 316 0.41 -9.51 14.37
N ILE D 317 1.01 -10.23 15.31
CA ILE D 317 1.33 -11.64 15.10
C ILE D 317 0.04 -12.44 14.87
N LEU D 318 -0.98 -12.18 15.67
CA LEU D 318 -2.26 -12.88 15.50
C LEU D 318 -2.89 -12.54 14.16
N LEU D 319 -2.82 -11.28 13.74
CA LEU D 319 -3.35 -10.91 12.43
C LEU D 319 -2.60 -11.61 11.30
N ASN D 320 -1.28 -11.71 11.43
CA ASN D 320 -0.49 -12.43 10.43
C ASN D 320 -0.88 -13.90 10.37
N GLU D 321 -1.09 -14.52 11.54
CA GLU D 321 -1.55 -15.90 11.57
C GLU D 321 -2.88 -16.06 10.86
N GLY D 322 -3.81 -15.14 11.11
CA GLY D 322 -5.08 -15.17 10.43
C GLY D 322 -4.95 -15.02 8.93
N ILE D 323 -4.10 -14.09 8.49
CA ILE D 323 -3.88 -13.89 7.06
C ILE D 323 -3.37 -15.18 6.43
N ARG D 324 -2.35 -15.77 7.03
CA ARG D 324 -1.77 -17.00 6.48
C ARG D 324 -2.82 -18.10 6.40
N ALA D 325 -3.53 -18.35 7.50
CA ALA D 325 -4.45 -19.48 7.54
C ALA D 325 -5.62 -19.28 6.59
N TRP D 326 -6.16 -18.07 6.51
CA TRP D 326 -7.32 -17.83 5.66
C TRP D 326 -6.97 -17.56 4.20
N MET D 327 -5.69 -17.35 3.88
CA MET D 327 -5.28 -17.11 2.51
C MET D 327 -4.68 -18.33 1.84
N ALA D 328 -3.96 -19.17 2.59
CA ALA D 328 -3.21 -20.27 1.98
C ALA D 328 -4.10 -21.30 1.31
N ALA D 329 -5.38 -21.38 1.68
CA ALA D 329 -6.26 -22.38 1.09
C ALA D 329 -6.40 -22.18 -0.41
N GLN D 330 -6.57 -20.93 -0.85
CA GLN D 330 -6.74 -20.62 -2.26
C GLN D 330 -5.53 -19.97 -2.91
N ASP D 331 -4.62 -19.38 -2.12
CA ASP D 331 -3.45 -18.75 -2.70
C ASP D 331 -2.43 -19.77 -3.18
N GLN D 332 -2.39 -20.93 -2.54
CA GLN D 332 -1.42 -21.99 -2.88
C GLN D 332 -2.20 -23.28 -3.14
N PRO D 333 -2.85 -23.38 -4.30
CA PRO D 333 -3.63 -24.59 -4.59
C PRO D 333 -2.79 -25.86 -4.68
N HIS D 334 -1.49 -25.74 -4.95
CA HIS D 334 -0.64 -26.91 -5.13
C HIS D 334 -0.45 -27.68 -3.83
N GLU D 335 -0.64 -27.04 -2.68
CA GLU D 335 -0.45 -27.73 -1.41
C GLU D 335 -1.59 -28.68 -1.08
N ARG D 336 -2.74 -28.55 -1.77
CA ARG D 336 -3.88 -29.44 -1.58
C ARG D 336 -4.31 -29.48 -0.12
N LEU D 337 -4.34 -28.31 0.52
CA LEU D 337 -4.61 -28.18 1.95
C LEU D 337 -6.03 -27.68 2.16
N VAL D 338 -6.77 -28.37 3.02
CA VAL D 338 -8.12 -27.98 3.39
C VAL D 338 -8.19 -27.85 4.91
N PHE D 339 -8.78 -26.77 5.39
CA PHE D 339 -8.82 -26.47 6.81
C PHE D 339 -10.23 -26.61 7.34
N PRO D 340 -10.47 -27.48 8.33
CA PRO D 340 -11.78 -27.48 9.00
C PRO D 340 -12.03 -26.16 9.69
N GLU D 341 -13.31 -25.80 9.82
CA GLU D 341 -13.67 -24.52 10.42
C GLU D 341 -13.19 -24.40 11.86
N GLU D 342 -13.04 -25.53 12.55
CA GLU D 342 -12.65 -25.48 13.95
C GLU D 342 -11.17 -25.12 14.12
N VAL D 343 -10.35 -25.38 13.12
CA VAL D 343 -8.92 -25.12 13.25
C VAL D 343 -8.54 -23.73 12.71
N LEU D 344 -9.40 -23.10 11.93
CA LEU D 344 -9.11 -21.76 11.43
C LEU D 344 -9.09 -20.78 12.59
N PRO D 345 -8.04 -19.96 12.71
CA PRO D 345 -7.98 -19.00 13.83
C PRO D 345 -9.07 -17.95 13.74
N ARG D 346 -9.66 -17.64 14.88
CA ARG D 346 -10.67 -16.60 14.99
C ARG D 346 -10.43 -15.82 16.28
N GLY D 347 -10.90 -14.58 16.30
CA GLY D 347 -10.81 -13.79 17.52
C GLY D 347 -11.68 -14.33 18.64
N ASN D 348 -12.80 -14.96 18.29
CA ASN D 348 -13.69 -15.51 19.30
C ASN D 348 -12.99 -16.60 20.11
N ALA D 349 -12.27 -17.49 19.43
CA ALA D 349 -11.59 -18.59 20.10
C ALA D 349 -10.49 -18.08 21.03
N LEU D 350 -9.75 -17.08 20.59
CA LEU D 350 -8.65 -16.52 21.37
C LEU D 350 -9.14 -15.95 22.70
N GLU E 1 11.52 13.10 -40.32
CA GLU E 1 11.93 14.46 -40.68
C GLU E 1 10.74 15.31 -41.11
N ARG E 2 9.83 14.72 -41.88
CA ARG E 2 8.70 15.47 -42.39
C ARG E 2 7.83 15.92 -41.23
N PRO E 3 7.47 17.20 -41.16
CA PRO E 3 6.66 17.68 -40.03
C PRO E 3 5.30 17.00 -40.00
N PHE E 4 4.75 16.85 -38.79
CA PHE E 4 3.45 16.22 -38.61
C PHE E 4 2.31 17.12 -39.09
N SER E 5 2.58 18.39 -39.39
CA SER E 5 1.51 19.29 -39.79
C SER E 5 0.97 18.93 -41.16
N ASP E 6 1.87 18.68 -42.13
CA ASP E 6 1.43 18.47 -43.50
C ASP E 6 0.80 17.10 -43.71
N ILE E 7 1.20 16.08 -42.94
CA ILE E 7 0.61 14.77 -43.12
C ILE E 7 -0.86 14.79 -42.73
N LEU E 8 -1.23 15.62 -41.75
CA LEU E 8 -2.63 15.73 -41.35
C LEU E 8 -3.49 16.29 -42.48
N THR E 9 -2.89 17.02 -43.41
CA THR E 9 -3.59 17.58 -44.56
C THR E 9 -2.99 16.99 -45.82
N SER E 10 -3.47 15.81 -46.21
CA SER E 10 -2.99 15.12 -47.39
C SER E 10 -4.01 14.07 -47.81
N ILE E 11 -4.28 14.00 -49.11
CA ILE E 11 -5.27 13.06 -49.62
C ILE E 11 -4.77 11.62 -49.47
N ARG E 12 -3.47 11.40 -49.68
CA ARG E 12 -2.91 10.06 -49.61
C ARG E 12 -3.07 9.47 -48.22
N TYR E 13 -2.83 10.26 -47.18
CA TYR E 13 -2.94 9.78 -45.80
C TYR E 13 -4.38 9.39 -45.48
N TRP E 14 -5.32 10.32 -45.73
CA TRP E 14 -6.73 10.15 -45.39
C TRP E 14 -7.46 9.17 -46.31
N VAL E 15 -6.78 8.56 -47.26
CA VAL E 15 -7.36 7.52 -48.10
C VAL E 15 -6.86 6.14 -47.69
N ILE E 16 -5.54 5.97 -47.63
CA ILE E 16 -4.97 4.69 -47.20
C ILE E 16 -5.40 4.38 -45.77
N HIS E 17 -5.33 5.38 -44.88
CA HIS E 17 -5.74 5.12 -43.51
C HIS E 17 -7.24 4.88 -43.40
N SER E 18 -8.04 5.64 -44.17
CA SER E 18 -9.48 5.46 -44.15
C SER E 18 -9.91 4.10 -44.69
N ILE E 19 -9.10 3.48 -45.54
CA ILE E 19 -9.43 2.15 -46.04
C ILE E 19 -8.75 1.03 -45.25
N THR E 20 -7.74 1.32 -44.45
CA THR E 20 -7.04 0.29 -43.69
C THR E 20 -7.50 0.17 -42.24
N VAL E 21 -7.65 1.29 -41.53
CA VAL E 21 -7.99 1.23 -40.11
C VAL E 21 -9.31 0.50 -39.85
N PRO E 22 -10.41 0.82 -40.54
CA PRO E 22 -11.63 0.03 -40.32
C PRO E 22 -11.45 -1.45 -40.61
N ALA E 23 -10.64 -1.80 -41.60
CA ALA E 23 -10.36 -3.21 -41.87
C ALA E 23 -9.70 -3.88 -40.67
N LEU E 24 -8.74 -3.20 -40.04
CA LEU E 24 -8.08 -3.75 -38.86
C LEU E 24 -9.05 -3.90 -37.70
N PHE E 25 -9.90 -2.90 -37.48
CA PHE E 25 -10.87 -2.98 -36.38
C PHE E 25 -11.86 -4.13 -36.62
N ILE E 26 -12.33 -4.29 -37.85
CA ILE E 26 -13.21 -5.41 -38.19
C ILE E 26 -12.48 -6.73 -38.01
N ALA E 27 -11.18 -6.76 -38.33
CA ALA E 27 -10.41 -7.98 -38.14
C ALA E 27 -10.35 -8.37 -36.67
N GLY E 28 -10.14 -7.39 -35.79
CA GLY E 28 -10.16 -7.67 -34.36
C GLY E 28 -11.53 -8.12 -33.88
N TRP E 29 -12.58 -7.46 -34.36
CA TRP E 29 -13.94 -7.85 -33.98
C TRP E 29 -14.24 -9.29 -34.40
N LEU E 30 -13.86 -9.66 -35.62
CA LEU E 30 -14.11 -11.02 -36.09
C LEU E 30 -13.21 -12.03 -35.39
N PHE E 31 -12.00 -11.63 -35.02
CA PHE E 31 -11.13 -12.51 -34.26
C PHE E 31 -11.74 -12.85 -32.91
N VAL E 32 -12.34 -11.86 -32.24
CA VAL E 32 -12.99 -12.14 -30.96
C VAL E 32 -14.29 -12.91 -31.17
N SER E 33 -15.11 -12.49 -32.13
CA SER E 33 -16.46 -13.01 -32.24
C SER E 33 -16.50 -14.43 -32.77
N THR E 34 -15.67 -14.75 -33.76
CA THR E 34 -15.70 -16.07 -34.38
C THR E 34 -15.18 -17.17 -33.46
N GLY E 35 -14.80 -16.85 -32.23
CA GLY E 35 -14.28 -17.85 -31.31
C GLY E 35 -12.83 -18.23 -31.53
N LEU E 36 -12.15 -17.57 -32.47
CA LEU E 36 -10.74 -17.88 -32.73
C LEU E 36 -9.87 -17.52 -31.54
N ALA E 37 -10.24 -16.46 -30.80
CA ALA E 37 -9.43 -16.03 -29.66
C ALA E 37 -9.36 -17.11 -28.59
N TYR E 38 -10.49 -17.78 -28.33
CA TYR E 38 -10.48 -18.89 -27.37
C TYR E 38 -9.56 -20.01 -27.82
N ASP E 39 -9.60 -20.33 -29.11
CA ASP E 39 -8.85 -21.49 -29.62
C ASP E 39 -7.35 -21.22 -29.63
N VAL E 40 -6.94 -20.05 -30.14
CA VAL E 40 -5.51 -19.80 -30.31
C VAL E 40 -4.82 -19.63 -28.97
N PHE E 41 -5.45 -18.94 -28.03
CA PHE E 41 -4.84 -18.65 -26.74
C PHE E 41 -5.20 -19.66 -25.66
N GLY E 42 -6.11 -20.59 -25.94
CA GLY E 42 -6.44 -21.62 -24.98
C GLY E 42 -7.36 -21.18 -23.85
N THR E 43 -7.87 -19.96 -23.90
CA THR E 43 -8.77 -19.49 -22.86
C THR E 43 -10.08 -20.25 -22.94
N PRO E 44 -10.52 -20.91 -21.86
CA PRO E 44 -11.75 -21.70 -21.95
C PRO E 44 -12.97 -20.83 -22.14
N ARG E 45 -13.93 -21.34 -22.91
CA ARG E 45 -15.19 -20.68 -23.11
C ARG E 45 -16.00 -20.70 -21.81
N PRO E 46 -16.97 -19.78 -21.66
CA PRO E 46 -17.74 -19.74 -20.40
C PRO E 46 -18.52 -21.01 -20.11
N ASN E 47 -18.77 -21.85 -21.12
CA ASN E 47 -19.53 -23.08 -20.93
C ASN E 47 -18.63 -24.30 -20.80
N GLU E 48 -17.32 -24.12 -20.63
CA GLU E 48 -16.42 -25.26 -20.53
C GLU E 48 -15.35 -25.09 -19.45
N TYR E 49 -15.58 -24.22 -18.46
CA TYR E 49 -14.63 -24.08 -17.37
C TYR E 49 -14.54 -25.37 -16.55
N PHE E 50 -15.69 -25.98 -16.25
CA PHE E 50 -15.76 -27.19 -15.45
C PHE E 50 -16.25 -28.31 -16.35
N THR E 51 -15.32 -29.06 -16.93
CA THR E 51 -15.68 -30.22 -17.73
C THR E 51 -16.16 -31.35 -16.81
N GLU E 52 -16.70 -32.40 -17.44
CA GLU E 52 -17.15 -33.55 -16.68
C GLU E 52 -15.97 -34.20 -15.97
N ASP E 53 -16.25 -34.83 -14.84
CA ASP E 53 -15.34 -35.48 -13.88
C ASP E 53 -14.30 -34.53 -13.31
N ARG E 54 -14.42 -33.22 -13.54
CA ARG E 54 -13.57 -32.20 -12.89
C ARG E 54 -14.48 -31.04 -12.51
N GLN E 55 -15.00 -31.07 -11.29
CA GLN E 55 -15.89 -30.03 -10.78
C GLN E 55 -15.14 -29.00 -9.93
N GLU E 56 -13.82 -28.96 -10.03
CA GLU E 56 -13.00 -28.01 -9.28
C GLU E 56 -11.96 -27.41 -10.21
N ALA E 57 -11.21 -26.44 -9.70
CA ALA E 57 -10.20 -25.77 -10.49
C ALA E 57 -9.08 -26.74 -10.85
N PRO E 58 -8.48 -26.58 -12.04
CA PRO E 58 -7.39 -27.47 -12.44
C PRO E 58 -6.12 -27.18 -11.64
N LEU E 59 -5.18 -28.13 -11.72
CA LEU E 59 -3.91 -27.99 -11.01
C LEU E 59 -2.87 -28.84 -11.73
N ILE E 60 -1.84 -28.20 -12.26
CA ILE E 60 -0.72 -28.92 -12.85
C ILE E 60 0.19 -29.41 -11.72
N THR E 61 0.46 -30.72 -11.71
CA THR E 61 1.29 -31.31 -10.68
C THR E 61 2.62 -31.86 -11.18
N ASP E 62 2.75 -32.10 -12.48
CA ASP E 62 3.97 -32.65 -13.05
C ASP E 62 4.60 -31.60 -13.97
N ARG E 63 5.89 -31.35 -13.76
CA ARG E 63 6.58 -30.32 -14.54
C ARG E 63 6.88 -30.80 -15.95
N PHE E 64 7.64 -31.88 -16.08
CA PHE E 64 8.11 -32.33 -17.38
C PHE E 64 6.96 -32.80 -18.27
N ASN E 65 6.05 -33.59 -17.70
CA ASN E 65 4.88 -34.07 -18.44
C ASN E 65 3.69 -33.13 -18.25
N ALA E 66 3.90 -31.84 -18.52
CA ALA E 66 2.85 -30.85 -18.35
C ALA E 66 2.04 -30.61 -19.61
N LEU E 67 2.57 -30.96 -20.79
CA LEU E 67 1.84 -30.73 -22.03
C LEU E 67 0.54 -31.52 -22.06
N GLU E 68 0.64 -32.85 -22.03
CA GLU E 68 -0.56 -33.68 -22.05
C GLU E 68 -1.37 -33.53 -20.77
N GLN E 69 -0.74 -33.18 -19.65
CA GLN E 69 -1.52 -32.93 -18.43
C GLN E 69 -2.42 -31.71 -18.60
N VAL E 70 -1.90 -30.62 -19.17
CA VAL E 70 -2.73 -29.46 -19.44
C VAL E 70 -3.78 -29.78 -20.49
N LYS E 71 -3.42 -30.59 -21.49
CA LYS E 71 -4.39 -30.99 -22.50
C LYS E 71 -5.55 -31.75 -21.87
N LYS E 72 -5.24 -32.67 -20.94
CA LYS E 72 -6.28 -33.41 -20.26
C LYS E 72 -7.12 -32.51 -19.35
N LEU E 73 -6.46 -31.58 -18.65
CA LEU E 73 -7.19 -30.67 -17.76
C LEU E 73 -8.12 -29.75 -18.54
N SER E 74 -7.74 -29.40 -19.77
CA SER E 74 -8.56 -28.52 -20.61
C SER E 74 -9.75 -29.23 -21.24
N GLY E 75 -9.98 -30.51 -20.91
CA GLY E 75 -11.05 -31.25 -21.53
C GLY E 75 -10.79 -31.68 -22.96
N ASN E 76 -9.52 -31.70 -23.37
CA ASN E 76 -9.14 -32.09 -24.73
C ASN E 76 -9.82 -31.21 -25.77
N TYR F 1 12.88 11.75 -48.15
CA TYR F 1 11.75 11.24 -47.38
C TYR F 1 11.49 9.76 -47.68
N PRO F 2 12.24 8.88 -47.03
CA PRO F 2 12.00 7.45 -47.23
C PRO F 2 10.60 7.05 -46.79
N ILE F 3 10.01 6.10 -47.51
CA ILE F 3 8.68 5.61 -47.15
C ILE F 3 8.71 4.93 -45.79
N PHE F 4 9.73 4.11 -45.55
CA PHE F 4 9.89 3.42 -44.28
C PHE F 4 11.07 4.02 -43.53
N THR F 5 10.82 4.56 -42.34
CA THR F 5 11.85 5.12 -41.50
C THR F 5 11.65 4.63 -40.07
N VAL F 6 12.66 4.87 -39.22
CA VAL F 6 12.61 4.39 -37.85
C VAL F 6 11.36 4.90 -37.14
N ARG F 7 11.04 6.18 -37.33
CA ARG F 7 9.82 6.74 -36.75
C ARG F 7 8.58 6.03 -37.28
N TRP F 8 8.56 5.75 -38.59
CA TRP F 8 7.41 5.07 -39.18
C TRP F 8 7.26 3.67 -38.61
N LEU F 9 8.37 2.93 -38.50
CA LEU F 9 8.31 1.59 -37.91
C LEU F 9 7.81 1.64 -36.47
N ALA F 10 8.32 2.58 -35.68
CA ALA F 10 7.91 2.67 -34.28
C ALA F 10 6.43 2.99 -34.17
N ILE F 11 5.97 4.01 -34.91
CA ILE F 11 4.59 4.44 -34.78
C ILE F 11 3.64 3.36 -35.29
N HIS F 12 4.02 2.62 -36.33
CA HIS F 12 3.14 1.57 -36.84
C HIS F 12 3.12 0.37 -35.89
N GLY F 13 4.28 -0.06 -35.41
CA GLY F 13 4.31 -1.15 -34.45
C GLY F 13 3.62 -0.82 -33.14
N ILE F 14 3.47 0.46 -32.83
CA ILE F 14 2.70 0.84 -31.66
C ILE F 14 1.20 0.94 -31.96
N ALA F 15 0.82 1.48 -33.14
CA ALA F 15 -0.57 1.79 -33.40
C ALA F 15 -1.35 0.59 -33.93
N VAL F 16 -0.78 -0.16 -34.89
CA VAL F 16 -1.51 -1.27 -35.49
C VAL F 16 -1.94 -2.30 -34.44
N PRO F 17 -1.06 -2.82 -33.58
CA PRO F 17 -1.56 -3.67 -32.49
C PRO F 17 -2.53 -2.96 -31.57
N THR F 18 -2.34 -1.65 -31.34
CA THR F 18 -3.27 -0.91 -30.50
C THR F 18 -4.66 -0.88 -31.12
N ILE F 19 -4.75 -0.64 -32.43
CA ILE F 19 -6.04 -0.62 -33.10
C ILE F 19 -6.66 -2.00 -33.09
N PHE F 20 -5.86 -3.04 -33.34
CA PHE F 20 -6.37 -4.41 -33.31
C PHE F 20 -6.93 -4.76 -31.94
N PHE F 21 -6.21 -4.39 -30.87
CA PHE F 21 -6.66 -4.70 -29.52
C PHE F 21 -7.88 -3.88 -29.14
N LEU F 22 -7.95 -2.62 -29.59
CA LEU F 22 -9.13 -1.81 -29.32
C LEU F 22 -10.36 -2.40 -29.99
N GLY F 23 -10.23 -2.83 -31.24
CA GLY F 23 -11.35 -3.51 -31.90
C GLY F 23 -11.73 -4.79 -31.21
N ALA F 24 -10.73 -5.56 -30.77
CA ALA F 24 -10.99 -6.78 -30.04
C ALA F 24 -11.81 -6.49 -28.78
N ILE F 25 -11.35 -5.53 -27.97
CA ILE F 25 -12.00 -5.22 -26.70
C ILE F 25 -13.39 -4.65 -26.93
N THR F 26 -13.57 -3.88 -28.00
CA THR F 26 -14.91 -3.37 -28.32
C THR F 26 -15.86 -4.52 -28.63
N ALA F 27 -15.39 -5.53 -29.37
CA ALA F 27 -16.21 -6.73 -29.57
C ALA F 27 -16.45 -7.45 -28.25
N MET F 28 -15.43 -7.47 -27.40
CA MET F 28 -15.46 -8.15 -26.12
C MET F 28 -16.51 -7.56 -25.18
N GLN F 29 -16.74 -6.24 -25.27
CA GLN F 29 -17.71 -5.58 -24.40
C GLN F 29 -19.12 -6.10 -24.60
N PHE F 30 -19.44 -6.58 -25.81
CA PHE F 30 -20.79 -7.01 -26.14
C PHE F 30 -20.96 -8.52 -26.13
N ILE F 31 -20.10 -9.23 -25.40
CA ILE F 31 -20.30 -10.66 -25.21
C ILE F 31 -21.48 -10.88 -24.28
N GLN F 32 -22.34 -11.86 -24.63
CA GLN F 32 -23.55 -12.10 -23.85
C GLN F 32 -23.22 -12.52 -22.41
N ARG F 33 -22.03 -13.08 -22.19
CA ARG F 33 -21.60 -13.51 -20.86
C ARG F 33 -22.56 -14.53 -20.26
N GLU G 1 64.12 12.54 -12.00
CA GLU G 1 64.34 11.85 -10.75
C GLU G 1 64.12 10.35 -10.90
N PRO G 2 65.15 9.65 -11.38
CA PRO G 2 65.02 8.20 -11.57
C PRO G 2 64.73 7.49 -10.26
N GLY G 3 63.90 6.44 -10.34
CA GLY G 3 63.53 5.67 -9.18
C GLY G 3 64.60 4.67 -8.78
N LEU G 4 64.29 3.92 -7.73
CA LEU G 4 65.21 2.91 -7.23
C LEU G 4 65.42 1.82 -8.27
N VAL G 5 66.66 1.36 -8.38
CA VAL G 5 67.03 0.29 -9.30
C VAL G 5 67.34 -0.95 -8.48
N THR G 6 66.60 -2.02 -8.73
CA THR G 6 66.74 -3.28 -8.01
C THR G 6 66.93 -4.42 -8.99
N PRO G 7 67.59 -5.50 -8.57
CA PRO G 7 67.74 -6.65 -9.49
C PRO G 7 66.42 -7.20 -9.98
N LEU G 8 65.41 -7.28 -9.11
CA LEU G 8 64.08 -7.70 -9.55
C LEU G 8 63.48 -6.67 -10.49
N GLY G 9 63.71 -5.38 -10.23
CA GLY G 9 63.21 -4.35 -11.12
C GLY G 9 63.79 -4.46 -12.51
N THR G 10 65.11 -4.65 -12.60
CA THR G 10 65.74 -4.82 -13.90
C THR G 10 65.28 -6.12 -14.57
N LEU G 11 65.08 -7.17 -13.78
CA LEU G 11 64.62 -8.45 -14.33
C LEU G 11 63.23 -8.33 -14.95
N LEU G 12 62.32 -7.62 -14.27
CA LEU G 12 60.94 -7.51 -14.72
C LEU G 12 60.68 -6.27 -15.58
N ARG G 13 61.69 -5.44 -15.81
CA ARG G 13 61.51 -4.26 -16.65
C ARG G 13 60.95 -4.54 -18.04
N PRO G 14 61.39 -5.57 -18.78
CA PRO G 14 60.81 -5.80 -20.11
C PRO G 14 59.31 -6.05 -20.08
N LEU G 15 58.79 -6.67 -19.03
CA LEU G 15 57.37 -6.99 -18.99
C LEU G 15 56.51 -5.75 -18.79
N ASN G 16 56.89 -4.89 -17.84
CA ASN G 16 56.11 -3.66 -17.55
C ASN G 16 56.28 -2.69 -18.72
N SER G 17 57.44 -2.71 -19.38
CA SER G 17 57.67 -1.83 -20.52
C SER G 17 56.82 -2.32 -21.69
N GLU G 18 57.12 -1.83 -22.89
CA GLU G 18 56.37 -2.14 -24.11
C GLU G 18 54.95 -1.60 -24.06
N ALA G 19 54.68 -0.70 -23.12
CA ALA G 19 53.31 -0.30 -22.81
C ALA G 19 52.76 0.68 -23.85
N GLY G 20 51.49 0.49 -24.19
CA GLY G 20 50.75 1.44 -24.98
C GLY G 20 50.61 1.12 -26.45
N LYS G 21 51.45 0.24 -27.00
CA LYS G 21 51.37 -0.04 -28.43
C LYS G 21 50.12 -0.85 -28.74
N VAL G 22 49.56 -0.62 -29.93
CA VAL G 22 48.35 -1.28 -30.37
C VAL G 22 48.53 -1.73 -31.82
N LEU G 23 47.75 -2.74 -32.19
CA LEU G 23 47.66 -3.13 -33.59
C LEU G 23 46.74 -2.17 -34.34
N PRO G 24 47.15 -1.66 -35.50
CA PRO G 24 46.28 -0.75 -36.26
C PRO G 24 45.01 -1.47 -36.73
N GLY G 25 43.93 -0.71 -36.84
CA GLY G 25 42.67 -1.27 -37.26
C GLY G 25 41.99 -2.07 -36.17
N TRP G 26 41.05 -2.91 -36.59
CA TRP G 26 40.27 -3.72 -35.66
C TRP G 26 41.04 -4.89 -35.08
N GLY G 27 42.18 -5.26 -35.68
CA GLY G 27 42.98 -6.34 -35.13
C GLY G 27 42.23 -7.66 -35.16
N THR G 28 42.12 -8.29 -33.98
CA THR G 28 41.49 -9.60 -33.82
C THR G 28 40.15 -9.49 -33.11
N THR G 29 39.37 -8.45 -33.41
CA THR G 29 38.09 -8.26 -32.73
C THR G 29 37.06 -9.31 -33.14
N VAL G 30 37.09 -9.74 -34.40
CA VAL G 30 36.09 -10.69 -34.89
C VAL G 30 36.29 -12.06 -34.23
N LEU G 31 37.55 -12.47 -34.04
CA LEU G 31 37.80 -13.72 -33.33
C LEU G 31 37.31 -13.65 -31.89
N MET G 32 37.53 -12.51 -31.24
CA MET G 32 37.03 -12.32 -29.88
C MET G 32 35.52 -12.38 -29.84
N ALA G 33 34.85 -11.78 -30.83
CA ALA G 33 33.39 -11.83 -30.86
C ALA G 33 32.89 -13.26 -31.07
N VAL G 34 33.55 -14.02 -31.94
CA VAL G 34 33.18 -15.42 -32.14
C VAL G 34 33.33 -16.20 -30.85
N PHE G 35 34.44 -15.99 -30.14
CA PHE G 35 34.66 -16.70 -28.89
C PHE G 35 33.64 -16.28 -27.82
N ILE G 36 33.26 -15.01 -27.81
CA ILE G 36 32.24 -14.53 -26.88
C ILE G 36 30.90 -15.20 -27.17
N LEU G 37 30.54 -15.32 -28.45
CA LEU G 37 29.31 -16.00 -28.81
C LEU G 37 29.35 -17.47 -28.41
N LEU G 38 30.49 -18.12 -28.62
CA LEU G 38 30.63 -19.52 -28.21
C LEU G 38 30.48 -19.68 -26.70
N PHE G 39 31.09 -18.78 -25.93
CA PHE G 39 30.97 -18.85 -24.48
C PHE G 39 29.54 -18.57 -24.03
N ALA G 40 28.84 -17.65 -24.70
CA ALA G 40 27.45 -17.41 -24.38
C ALA G 40 26.60 -18.64 -24.64
N ALA G 41 26.85 -19.32 -25.76
CA ALA G 41 26.13 -20.57 -26.04
C ALA G 41 26.43 -21.62 -24.98
N PHE G 42 27.69 -21.72 -24.56
CA PHE G 42 28.06 -22.69 -23.53
C PHE G 42 27.37 -22.38 -22.20
N LEU G 43 27.34 -21.09 -21.83
CA LEU G 43 26.64 -20.69 -20.61
C LEU G 43 25.16 -21.00 -20.69
N LEU G 44 24.55 -20.75 -21.85
CA LEU G 44 23.14 -21.09 -22.02
C LEU G 44 22.92 -22.59 -21.88
N ILE G 45 23.81 -23.40 -22.44
CA ILE G 45 23.66 -24.85 -22.37
C ILE G 45 23.74 -25.32 -20.92
N ILE G 46 24.75 -24.85 -20.19
CA ILE G 46 24.87 -25.31 -18.80
C ILE G 46 23.74 -24.78 -17.94
N LEU G 47 23.27 -23.56 -18.21
CA LEU G 47 22.13 -23.02 -17.46
C LEU G 47 20.88 -23.83 -17.70
N GLU G 48 20.62 -24.21 -18.97
CA GLU G 48 19.46 -25.04 -19.27
C GLU G 48 19.60 -26.42 -18.64
N ILE G 49 20.80 -26.98 -18.62
CA ILE G 49 21.01 -28.28 -17.98
C ILE G 49 20.72 -28.18 -16.49
N TYR G 50 21.22 -27.14 -15.83
CA TYR G 50 21.03 -27.01 -14.39
C TYR G 50 19.62 -26.54 -14.04
N ASN G 51 18.86 -26.04 -15.01
CA ASN G 51 17.47 -25.68 -14.81
C ASN G 51 16.51 -26.76 -15.27
N SER G 52 17.02 -27.91 -15.70
CA SER G 52 16.25 -29.03 -16.22
C SER G 52 15.53 -28.68 -17.53
N SER G 53 15.81 -27.52 -18.11
CA SER G 53 15.22 -27.20 -19.41
C SER G 53 15.81 -28.07 -20.51
N LEU G 54 17.12 -28.33 -20.45
CA LEU G 54 17.78 -29.23 -21.39
C LEU G 54 18.01 -30.57 -20.69
N ILE G 55 17.29 -31.59 -21.12
CA ILE G 55 17.34 -32.91 -20.51
C ILE G 55 18.14 -33.81 -21.45
N LEU G 56 19.35 -34.16 -21.03
CA LEU G 56 20.18 -35.08 -21.77
C LEU G 56 20.09 -36.48 -21.17
N ASP G 57 20.13 -37.49 -22.03
CA ASP G 57 19.99 -38.86 -21.57
C ASP G 57 21.16 -39.27 -20.66
N ASP G 58 22.37 -38.85 -21.00
CA ASP G 58 23.55 -39.24 -20.22
C ASP G 58 23.53 -38.58 -18.83
N VAL G 59 23.13 -37.31 -18.76
CA VAL G 59 23.11 -36.59 -17.49
C VAL G 59 21.87 -36.98 -16.71
N SER G 60 21.97 -36.92 -15.38
CA SER G 60 20.85 -37.23 -14.49
C SER G 60 20.19 -36.00 -13.92
N MET G 61 20.96 -35.03 -13.44
CA MET G 61 20.47 -33.79 -12.85
C MET G 61 19.53 -34.07 -11.68
N SER G 62 20.13 -34.66 -10.65
CA SER G 62 19.45 -34.93 -9.38
C SER G 62 20.53 -35.28 -8.35
N TRP G 63 20.10 -35.44 -7.10
CA TRP G 63 21.04 -35.86 -6.07
C TRP G 63 21.51 -37.30 -6.26
N GLU G 64 20.76 -38.09 -7.04
CA GLU G 64 21.08 -39.51 -7.24
C GLU G 64 22.16 -39.68 -8.33
N THR G 65 23.30 -39.05 -8.07
CA THR G 65 24.46 -39.17 -8.95
C THR G 65 25.73 -38.72 -8.24
N MET H 1 -9.74 18.47 41.13
CA MET H 1 -9.84 18.71 39.70
C MET H 1 -10.29 20.14 39.42
N LEU H 2 -10.92 20.76 40.42
CA LEU H 2 -11.38 22.14 40.27
C LEU H 2 -10.19 23.08 40.06
N THR H 3 -9.16 22.94 40.88
CA THR H 3 -7.98 23.79 40.74
C THR H 3 -7.29 23.57 39.39
N LEU H 4 -7.17 22.31 38.98
CA LEU H 4 -6.57 22.01 37.68
C LEU H 4 -7.39 22.59 36.54
N LYS H 5 -8.72 22.47 36.62
CA LYS H 5 -9.58 23.02 35.58
C LYS H 5 -9.43 24.54 35.51
N ILE H 6 -9.40 25.21 36.67
CA ILE H 6 -9.24 26.65 36.69
C ILE H 6 -7.89 27.05 36.10
N PHE H 7 -6.83 26.33 36.46
CA PHE H 7 -5.50 26.65 35.95
C PHE H 7 -5.44 26.49 34.43
N VAL H 8 -5.99 25.39 33.91
CA VAL H 8 -5.97 25.16 32.47
C VAL H 8 -6.80 26.21 31.75
N TYR H 9 -7.98 26.54 32.28
CA TYR H 9 -8.80 27.56 31.65
C TYR H 9 -8.09 28.91 31.64
N THR H 10 -7.43 29.27 32.73
CA THR H 10 -6.69 30.53 32.79
C THR H 10 -5.57 30.56 31.77
N VAL H 11 -4.80 29.46 31.66
CA VAL H 11 -3.68 29.42 30.72
C VAL H 11 -4.20 29.56 29.29
N VAL H 12 -5.25 28.80 28.95
CA VAL H 12 -5.77 28.83 27.59
C VAL H 12 -6.34 30.20 27.27
N THR H 13 -7.08 30.80 28.21
CA THR H 13 -7.64 32.12 27.99
C THR H 13 -6.54 33.16 27.78
N PHE H 14 -5.49 33.09 28.59
CA PHE H 14 -4.38 34.02 28.44
C PHE H 14 -3.74 33.90 27.06
N PHE H 15 -3.45 32.66 26.64
CA PHE H 15 -2.79 32.48 25.35
C PHE H 15 -3.69 32.92 24.19
N VAL H 16 -4.98 32.59 24.27
CA VAL H 16 -5.89 32.93 23.17
C VAL H 16 -6.09 34.44 23.09
N CYS H 17 -6.26 35.11 24.23
CA CYS H 17 -6.42 36.55 24.19
C CYS H 17 -5.14 37.23 23.72
N LEU H 18 -3.97 36.72 24.10
CA LEU H 18 -2.73 37.27 23.60
C LEU H 18 -2.63 37.12 22.09
N PHE H 19 -3.04 35.97 21.57
CA PHE H 19 -3.01 35.75 20.13
C PHE H 19 -3.97 36.69 19.39
N ILE H 20 -5.17 36.87 19.94
CA ILE H 20 -6.15 37.77 19.34
C ILE H 20 -5.62 39.20 19.34
N PHE H 21 -5.05 39.62 20.46
CA PHE H 21 -4.44 40.96 20.52
C PHE H 21 -3.29 41.08 19.53
N GLY H 22 -2.54 40.00 19.31
CA GLY H 22 -1.46 40.05 18.35
C GLY H 22 -1.95 40.31 16.94
N PHE H 23 -3.00 39.58 16.53
CA PHE H 23 -3.64 39.95 15.27
C PHE H 23 -4.41 41.27 15.32
N LEU H 24 -4.61 41.85 16.51
CA LEU H 24 -5.19 43.19 16.61
C LEU H 24 -4.15 44.25 16.93
N SER H 25 -2.86 43.93 16.80
CA SER H 25 -1.77 44.85 17.08
C SER H 25 -1.14 45.29 15.75
N ASN H 26 -1.76 46.30 15.13
CA ASN H 26 -1.20 46.98 13.96
C ASN H 26 -0.97 46.04 12.79
N ASP H 27 -1.72 44.94 12.73
CA ASP H 27 -1.59 43.99 11.62
C ASP H 27 -2.86 44.02 10.77
N PRO H 28 -2.80 44.48 9.52
CA PRO H 28 -3.98 44.53 8.64
C PRO H 28 -4.48 43.16 8.23
N LYS I 1 -42.14 7.03 -10.35
CA LYS I 1 -42.50 6.96 -11.75
C LYS I 1 -43.18 8.25 -12.21
N LEU I 2 -42.84 8.69 -13.42
CA LEU I 2 -43.42 9.90 -13.98
C LEU I 2 -44.90 9.70 -14.26
N PRO I 3 -45.69 10.78 -14.27
CA PRO I 3 -47.11 10.65 -14.62
C PRO I 3 -47.28 10.11 -16.03
N GLU I 4 -48.39 9.39 -16.22
CA GLU I 4 -48.65 8.73 -17.51
C GLU I 4 -48.70 9.74 -18.65
N ALA I 5 -49.10 10.98 -18.38
CA ALA I 5 -49.11 12.00 -19.42
C ALA I 5 -47.70 12.32 -19.90
N TYR I 6 -46.70 12.15 -19.03
CA TYR I 6 -45.31 12.41 -19.35
C TYR I 6 -44.48 11.13 -19.40
N ALA I 7 -45.13 9.97 -19.50
CA ALA I 7 -44.41 8.71 -19.55
C ALA I 7 -43.46 8.58 -20.74
N PRO I 8 -43.81 8.96 -21.97
CA PRO I 8 -42.88 8.72 -23.10
C PRO I 8 -41.55 9.45 -22.96
N PHE I 9 -41.45 10.48 -22.14
CA PHE I 9 -40.22 11.25 -21.98
C PHE I 9 -39.23 10.58 -21.01
N ALA I 10 -39.36 9.29 -20.75
CA ALA I 10 -38.45 8.61 -19.83
C ALA I 10 -37.00 8.67 -20.30
N PRO I 11 -36.65 8.36 -21.55
CA PRO I 11 -35.24 8.51 -21.96
C PRO I 11 -34.74 9.93 -21.85
N ILE I 12 -35.60 10.93 -22.11
CA ILE I 12 -35.17 12.32 -22.04
C ILE I 12 -34.72 12.66 -20.62
N VAL I 13 -35.54 12.33 -19.63
CA VAL I 13 -35.19 12.60 -18.25
C VAL I 13 -34.09 11.67 -17.75
N ASP I 14 -33.90 10.53 -18.42
CA ASP I 14 -32.73 9.71 -18.11
C ASP I 14 -31.45 10.41 -18.53
N VAL I 15 -31.47 11.10 -19.67
CA VAL I 15 -30.25 11.74 -20.16
C VAL I 15 -30.04 13.13 -19.53
N LEU I 16 -31.10 13.79 -19.08
CA LEU I 16 -30.97 15.16 -18.57
C LEU I 16 -29.93 15.35 -17.46
N PRO I 17 -29.83 14.50 -16.43
CA PRO I 17 -28.86 14.80 -15.35
C PRO I 17 -27.42 14.90 -15.81
N VAL I 18 -27.02 14.15 -16.83
CA VAL I 18 -25.62 14.14 -17.27
C VAL I 18 -25.26 15.38 -18.08
N ILE I 19 -26.22 16.23 -18.40
CA ILE I 19 -25.97 17.34 -19.33
C ILE I 19 -24.89 18.30 -18.83
N PRO I 20 -24.81 18.68 -17.55
CA PRO I 20 -23.76 19.65 -17.15
C PRO I 20 -22.33 19.22 -17.46
N VAL I 21 -22.00 17.93 -17.32
CA VAL I 21 -20.65 17.53 -17.72
C VAL I 21 -20.50 17.63 -19.23
N PHE I 22 -21.61 17.48 -19.97
CA PHE I 22 -21.55 17.76 -21.40
C PHE I 22 -21.29 19.24 -21.65
N PHE I 23 -21.82 20.12 -20.79
CA PHE I 23 -21.50 21.55 -20.90
C PHE I 23 -20.02 21.81 -20.68
N ILE I 24 -19.43 21.19 -19.66
CA ILE I 24 -18.00 21.45 -19.42
C ILE I 24 -17.15 20.86 -20.55
N LEU I 25 -17.54 19.70 -21.07
CA LEU I 25 -16.84 19.13 -22.23
C LEU I 25 -16.99 20.04 -23.44
N LEU I 26 -18.18 20.62 -23.63
CA LEU I 26 -18.39 21.56 -24.73
C LEU I 26 -17.54 22.81 -24.56
N ALA I 27 -17.37 23.28 -23.33
CA ALA I 27 -16.49 24.42 -23.08
C ALA I 27 -15.06 24.08 -23.46
N PHE I 28 -14.60 22.88 -23.09
CA PHE I 28 -13.26 22.45 -23.48
C PHE I 28 -13.12 22.36 -25.00
N VAL I 29 -14.14 21.81 -25.68
CA VAL I 29 -14.10 21.70 -27.13
C VAL I 29 -14.06 23.08 -27.78
N TRP I 30 -14.85 24.02 -27.25
CA TRP I 30 -14.83 25.38 -27.76
C TRP I 30 -13.46 26.02 -27.57
N GLN I 31 -12.85 25.80 -26.41
CA GLN I 31 -11.51 26.35 -26.16
C GLN I 31 -10.50 25.77 -27.14
N ALA I 32 -10.60 24.47 -27.42
CA ALA I 32 -9.67 23.85 -28.36
C ALA I 32 -9.92 24.29 -29.79
N ALA I 33 -11.18 24.56 -30.15
CA ALA I 33 -11.51 24.90 -31.52
C ALA I 33 -10.93 26.25 -31.92
N VAL I 34 -11.03 27.25 -31.02
CA VAL I 34 -10.49 28.57 -31.28
C VAL I 34 -8.97 28.46 -31.27
N SER I 35 -8.46 27.40 -30.63
CA SER I 35 -7.05 27.01 -30.69
C SER I 35 -6.15 28.04 -30.02
N PHE I 36 -6.48 28.41 -28.78
CA PHE I 36 -5.48 29.03 -27.93
C PHE I 36 -4.49 28.00 -27.39
N ARG I 37 -4.95 26.77 -27.17
CA ARG I 37 -4.09 25.69 -26.73
C ARG I 37 -3.40 25.01 -27.91
N PHE J 1 -44.42 22.03 38.12
CA PHE J 1 -43.51 23.04 37.57
C PHE J 1 -43.94 23.45 36.17
N ASP J 2 -44.03 24.77 35.96
CA ASP J 2 -44.40 25.34 34.66
C ASP J 2 -45.74 24.76 34.17
N THR J 3 -46.71 24.74 35.09
CA THR J 3 -48.09 24.27 34.88
C THR J 3 -48.14 22.97 34.07
N TYR J 4 -47.11 22.13 34.23
CA TYR J 4 -47.12 20.84 33.55
C TYR J 4 -48.16 19.90 34.13
N THR J 5 -48.42 19.99 35.43
CA THR J 5 -49.37 19.08 36.07
C THR J 5 -50.79 19.28 35.57
N ALA J 6 -51.18 20.51 35.25
CA ALA J 6 -52.53 20.75 34.75
C ALA J 6 -52.73 20.09 33.40
N GLU J 7 -51.80 20.28 32.47
CA GLU J 7 -51.90 19.66 31.16
C GLU J 7 -51.79 18.14 31.27
N THR J 8 -50.97 17.65 32.20
CA THR J 8 -50.87 16.21 32.41
C THR J 8 -52.19 15.63 32.89
N SER J 9 -52.83 16.29 33.85
CA SER J 9 -54.13 15.83 34.33
C SER J 9 -55.16 15.87 33.21
N ALA J 10 -55.14 16.93 32.41
CA ALA J 10 -56.10 17.03 31.31
C ALA J 10 -55.90 15.91 30.29
N ILE J 11 -54.66 15.63 29.92
CA ILE J 11 -54.43 14.60 28.91
C ILE J 11 -54.75 13.21 29.47
N LEU J 12 -54.44 12.97 30.74
CA LEU J 12 -54.79 11.70 31.36
C LEU J 12 -56.31 11.51 31.38
N ASP J 13 -57.04 12.58 31.76
CA ASP J 13 -58.50 12.50 31.83
C ASP J 13 -59.10 12.26 30.45
N LYS J 14 -58.60 12.96 29.43
CA LYS J 14 -59.17 12.75 28.09
C LYS J 14 -58.78 11.39 27.53
N VAL J 15 -57.62 10.85 27.91
CA VAL J 15 -57.27 9.49 27.51
C VAL J 15 -58.26 8.50 28.12
N LYS J 16 -58.55 8.66 29.41
CA LYS J 16 -59.50 7.76 30.06
C LYS J 16 -60.89 7.90 29.44
N VAL J 17 -61.31 9.13 29.14
CA VAL J 17 -62.62 9.35 28.53
C VAL J 17 -62.68 8.68 27.17
N THR J 18 -61.64 8.88 26.34
CA THR J 18 -61.63 8.28 25.01
C THR J 18 -61.68 6.76 25.10
N LEU J 19 -60.94 6.18 26.04
CA LEU J 19 -60.99 4.73 26.24
C LEU J 19 -62.30 4.26 26.85
N ALA J 20 -63.12 5.16 27.41
CA ALA J 20 -64.35 4.78 28.08
C ALA J 20 -65.54 4.63 27.15
N LEU J 21 -65.44 5.05 25.89
CA LEU J 21 -66.60 4.98 25.00
C LEU J 21 -66.70 3.62 24.31
N ASP J 22 -67.89 3.37 23.77
CA ASP J 22 -68.15 2.14 23.03
C ASP J 22 -67.49 2.19 21.66
N LYS J 23 -67.21 1.00 21.11
CA LYS J 23 -66.45 0.92 19.87
C LYS J 23 -67.28 1.34 18.66
N ASP J 24 -68.56 0.93 18.62
CA ASP J 24 -69.38 1.20 17.45
C ASP J 24 -69.82 2.66 17.35
N ASP J 25 -69.68 3.42 18.42
CA ASP J 25 -70.13 4.80 18.45
C ASP J 25 -69.18 5.69 17.66
N PRO J 26 -69.65 6.45 16.66
CA PRO J 26 -68.75 7.35 15.92
C PRO J 26 -68.09 8.42 16.78
N ALA J 27 -68.71 8.79 17.90
CA ALA J 27 -68.05 9.71 18.83
C ALA J 27 -66.76 9.13 19.36
N LYS J 28 -66.66 7.80 19.44
CA LYS J 28 -65.38 7.16 19.73
C LYS J 28 -64.33 7.59 18.72
N GLU J 29 -64.65 7.54 17.43
CA GLU J 29 -63.67 7.92 16.41
C GLU J 29 -63.35 9.40 16.47
N ASP J 30 -64.36 10.25 16.65
CA ASP J 30 -64.10 11.69 16.75
C ASP J 30 -63.20 12.00 17.93
N SER J 31 -63.45 11.36 19.07
CA SER J 31 -62.56 11.47 20.21
C SER J 31 -61.19 10.90 19.91
N VAL J 32 -61.09 9.89 19.04
CA VAL J 32 -59.78 9.38 18.65
C VAL J 32 -58.97 10.46 17.93
N LYS J 33 -59.60 11.15 16.97
CA LYS J 33 -58.88 12.23 16.29
C LYS J 33 -58.51 13.35 17.26
N GLY J 34 -59.44 13.74 18.13
CA GLY J 34 -59.12 14.79 19.10
C GLY J 34 -58.00 14.39 20.04
N LEU J 35 -58.02 13.13 20.50
CA LEU J 35 -56.97 12.63 21.37
C LEU J 35 -55.64 12.57 20.64
N ARG J 36 -55.64 12.18 19.37
CA ARG J 36 -54.39 12.16 18.62
C ARG J 36 -53.80 13.56 18.50
N LYS J 37 -54.64 14.56 18.20
CA LYS J 37 -54.15 15.93 18.12
C LYS J 37 -53.59 16.39 19.46
N ASP J 38 -54.31 16.08 20.55
CA ASP J 38 -53.83 16.47 21.88
C ASP J 38 -52.53 15.76 22.22
N ILE J 39 -52.38 14.49 21.82
CA ILE J 39 -51.16 13.74 22.08
C ILE J 39 -49.99 14.39 21.36
N ASN J 40 -50.16 14.72 20.08
CA ASN J 40 -49.10 15.36 19.33
C ASN J 40 -48.70 16.68 19.98
N ASN J 41 -49.70 17.50 20.33
CA ASN J 41 -49.39 18.79 20.95
C ASN J 41 -48.65 18.61 22.27
N TRP J 42 -49.12 17.69 23.12
CA TRP J 42 -48.51 17.49 24.43
C TRP J 42 -47.08 17.01 24.30
N VAL J 43 -46.84 16.02 23.44
CA VAL J 43 -45.49 15.47 23.31
C VAL J 43 -44.56 16.51 22.69
N ALA J 44 -45.04 17.27 21.70
CA ALA J 44 -44.20 18.30 21.10
C ALA J 44 -43.83 19.37 22.12
N LYS J 45 -44.78 19.74 22.99
CA LYS J 45 -44.49 20.77 23.97
C LYS J 45 -43.54 20.28 25.06
N TYR J 46 -43.73 19.06 25.55
CA TYR J 46 -43.08 18.62 26.78
C TYR J 46 -41.92 17.65 26.57
N ARG J 47 -41.62 17.23 25.35
CA ARG J 47 -40.46 16.37 25.16
C ARG J 47 -39.16 17.15 25.10
N ARG J 48 -39.23 18.47 24.92
CA ARG J 48 -38.05 19.31 24.76
C ARG J 48 -37.70 20.07 26.03
N GLU J 49 -38.36 19.78 27.15
CA GLU J 49 -38.07 20.46 28.41
C GLU J 49 -37.35 19.51 29.35
N PRO J 50 -36.05 19.69 29.58
CA PRO J 50 -35.34 18.79 30.51
C PRO J 50 -35.89 18.82 31.93
N LYS J 51 -36.38 19.98 32.38
CA LYS J 51 -36.97 20.05 33.72
C LYS J 51 -38.19 19.14 33.83
N VAL J 52 -39.06 19.17 32.81
CA VAL J 52 -40.18 18.24 32.78
C VAL J 52 -39.68 16.81 32.52
N SER J 53 -38.64 16.67 31.69
CA SER J 53 -38.15 15.35 31.34
C SER J 53 -37.60 14.60 32.55
N GLY J 54 -37.11 15.33 33.56
CA GLY J 54 -36.59 14.67 34.75
C GLY J 54 -37.63 13.94 35.56
N LYS J 55 -38.90 14.35 35.47
CA LYS J 55 -39.95 13.70 36.24
C LYS J 55 -40.21 12.30 35.72
N PRO J 56 -40.44 11.33 36.61
CA PRO J 56 -40.77 9.98 36.16
C PRO J 56 -42.21 9.87 35.69
N SER J 57 -43.05 10.79 36.18
CA SER J 57 -44.42 10.87 35.68
C SER J 57 -44.43 11.17 34.19
N PHE J 58 -43.53 12.07 33.75
CA PHE J 58 -43.40 12.34 32.33
C PHE J 58 -42.98 11.10 31.55
N GLY J 59 -42.07 10.31 32.12
CA GLY J 59 -41.65 9.09 31.45
C GLY J 59 -42.79 8.10 31.29
N ASN J 60 -43.55 7.88 32.36
CA ASN J 60 -44.69 6.98 32.29
C ASN J 60 -45.72 7.47 31.29
N THR J 61 -46.04 8.77 31.33
CA THR J 61 -47.01 9.34 30.40
C THR J 61 -46.53 9.21 28.97
N TYR J 62 -45.25 9.48 28.73
CA TYR J 62 -44.70 9.37 27.38
C TYR J 62 -44.79 7.93 26.88
N SER J 63 -44.41 6.97 27.72
CA SER J 63 -44.48 5.57 27.30
C SER J 63 -45.91 5.16 26.96
N ALA J 64 -46.86 5.49 27.86
CA ALA J 64 -48.25 5.08 27.63
C ALA J 64 -48.82 5.74 26.38
N LEU J 65 -48.61 7.05 26.23
CA LEU J 65 -49.20 7.77 25.12
C LEU J 65 -48.55 7.40 23.80
N ASN J 66 -47.24 7.11 23.80
CA ASN J 66 -46.60 6.68 22.57
C ASN J 66 -47.05 5.27 22.20
N ALA J 67 -47.28 4.40 23.19
CA ALA J 67 -47.86 3.09 22.88
C ALA J 67 -49.25 3.24 22.26
N LEU J 68 -50.07 4.15 22.82
CA LEU J 68 -51.40 4.37 22.28
C LEU J 68 -51.33 4.92 20.85
N ALA J 69 -50.43 5.88 20.61
CA ALA J 69 -50.28 6.45 19.28
C ALA J 69 -49.78 5.43 18.28
N GLY J 70 -48.86 4.55 18.69
CA GLY J 70 -48.43 3.48 17.82
C GLY J 70 -49.54 2.50 17.52
N HIS J 71 -50.41 2.25 18.50
CA HIS J 71 -51.58 1.42 18.26
C HIS J 71 -52.48 2.04 17.20
N PHE J 72 -52.80 3.33 17.36
CA PHE J 72 -53.64 3.99 16.35
C PHE J 72 -52.93 4.19 15.02
N ASN J 73 -51.60 4.12 14.99
CA ASN J 73 -50.88 4.43 13.75
C ASN J 73 -51.06 3.33 12.72
N SER J 74 -50.95 2.06 13.13
CA SER J 74 -51.10 0.93 12.23
C SER J 74 -52.03 -0.09 12.87
N PHE J 75 -52.83 -0.75 12.03
CA PHE J 75 -53.85 -1.73 12.42
C PHE J 75 -54.60 -1.30 13.68
N GLY J 76 -54.95 -0.02 13.76
CA GLY J 76 -55.64 0.50 14.92
C GLY J 76 -56.95 1.18 14.58
N ALA J 77 -57.21 2.33 15.20
CA ALA J 77 -58.45 3.08 14.99
C ALA J 77 -59.66 2.20 15.31
N THR J 78 -60.24 1.58 14.29
CA THR J 78 -61.39 0.71 14.46
C THR J 78 -61.01 -0.68 14.94
N ALA J 79 -59.74 -0.94 15.23
CA ALA J 79 -59.30 -2.24 15.73
C ALA J 79 -59.17 -2.17 17.24
N PRO J 80 -59.83 -3.06 17.99
CA PRO J 80 -59.74 -3.00 19.45
C PRO J 80 -58.33 -3.24 19.95
N ILE J 81 -58.00 -2.60 21.06
CA ILE J 81 -56.67 -2.73 21.67
C ILE J 81 -56.51 -4.15 22.22
N PRO J 82 -55.34 -4.78 22.07
CA PRO J 82 -55.12 -6.08 22.71
C PRO J 82 -55.23 -5.97 24.23
N LYS J 83 -55.65 -7.08 24.85
CA LYS J 83 -55.97 -7.05 26.27
C LYS J 83 -54.74 -6.72 27.12
N LYS J 84 -53.63 -7.43 26.88
CA LYS J 84 -52.43 -7.20 27.68
C LYS J 84 -51.87 -5.80 27.47
N ARG J 85 -51.83 -5.35 26.22
CA ARG J 85 -51.35 -4.00 25.92
C ARG J 85 -52.24 -2.95 26.56
N LEU J 86 -53.56 -3.14 26.49
CA LEU J 86 -54.49 -2.19 27.11
C LEU J 86 -54.31 -2.16 28.61
N GLU J 87 -54.11 -3.33 29.23
CA GLU J 87 -53.92 -3.38 30.68
C GLU J 87 -52.63 -2.68 31.09
N ARG J 88 -51.54 -2.90 30.35
CA ARG J 88 -50.30 -2.20 30.65
C ARG J 88 -50.44 -0.69 30.47
N LEU J 89 -51.14 -0.28 29.41
CA LEU J 89 -51.38 1.14 29.18
C LEU J 89 -52.18 1.76 30.32
N GLN J 90 -53.25 1.09 30.75
CA GLN J 90 -54.04 1.59 31.86
C GLN J 90 -53.24 1.62 33.16
N LYS J 91 -52.35 0.64 33.35
CA LYS J 91 -51.48 0.65 34.52
C LYS J 91 -50.56 1.87 34.51
N GLU J 92 -50.02 2.20 33.33
CA GLU J 92 -49.19 3.40 33.21
C GLU J 92 -50.00 4.66 33.48
N LEU J 93 -51.23 4.73 32.96
CA LEU J 93 -52.12 5.85 33.26
C LEU J 93 -52.37 6.00 34.76
N ASP J 94 -52.63 4.87 35.44
CA ASP J 94 -52.85 4.92 36.89
C ASP J 94 -51.60 5.36 37.63
N ASP J 95 -50.44 4.88 37.20
CA ASP J 95 -49.18 5.31 37.83
C ASP J 95 -48.98 6.81 37.67
N ALA J 96 -49.26 7.34 36.48
CA ALA J 96 -49.11 8.77 36.25
C ALA J 96 -50.07 9.57 37.13
N THR J 97 -51.33 9.13 37.20
CA THR J 97 -52.31 9.84 38.01
C THR J 97 -51.92 9.83 39.48
N LEU J 98 -51.43 8.69 39.98
CA LEU J 98 -50.99 8.61 41.36
C LEU J 98 -49.76 9.48 41.61
N LEU J 99 -48.81 9.48 40.68
CA LEU J 99 -47.55 10.16 40.88
C LEU J 99 -47.64 11.67 40.71
N LEU J 100 -48.65 12.17 40.00
CA LEU J 100 -48.84 13.62 39.93
C LEU J 100 -49.14 14.19 41.32
N THR J 101 -49.94 13.49 42.11
CA THR J 101 -50.28 13.92 43.46
C THR J 101 -49.05 13.90 44.37
N MET K 1 -22.75 -7.13 -31.01
CA MET K 1 -23.16 -8.39 -31.61
C MET K 1 -23.18 -8.30 -33.13
N ASN K 2 -23.86 -7.28 -33.65
CA ASN K 2 -23.96 -7.10 -35.09
C ASN K 2 -22.65 -6.56 -35.65
N ILE K 3 -22.27 -7.05 -36.84
CA ILE K 3 -21.09 -6.53 -37.51
C ILE K 3 -21.30 -5.08 -37.93
N GLU K 4 -22.56 -4.67 -38.14
CA GLU K 4 -22.84 -3.27 -38.44
C GLU K 4 -22.40 -2.36 -37.28
N LEU K 5 -22.51 -2.86 -36.05
CA LEU K 5 -21.93 -2.12 -34.92
C LEU K 5 -20.42 -1.97 -35.09
N ALA K 6 -19.75 -3.02 -35.57
CA ALA K 6 -18.32 -2.94 -35.81
C ALA K 6 -18.02 -1.89 -36.88
N LEU K 7 -18.84 -1.81 -37.92
CA LEU K 7 -18.65 -0.78 -38.94
C LEU K 7 -18.86 0.62 -38.36
N THR K 8 -19.86 0.80 -37.50
CA THR K 8 -20.04 2.10 -36.87
C THR K 8 -18.82 2.47 -36.03
N LEU K 9 -18.28 1.51 -35.28
CA LEU K 9 -17.11 1.77 -34.46
C LEU K 9 -15.86 2.04 -35.30
N VAL K 10 -15.71 1.36 -36.44
CA VAL K 10 -14.53 1.65 -37.26
C VAL K 10 -14.65 3.04 -37.87
N SER K 11 -15.85 3.43 -38.29
CA SER K 11 -16.03 4.79 -38.80
C SER K 11 -15.75 5.81 -37.72
N LEU K 12 -16.16 5.54 -36.48
CA LEU K 12 -15.89 6.46 -35.38
C LEU K 12 -14.39 6.55 -35.09
N VAL K 13 -13.70 5.41 -35.02
CA VAL K 13 -12.29 5.41 -34.63
C VAL K 13 -11.37 5.82 -35.76
N LEU K 14 -11.88 5.90 -36.99
CA LEU K 14 -11.03 6.31 -38.11
C LEU K 14 -10.48 7.72 -37.90
N VAL K 15 -11.31 8.63 -37.38
CA VAL K 15 -10.87 10.01 -37.17
C VAL K 15 -9.89 10.15 -36.01
N VAL K 16 -9.51 9.04 -35.38
CA VAL K 16 -8.54 9.07 -34.29
C VAL K 16 -7.15 9.03 -34.93
N SER K 17 -7.12 9.06 -36.27
CA SER K 17 -5.86 9.11 -37.01
C SER K 17 -5.16 10.46 -36.88
N ALA K 18 -5.66 11.35 -36.02
CA ALA K 18 -5.00 12.62 -35.71
C ALA K 18 -3.88 12.47 -34.70
N GLY K 19 -3.36 11.25 -34.52
CA GLY K 19 -2.23 11.02 -33.64
C GLY K 19 -1.01 11.88 -33.89
N PRO K 20 -0.67 12.17 -35.16
CA PRO K 20 0.41 13.14 -35.41
C PRO K 20 0.20 14.47 -34.72
N LEU K 21 -1.05 14.96 -34.65
CA LEU K 21 -1.33 16.20 -33.94
C LEU K 21 -0.86 16.14 -32.49
N VAL K 22 -0.87 14.94 -31.89
CA VAL K 22 -0.37 14.80 -30.53
C VAL K 22 1.14 14.99 -30.48
N VAL K 23 1.86 14.47 -31.47
CA VAL K 23 3.32 14.43 -31.41
C VAL K 23 3.98 15.55 -32.19
N VAL K 24 3.22 16.35 -32.94
CA VAL K 24 3.83 17.41 -33.75
C VAL K 24 4.61 18.37 -32.87
N LEU K 25 4.07 18.70 -31.69
CA LEU K 25 4.79 19.54 -30.76
C LEU K 25 6.12 18.93 -30.36
N LEU K 26 6.13 17.61 -30.09
CA LEU K 26 7.38 16.94 -29.77
C LEU K 26 8.34 16.98 -30.95
N SER K 27 7.83 17.07 -32.17
CA SER K 27 8.68 17.21 -33.35
C SER K 27 8.87 18.67 -33.75
N ALA K 28 8.31 19.61 -33.00
CA ALA K 28 8.50 21.03 -33.29
C ALA K 28 9.89 21.53 -32.89
N ARG K 29 10.67 20.71 -32.17
CA ARG K 29 11.99 21.13 -31.74
C ARG K 29 12.93 21.30 -32.93
N GLY K 30 13.89 22.21 -32.78
CA GLY K 30 14.90 22.42 -33.79
C GLY K 30 16.01 21.38 -33.71
N GLY K 31 16.66 21.31 -32.55
CA GLY K 31 17.72 20.34 -32.33
C GLY K 31 18.94 20.54 -33.20
N ASN K 32 19.31 21.79 -33.47
CA ASN K 32 20.47 22.09 -34.30
C ASN K 32 20.99 23.50 -34.05
#